data_1O15
# 
_entry.id   1O15 
# 
_audit_conform.dict_name       mmcif_pdbx.dic 
_audit_conform.dict_version    5.383 
_audit_conform.dict_location   http://mmcif.pdb.org/dictionaries/ascii/mmcif_pdbx.dic 
# 
loop_
_database_2.database_id 
_database_2.database_code 
_database_2.pdbx_database_accession 
_database_2.pdbx_DOI 
PDB   1O15         pdb_00001o15 10.2210/pdb1o15/pdb 
RCSB  RCSB001672   ?            ?                   
WWPDB D_1000001672 ?            ?                   
# 
loop_
_pdbx_audit_revision_history.ordinal 
_pdbx_audit_revision_history.data_content_type 
_pdbx_audit_revision_history.major_revision 
_pdbx_audit_revision_history.minor_revision 
_pdbx_audit_revision_history.revision_date 
1 'Structure model' 1 0 2003-02-18 
2 'Structure model' 1 1 2008-04-26 
3 'Structure model' 1 2 2011-07-13 
4 'Structure model' 1 3 2022-02-23 
5 'Structure model' 1 4 2023-12-27 
# 
_pdbx_audit_revision_details.ordinal             1 
_pdbx_audit_revision_details.revision_ordinal    1 
_pdbx_audit_revision_details.data_content_type   'Structure model' 
_pdbx_audit_revision_details.provider            repository 
_pdbx_audit_revision_details.type                'Initial release' 
_pdbx_audit_revision_details.description         ? 
_pdbx_audit_revision_details.details             ? 
# 
loop_
_pdbx_audit_revision_group.ordinal 
_pdbx_audit_revision_group.revision_ordinal 
_pdbx_audit_revision_group.data_content_type 
_pdbx_audit_revision_group.group 
1 2 'Structure model' 'Version format compliance' 
2 3 'Structure model' 'Version format compliance' 
3 4 'Structure model' Advisory                    
4 4 'Structure model' 'Data collection'           
5 4 'Structure model' 'Database references'       
6 4 'Structure model' 'Derived calculations'      
7 5 'Structure model' 'Data collection'           
# 
loop_
_pdbx_audit_revision_category.ordinal 
_pdbx_audit_revision_category.revision_ordinal 
_pdbx_audit_revision_category.data_content_type 
_pdbx_audit_revision_category.category 
1 4 'Structure model' database_2            
2 4 'Structure model' pdbx_database_remark  
3 4 'Structure model' pdbx_nmr_software     
4 4 'Structure model' pdbx_struct_assembly  
5 4 'Structure model' pdbx_struct_oper_list 
6 4 'Structure model' struct_site           
7 5 'Structure model' chem_comp_atom        
8 5 'Structure model' chem_comp_bond        
# 
loop_
_pdbx_audit_revision_item.ordinal 
_pdbx_audit_revision_item.revision_ordinal 
_pdbx_audit_revision_item.data_content_type 
_pdbx_audit_revision_item.item 
1 4 'Structure model' '_database_2.pdbx_DOI'                
2 4 'Structure model' '_database_2.pdbx_database_accession' 
3 4 'Structure model' '_pdbx_database_remark.text'          
4 4 'Structure model' '_pdbx_nmr_software.name'             
5 4 'Structure model' '_struct_site.pdbx_auth_asym_id'      
6 4 'Structure model' '_struct_site.pdbx_auth_comp_id'      
7 4 'Structure model' '_struct_site.pdbx_auth_seq_id'       
# 
_pdbx_database_status.status_code                     REL 
_pdbx_database_status.entry_id                        1O15 
_pdbx_database_status.recvd_initial_deposition_date   2002-10-21 
_pdbx_database_status.deposit_site                    RCSB 
_pdbx_database_status.process_site                    RCSB 
_pdbx_database_status.SG_entry                        . 
_pdbx_database_status.pdb_format_compatible           Y 
_pdbx_database_status.status_code_mr                  ? 
_pdbx_database_status.status_code_sf                  ? 
_pdbx_database_status.status_code_cs                  ? 
_pdbx_database_status.status_code_nmr_data            ? 
_pdbx_database_status.methods_development_category    ? 
# 
loop_
_audit_author.name 
_audit_author.pdbx_ordinal 
'Clore, G.M.'   1 
'Kuszewski, J.' 2 
# 
loop_
_citation.id 
_citation.title 
_citation.journal_abbrev 
_citation.journal_volume 
_citation.page_first 
_citation.page_last 
_citation.year 
_citation.journal_id_ASTM 
_citation.country 
_citation.journal_id_ISSN 
_citation.journal_id_CSD 
_citation.book_publisher 
_citation.pdbx_database_id_PubMed 
_citation.pdbx_database_id_DOI 
primary 
;Improving the Accuracy of NMR Structures of RNA by Means of Conformational Database Potentials of Mean Force as Assessed by Complete Dipolar Coupling Cross-Validation
;
J.Am.Chem.Soc.   125 1518  1525  2003 JACSAT US 0002-7863 0004 ? 12568611 10.1021/ja028383j 
1       'Interlocking Structural Motifs Mediate Molecular Discrimination by a Theophylline-Binding RNA' Nat.Struct.Biol. 4   644   
649   1997 NSBIEW US 1072-8368 2024 ? ?        ?                 
2       
;Refinement of Local and Long Range Structural Order in Theophylline-Binding RNA Using Using 13C-1H Residual Dipolar Couplings and Restrained Molecular Dynamics.
;
J.Am.Chem.Soc.   123 12135 12146 2001 JACSAT US 0002-7863 0004 ? ?        10.1021/ja011646+ 
3       
;Improving the Accuracy of NMR Structures of DNA by Means of a Database Potential of Mean Force Describing Base-Base Positional Interactions.
;
J.Am.Chem.Soc.   123 3903  3918  2001 JACSAT US 0002-7863 0004 ? ?        10.1021/ja010033u 
# 
loop_
_citation_author.citation_id 
_citation_author.name 
_citation_author.ordinal 
_citation_author.identifier_ORCID 
primary 'Clore, G.M.'      1  ? 
primary 'Kuszewski, J.'    2  ? 
1       'Zimmermann, G.R.' 3  ? 
1       'Jenison, R.D.'    4  ? 
1       'Wick, C.L.'       5  ? 
1       'Simorre, J.P.'    6  ? 
1       'Pardi, A.'        7  ? 
2       'Sibille, N.'      8  ? 
2       'Pardi, A.'        9  ? 
2       'Simorre, J.P.'    10 ? 
2       'Blackledge, M.'   11 ? 
3       'Kuszewski, J.'    12 ? 
3       'Schwieters, C.'   13 ? 
3       'Clore, G.M.'      14 ? 
# 
loop_
_entity.id 
_entity.type 
_entity.src_method 
_entity.pdbx_description 
_entity.formula_weight 
_entity.pdbx_number_of_molecules 
_entity.pdbx_ec 
_entity.pdbx_mutation 
_entity.pdbx_fragment 
_entity.details 
1 polymer     syn 'THEOPHYLLINE-BINDING RNA' 10638.409 1 ? ? ? 
;CONSENSUS SEQUENCE OF THE THEOPHYLLINE BINDING RNA APTAMER FLANKED BY A FOUR BASE-PAIR STEM, A THREE BASE-PAIR STEM, AND CAPPED BY A GAAA TETRALOOP
;
2 non-polymer syn THEOPHYLLINE               180.164   1 ? ? ? ? 
# 
_entity_poly.entity_id                      1 
_entity_poly.type                           polyribonucleotide 
_entity_poly.nstd_linkage                   no 
_entity_poly.nstd_monomer                   no 
_entity_poly.pdbx_seq_one_letter_code       GGCGAUACCAGCCGAAAGGCCCUUGGCAGCGUC 
_entity_poly.pdbx_seq_one_letter_code_can   GGCGAUACCAGCCGAAAGGCCCUUGGCAGCGUC 
_entity_poly.pdbx_strand_id                 A 
_entity_poly.pdbx_target_identifier         ? 
# 
_pdbx_entity_nonpoly.entity_id   2 
_pdbx_entity_nonpoly.name        THEOPHYLLINE 
_pdbx_entity_nonpoly.comp_id     TEP 
# 
loop_
_entity_poly_seq.entity_id 
_entity_poly_seq.num 
_entity_poly_seq.mon_id 
_entity_poly_seq.hetero 
1 1  G n 
1 2  G n 
1 3  C n 
1 4  G n 
1 5  A n 
1 6  U n 
1 7  A n 
1 8  C n 
1 9  C n 
1 10 A n 
1 11 G n 
1 12 C n 
1 13 C n 
1 14 G n 
1 15 A n 
1 16 A n 
1 17 A n 
1 18 G n 
1 19 G n 
1 20 C n 
1 21 C n 
1 22 C n 
1 23 U n 
1 24 U n 
1 25 G n 
1 26 G n 
1 27 C n 
1 28 A n 
1 29 G n 
1 30 C n 
1 31 G n 
1 32 U n 
1 33 C n 
# 
loop_
_chem_comp.id 
_chem_comp.type 
_chem_comp.mon_nstd_flag 
_chem_comp.name 
_chem_comp.pdbx_synonyms 
_chem_comp.formula 
_chem_comp.formula_weight 
A   'RNA linking' y "ADENOSINE-5'-MONOPHOSPHATE" ? 'C10 H14 N5 O7 P' 347.221 
C   'RNA linking' y "CYTIDINE-5'-MONOPHOSPHATE"  ? 'C9 H14 N3 O8 P'  323.197 
G   'RNA linking' y "GUANOSINE-5'-MONOPHOSPHATE" ? 'C10 H14 N5 O8 P' 363.221 
TEP non-polymer   . THEOPHYLLINE                 ? 'C7 H8 N4 O2'     180.164 
U   'RNA linking' y "URIDINE-5'-MONOPHOSPHATE"   ? 'C9 H13 N2 O9 P'  324.181 
# 
loop_
_pdbx_poly_seq_scheme.asym_id 
_pdbx_poly_seq_scheme.entity_id 
_pdbx_poly_seq_scheme.seq_id 
_pdbx_poly_seq_scheme.mon_id 
_pdbx_poly_seq_scheme.ndb_seq_num 
_pdbx_poly_seq_scheme.pdb_seq_num 
_pdbx_poly_seq_scheme.auth_seq_num 
_pdbx_poly_seq_scheme.pdb_mon_id 
_pdbx_poly_seq_scheme.auth_mon_id 
_pdbx_poly_seq_scheme.pdb_strand_id 
_pdbx_poly_seq_scheme.pdb_ins_code 
_pdbx_poly_seq_scheme.hetero 
A 1 1  G 1  1  1  G GUA A . n 
A 1 2  G 2  2  2  G GUA A . n 
A 1 3  C 3  3  3  C CYT A . n 
A 1 4  G 4  4  4  G GUA A . n 
A 1 5  A 5  5  5  A ADE A . n 
A 1 6  U 6  6  6  U URI A . n 
A 1 7  A 7  7  7  A ADE A . n 
A 1 8  C 8  8  8  C CYT A . n 
A 1 9  C 9  9  9  C CYT A . n 
A 1 10 A 10 10 10 A ADE A . n 
A 1 11 G 11 11 11 G GUA A . n 
A 1 12 C 12 12 12 C CYT A . n 
A 1 13 C 13 13 13 C CYT A . n 
A 1 14 G 14 14 14 G GUA A . n 
A 1 15 A 15 15 15 A ADE A . n 
A 1 16 A 16 16 16 A ADE A . n 
A 1 17 A 17 17 17 A ADE A . n 
A 1 18 G 18 18 18 G GUA A . n 
A 1 19 G 19 19 19 G GUA A . n 
A 1 20 C 20 20 20 C CYT A . n 
A 1 21 C 21 21 21 C CYT A . n 
A 1 22 C 22 22 22 C CYT A . n 
A 1 23 U 23 23 23 U URI A . n 
A 1 24 U 24 24 24 U URI A . n 
A 1 25 G 25 25 25 G GUA A . n 
A 1 26 G 26 26 26 G GUA A . n 
A 1 27 C 27 27 27 C CYT A . n 
A 1 28 A 28 28 28 A ADE A . n 
A 1 29 G 29 29 29 G GUA A . n 
A 1 30 C 30 30 30 C CYT A . n 
A 1 31 G 31 31 31 G GUA A . n 
A 1 32 U 32 32 32 U URI A . n 
A 1 33 C 33 33 33 C CYT A . n 
# 
_pdbx_nonpoly_scheme.asym_id         B 
_pdbx_nonpoly_scheme.entity_id       2 
_pdbx_nonpoly_scheme.mon_id          TEP 
_pdbx_nonpoly_scheme.ndb_seq_num     1 
_pdbx_nonpoly_scheme.pdb_seq_num     34 
_pdbx_nonpoly_scheme.auth_seq_num    34 
_pdbx_nonpoly_scheme.pdb_mon_id      TEP 
_pdbx_nonpoly_scheme.auth_mon_id     THE 
_pdbx_nonpoly_scheme.pdb_strand_id   A 
_pdbx_nonpoly_scheme.pdb_ins_code    . 
# 
_cell.entry_id           1O15 
_cell.length_a           1.000 
_cell.length_b           1.000 
_cell.length_c           1.000 
_cell.angle_alpha        90.00 
_cell.angle_beta         90.00 
_cell.angle_gamma        90.00 
_cell.Z_PDB              1 
_cell.pdbx_unique_axis   ? 
# 
_symmetry.entry_id                         1O15 
_symmetry.space_group_name_H-M             'P 1' 
_symmetry.pdbx_full_space_group_name_H-M   ? 
_symmetry.cell_setting                     ? 
_symmetry.Int_Tables_number                1 
# 
_exptl.entry_id          1O15 
_exptl.method            'SOLUTION NMR' 
_exptl.crystals_number   ? 
# 
_exptl_crystal.id                    1 
_exptl_crystal.density_meas          ? 
_exptl_crystal.density_percent_sol   ? 
_exptl_crystal.density_Matthews      ? 
_exptl_crystal.description           ? 
# 
_diffrn.id                     1 
_diffrn.ambient_temp           ? 
_diffrn.ambient_temp_details   ? 
_diffrn.crystal_id             1 
# 
_diffrn_radiation.diffrn_id                        1 
_diffrn_radiation.wavelength_id                    1 
_diffrn_radiation.monochromator                    ? 
_diffrn_radiation.pdbx_monochromatic_or_laue_m_l   M 
_diffrn_radiation.pdbx_diffrn_protocol             'SINGLE WAVELENGTH' 
_diffrn_radiation.pdbx_scattering_type             ? 
# 
_diffrn_radiation_wavelength.id           1 
_diffrn_radiation_wavelength.wavelength   . 
_diffrn_radiation_wavelength.wt           1.0 
# 
_struct.entry_id                  1O15 
_struct.title                     
;THEOPHYLLINE-BINDING RNA IN COMPLEX WITH THEOPHYLLINE, NMR, REGULARIZED MEAN STRUCTURE, REFINEMENT WITH TORSION ANGLE AND BASE-BASE POSITIONAL DATABASE POTENTIALS AND DIPOLAR COUPLINGS
;
_struct.pdbx_model_details        ? 
_struct.pdbx_CASP_flag            ? 
_struct.pdbx_model_type_details   ? 
# 
_struct_keywords.entry_id        1O15 
_struct_keywords.pdbx_keywords   RNA 
_struct_keywords.text            'RIBONUCLEIC ACID, RNA' 
# 
loop_
_struct_asym.id 
_struct_asym.pdbx_blank_PDB_chainid_flag 
_struct_asym.pdbx_modified 
_struct_asym.entity_id 
_struct_asym.details 
A N N 1 ? 
B N N 2 ? 
# 
_struct_ref.id                         1 
_struct_ref.entity_id                  1 
_struct_ref.db_name                    PDB 
_struct_ref.db_code                    1O15 
_struct_ref.pdbx_db_accession          1O15 
_struct_ref.pdbx_db_isoform            ? 
_struct_ref.pdbx_seq_one_letter_code   ? 
_struct_ref.pdbx_align_begin           ? 
# 
_struct_ref_seq.align_id                      1 
_struct_ref_seq.ref_id                        1 
_struct_ref_seq.pdbx_PDB_id_code              1O15 
_struct_ref_seq.pdbx_strand_id                A 
_struct_ref_seq.seq_align_beg                 1 
_struct_ref_seq.pdbx_seq_align_beg_ins_code   ? 
_struct_ref_seq.seq_align_end                 33 
_struct_ref_seq.pdbx_seq_align_end_ins_code   ? 
_struct_ref_seq.pdbx_db_accession             1O15 
_struct_ref_seq.db_align_beg                  1 
_struct_ref_seq.pdbx_db_align_beg_ins_code    ? 
_struct_ref_seq.db_align_end                  33 
_struct_ref_seq.pdbx_db_align_end_ins_code    ? 
_struct_ref_seq.pdbx_auth_seq_align_beg       1 
_struct_ref_seq.pdbx_auth_seq_align_end       33 
# 
_pdbx_struct_assembly.id                   1 
_pdbx_struct_assembly.details              author_defined_assembly 
_pdbx_struct_assembly.method_details       ? 
_pdbx_struct_assembly.oligomeric_details   monomeric 
_pdbx_struct_assembly.oligomeric_count     1 
# 
_pdbx_struct_assembly_gen.assembly_id       1 
_pdbx_struct_assembly_gen.oper_expression   1 
_pdbx_struct_assembly_gen.asym_id_list      A,B 
# 
_pdbx_struct_oper_list.id                   1 
_pdbx_struct_oper_list.type                 'identity operation' 
_pdbx_struct_oper_list.name                 1_555 
_pdbx_struct_oper_list.symmetry_operation   x,y,z 
_pdbx_struct_oper_list.matrix[1][1]         1.0000000000 
_pdbx_struct_oper_list.matrix[1][2]         0.0000000000 
_pdbx_struct_oper_list.matrix[1][3]         0.0000000000 
_pdbx_struct_oper_list.vector[1]            0.0000000000 
_pdbx_struct_oper_list.matrix[2][1]         0.0000000000 
_pdbx_struct_oper_list.matrix[2][2]         1.0000000000 
_pdbx_struct_oper_list.matrix[2][3]         0.0000000000 
_pdbx_struct_oper_list.vector[2]            0.0000000000 
_pdbx_struct_oper_list.matrix[3][1]         0.0000000000 
_pdbx_struct_oper_list.matrix[3][2]         0.0000000000 
_pdbx_struct_oper_list.matrix[3][3]         1.0000000000 
_pdbx_struct_oper_list.vector[3]            0.0000000000 
# 
_struct_biol.id   1 
# 
loop_
_struct_conn.id 
_struct_conn.conn_type_id 
_struct_conn.pdbx_leaving_atom_flag 
_struct_conn.pdbx_PDB_id 
_struct_conn.ptnr1_label_asym_id 
_struct_conn.ptnr1_label_comp_id 
_struct_conn.ptnr1_label_seq_id 
_struct_conn.ptnr1_label_atom_id 
_struct_conn.pdbx_ptnr1_label_alt_id 
_struct_conn.pdbx_ptnr1_PDB_ins_code 
_struct_conn.pdbx_ptnr1_standard_comp_id 
_struct_conn.ptnr1_symmetry 
_struct_conn.ptnr2_label_asym_id 
_struct_conn.ptnr2_label_comp_id 
_struct_conn.ptnr2_label_seq_id 
_struct_conn.ptnr2_label_atom_id 
_struct_conn.pdbx_ptnr2_label_alt_id 
_struct_conn.pdbx_ptnr2_PDB_ins_code 
_struct_conn.ptnr1_auth_asym_id 
_struct_conn.ptnr1_auth_comp_id 
_struct_conn.ptnr1_auth_seq_id 
_struct_conn.ptnr2_auth_asym_id 
_struct_conn.ptnr2_auth_comp_id 
_struct_conn.ptnr2_auth_seq_id 
_struct_conn.ptnr2_symmetry 
_struct_conn.pdbx_ptnr3_label_atom_id 
_struct_conn.pdbx_ptnr3_label_seq_id 
_struct_conn.pdbx_ptnr3_label_comp_id 
_struct_conn.pdbx_ptnr3_label_asym_id 
_struct_conn.pdbx_ptnr3_label_alt_id 
_struct_conn.pdbx_ptnr3_PDB_ins_code 
_struct_conn.details 
_struct_conn.pdbx_dist_value 
_struct_conn.pdbx_value_order 
_struct_conn.pdbx_role 
hydrog1  hydrog ? ? A G 1  N1 ? ? ? 1_555 A C 33 N3 ? ? A G 1  A C 33 1_555 ? ? ? ? ? ? WATSON-CRICK  ? ? ? 
hydrog2  hydrog ? ? A G 1  N2 ? ? ? 1_555 A C 33 O2 ? ? A G 1  A C 33 1_555 ? ? ? ? ? ? WATSON-CRICK  ? ? ? 
hydrog3  hydrog ? ? A G 1  O6 ? ? ? 1_555 A C 33 N4 ? ? A G 1  A C 33 1_555 ? ? ? ? ? ? WATSON-CRICK  ? ? ? 
hydrog4  hydrog ? ? A G 2  N1 ? ? ? 1_555 A U 32 O2 ? ? A G 2  A U 32 1_555 ? ? ? ? ? ? TYPE_28_PAIR  ? ? ? 
hydrog5  hydrog ? ? A G 2  O6 ? ? ? 1_555 A U 32 N3 ? ? A G 2  A U 32 1_555 ? ? ? ? ? ? TYPE_28_PAIR  ? ? ? 
hydrog6  hydrog ? ? A C 3  N3 ? ? ? 1_555 A G 31 N1 ? ? A C 3  A G 31 1_555 ? ? ? ? ? ? WATSON-CRICK  ? ? ? 
hydrog7  hydrog ? ? A C 3  N4 ? ? ? 1_555 A G 31 O6 ? ? A C 3  A G 31 1_555 ? ? ? ? ? ? WATSON-CRICK  ? ? ? 
hydrog8  hydrog ? ? A C 3  O2 ? ? ? 1_555 A G 31 N2 ? ? A C 3  A G 31 1_555 ? ? ? ? ? ? WATSON-CRICK  ? ? ? 
hydrog9  hydrog ? ? A G 4  N1 ? ? ? 1_555 A C 30 N3 ? ? A G 4  A C 30 1_555 ? ? ? ? ? ? WATSON-CRICK  ? ? ? 
hydrog10 hydrog ? ? A G 4  N2 ? ? ? 1_555 A C 30 O2 ? ? A G 4  A C 30 1_555 ? ? ? ? ? ? WATSON-CRICK  ? ? ? 
hydrog11 hydrog ? ? A G 4  O6 ? ? ? 1_555 A C 30 N4 ? ? A G 4  A C 30 1_555 ? ? ? ? ? ? WATSON-CRICK  ? ? ? 
hydrog12 hydrog ? ? A A 5  N1 ? ? ? 1_555 A G 29 N1 ? ? A A 5  A G 29 1_555 ? ? ? ? ? ? TYPE_8_PAIR   ? ? ? 
hydrog13 hydrog ? ? A A 5  N6 ? ? ? 1_555 A G 29 O6 ? ? A A 5  A G 29 1_555 ? ? ? ? ? ? TYPE_8_PAIR   ? ? ? 
hydrog14 hydrog ? ? A U 6  N3 ? ? ? 1_555 A U 23 O4 ? ? A U 6  A U 23 1_555 ? ? ? ? ? ? 'U-U MISPAIR' ? ? ? 
hydrog15 hydrog ? ? A U 6  O2 ? ? ? 1_555 A A 28 N6 ? ? A U 6  A A 28 1_555 ? ? ? ? ? ? 'U-A PAIR'    ? ? ? 
hydrog16 hydrog ? ? A A 7  N3 ? ? ? 1_555 A C 8  N4 ? ? A A 7  A C 8  1_555 ? ? ? ? ? ? 'A-C MISPAIR' ? ? ? 
hydrog17 hydrog ? ? A C 8  N3 ? ? ? 1_555 A G 26 N1 ? ? A C 8  A G 26 1_555 ? ? ? ? ? ? WATSON-CRICK  ? ? ? 
hydrog18 hydrog ? ? A C 8  N4 ? ? ? 1_555 A G 26 O6 ? ? A C 8  A G 26 1_555 ? ? ? ? ? ? WATSON-CRICK  ? ? ? 
hydrog19 hydrog ? ? A C 8  O2 ? ? ? 1_555 A G 26 N2 ? ? A C 8  A G 26 1_555 ? ? ? ? ? ? WATSON-CRICK  ? ? ? 
hydrog20 hydrog ? ? A C 9  N3 ? ? ? 1_555 A G 25 N1 ? ? A C 9  A G 25 1_555 ? ? ? ? ? ? WATSON-CRICK  ? ? ? 
hydrog21 hydrog ? ? A C 9  N4 ? ? ? 1_555 A G 25 O6 ? ? A C 9  A G 25 1_555 ? ? ? ? ? ? WATSON-CRICK  ? ? ? 
hydrog22 hydrog ? ? A C 9  O2 ? ? ? 1_555 A G 25 N2 ? ? A C 9  A G 25 1_555 ? ? ? ? ? ? WATSON-CRICK  ? ? ? 
hydrog23 hydrog ? ? A G 11 N1 ? ? ? 1_555 A C 20 N3 ? ? A G 11 A C 20 1_555 ? ? ? ? ? ? WATSON-CRICK  ? ? ? 
hydrog24 hydrog ? ? A G 11 N2 ? ? ? 1_555 A C 20 O2 ? ? A G 11 A C 20 1_555 ? ? ? ? ? ? WATSON-CRICK  ? ? ? 
hydrog25 hydrog ? ? A G 11 O6 ? ? ? 1_555 A C 20 N4 ? ? A G 11 A C 20 1_555 ? ? ? ? ? ? WATSON-CRICK  ? ? ? 
hydrog26 hydrog ? ? A C 12 N3 ? ? ? 1_555 A G 19 N1 ? ? A C 12 A G 19 1_555 ? ? ? ? ? ? WATSON-CRICK  ? ? ? 
hydrog27 hydrog ? ? A C 12 N4 ? ? ? 1_555 A G 19 O6 ? ? A C 12 A G 19 1_555 ? ? ? ? ? ? WATSON-CRICK  ? ? ? 
hydrog28 hydrog ? ? A C 12 O2 ? ? ? 1_555 A G 19 N2 ? ? A C 12 A G 19 1_555 ? ? ? ? ? ? WATSON-CRICK  ? ? ? 
hydrog29 hydrog ? ? A C 13 N3 ? ? ? 1_555 A G 18 N1 ? ? A C 13 A G 18 1_555 ? ? ? ? ? ? WATSON-CRICK  ? ? ? 
hydrog30 hydrog ? ? A C 13 N4 ? ? ? 1_555 A G 18 O6 ? ? A C 13 A G 18 1_555 ? ? ? ? ? ? WATSON-CRICK  ? ? ? 
hydrog31 hydrog ? ? A C 13 O2 ? ? ? 1_555 A G 18 N2 ? ? A C 13 A G 18 1_555 ? ? ? ? ? ? WATSON-CRICK  ? ? ? 
hydrog32 hydrog ? ? A G 14 N2 ? ? ? 1_555 A A 17 N7 ? ? A G 14 A A 17 1_555 ? ? ? ? ? ? 'G-A MISPAIR' ? ? ? 
hydrog33 hydrog ? ? A U 23 N3 ? ? ? 1_555 A A 28 N7 ? ? A U 23 A A 28 1_555 ? ? ? ? ? ? HOOGSTEEN     ? ? ? 
hydrog34 hydrog ? ? A U 23 O4 ? ? ? 1_555 A A 28 N6 ? ? A U 23 A A 28 1_555 ? ? ? ? ? ? HOOGSTEEN     ? ? ? 
# 
_struct_conn_type.id          hydrog 
_struct_conn_type.criteria    ? 
_struct_conn_type.reference   ? 
# 
loop_
_struct_site.id 
_struct_site.pdbx_evidence_code 
_struct_site.pdbx_auth_asym_id 
_struct_site.pdbx_auth_comp_id 
_struct_site.pdbx_auth_seq_id 
_struct_site.pdbx_auth_ins_code 
_struct_site.pdbx_num_residues 
_struct_site.details 
AC1 Software A TEP 34 ? 3 'BINDING SITE FOR RESIDUE TEP A 34' 
1   ?        ? ?   ?  ? ? ?                                   
# 
loop_
_struct_site_gen.id 
_struct_site_gen.site_id 
_struct_site_gen.pdbx_num_res 
_struct_site_gen.label_comp_id 
_struct_site_gen.label_asym_id 
_struct_site_gen.label_seq_id 
_struct_site_gen.pdbx_auth_ins_code 
_struct_site_gen.auth_comp_id 
_struct_site_gen.auth_asym_id 
_struct_site_gen.auth_seq_id 
_struct_site_gen.label_atom_id 
_struct_site_gen.label_alt_id 
_struct_site_gen.symmetry 
_struct_site_gen.details 
1 AC1 3 A A 7  ? A A 7  . ? 1_555 ? 
2 AC1 3 C A 22 ? C A 22 . ? 1_555 ? 
3 AC1 3 U A 24 ? U A 24 . ? 1_555 ? 
# 
_pdbx_validate_rmsd_angle.id                         1 
_pdbx_validate_rmsd_angle.PDB_model_num              1 
_pdbx_validate_rmsd_angle.auth_atom_id_1             C6 
_pdbx_validate_rmsd_angle.auth_asym_id_1             A 
_pdbx_validate_rmsd_angle.auth_comp_id_1             C 
_pdbx_validate_rmsd_angle.auth_seq_id_1              27 
_pdbx_validate_rmsd_angle.PDB_ins_code_1             ? 
_pdbx_validate_rmsd_angle.label_alt_id_1             ? 
_pdbx_validate_rmsd_angle.auth_atom_id_2             N1 
_pdbx_validate_rmsd_angle.auth_asym_id_2             A 
_pdbx_validate_rmsd_angle.auth_comp_id_2             C 
_pdbx_validate_rmsd_angle.auth_seq_id_2              27 
_pdbx_validate_rmsd_angle.PDB_ins_code_2             ? 
_pdbx_validate_rmsd_angle.label_alt_id_2             ? 
_pdbx_validate_rmsd_angle.auth_atom_id_3             C2 
_pdbx_validate_rmsd_angle.auth_asym_id_3             A 
_pdbx_validate_rmsd_angle.auth_comp_id_3             C 
_pdbx_validate_rmsd_angle.auth_seq_id_3              27 
_pdbx_validate_rmsd_angle.PDB_ins_code_3             ? 
_pdbx_validate_rmsd_angle.label_alt_id_3             ? 
_pdbx_validate_rmsd_angle.angle_value                124.41 
_pdbx_validate_rmsd_angle.angle_target_value         120.30 
_pdbx_validate_rmsd_angle.angle_deviation            4.11 
_pdbx_validate_rmsd_angle.angle_standard_deviation   0.40 
_pdbx_validate_rmsd_angle.linker_flag                N 
# 
_struct_site_keywords.site_id   1 
_struct_site_keywords.text      INTERCALATION 
# 
_pdbx_database_remark.id     8 
_pdbx_database_remark.text   
;
THE RESTRAINTS USED FOR DETERMINATION OF THIS STRUCTURE
ARE SUMMARIZED AS FOLLOWS:

    DISTANCE RESTRAINTS
             30 INTRARESIDUE NOES
             86 SEQUENTIAL NOES
             17 MEDIUM RANGE (1 < |i-j|<5) NOES
             90 LONG RANGE (|i-j|>=5) NOES
             52 DISTANCES FOR 8 W-C BASE PAIRS and 1 G-U 
                WOBBLE PAIR
                 TOTAL:  223

    LOOSE TORSION ANGLE RESTRAINTS
             31 DELTA
             33 CHI
             9 ALPHA, 9 BETA, 10 GAMMA, 9 EPSILON
             AND 9 ZETA
                 TOTAL: 110.

    13C-1H DIPOLAR COUPLINGS
             55 SUGAR
             46 BASE
                TOTAL 101
;
# 
_pdbx_nmr_ensemble.entry_id                                      1O15 
_pdbx_nmr_ensemble.conformers_calculated_total_number            250 
_pdbx_nmr_ensemble.conformers_submitted_total_number             1 
_pdbx_nmr_ensemble.conformer_selection_criteria                  'RESTRAINED REGULARIZED MEAN STRUCTURE' 
_pdbx_nmr_ensemble.average_constraints_per_residue               ? 
_pdbx_nmr_ensemble.average_constraint_violations_per_residue     ? 
_pdbx_nmr_ensemble.maximum_distance_constraint_violation         ? 
_pdbx_nmr_ensemble.average_distance_constraint_violation         ? 
_pdbx_nmr_ensemble.maximum_upper_distance_constraint_violation   ? 
_pdbx_nmr_ensemble.maximum_lower_distance_constraint_violation   ? 
_pdbx_nmr_ensemble.distance_constraint_violation_method          ? 
_pdbx_nmr_ensemble.maximum_torsion_angle_constraint_violation    ? 
_pdbx_nmr_ensemble.average_torsion_angle_constraint_violation    ? 
_pdbx_nmr_ensemble.torsion_angle_constraint_violation_method     ? 
# 
_pdbx_nmr_details.entry_id   1O15 
_pdbx_nmr_details.text       
;THE DIPOLAR COUPLINGS WERE DIVIDED INTO 10 PAIRS
OF WORKING AND TEST DATA SETS CHOSEN AT RANDOM AND
PARTITIONED IN A RATIO OF 70% (WORKING) AND
30% (TEST). 25 SIMULATED ANNEALING STRUCTURES
WERE CALCULATED FOR EACH PAIR, RESULTING IN A TOTAL
OF 250 STRUCTURES.  THE STRUCTURE REPORTED HERE IS
OBTAINED BY RESTRAINED REGULARIZED OF THE MEAN
COORDINATES OF THE ENSEMBLE OF 250 INDIVIDUAL
SIMULATED ANNEALING STRUCTURES CALCULATED WITH
COMPLETE DIPOLAR COUPLING CROSS-VALIDATION.
FOR THE ENSEMBLE OF 250 STRUCTURES THE WORKING
DIPOLAR COUPLING R-FACTOR IS 8.6+/-0.5% AND
THE FREE DIPOLAR COUPLING R-FACTOR IS 26.8+/-2.8%.
;
# 
_pdbx_nmr_refine.entry_id           1O15 
_pdbx_nmr_refine.method             ? 
_pdbx_nmr_refine.details            
;THE STRUCTURE IS BASED ON A TOTAL OF 223 NOE, 52 DISTANCES FOR WATSON-CRICK HYDROGEN BONDS, AND 110 TORSION ANGLE RESTRAINTS, 101 CH DIPOLAR COUPLING RESTRAINTS. THE EXPERIMENTAL RESTRAINTS ARE ESSENTIALLY THE SAME AS THOSE LISTED IN N.SIBILLE,A.PARDI,J.P.SIMORRE,M.BLACKLEDGE J.AM.CHEM.SOC. V 123, 12135 2001. THE NON-BONDED CONTACTS ARE REPRESENTED BY A QUARTIC VAN DER WAALS REPULSION TERM, A BASE-BASE POSITIONING DATABASE POTENTIAL OF MEAN FORCE, AND A TORSION ANGLE DATABASE POTENTIAL OF MEAN FORCE.
;
_pdbx_nmr_refine.software_ordinal   1 
# 
_pdbx_nmr_software.classification   refinement 
_pdbx_nmr_software.name             'X-PLOR NIH' 
_pdbx_nmr_software.version          '(HTTP://NMR.CIT.NIH.GOV/XPLOR_NIH)' 
_pdbx_nmr_software.authors          'CLORE, KUSZEWSKI, SCHWIETERS, TJANDRA' 
_pdbx_nmr_software.ordinal          1 
# 
loop_
_chem_comp_atom.comp_id 
_chem_comp_atom.atom_id 
_chem_comp_atom.type_symbol 
_chem_comp_atom.pdbx_aromatic_flag 
_chem_comp_atom.pdbx_stereo_config 
_chem_comp_atom.pdbx_ordinal 
A   OP3    O N N 1   
A   P      P N N 2   
A   OP1    O N N 3   
A   OP2    O N N 4   
A   "O5'"  O N N 5   
A   "C5'"  C N N 6   
A   "C4'"  C N R 7   
A   "O4'"  O N N 8   
A   "C3'"  C N S 9   
A   "O3'"  O N N 10  
A   "C2'"  C N R 11  
A   "O2'"  O N N 12  
A   "C1'"  C N R 13  
A   N9     N Y N 14  
A   C8     C Y N 15  
A   N7     N Y N 16  
A   C5     C Y N 17  
A   C6     C Y N 18  
A   N6     N N N 19  
A   N1     N Y N 20  
A   C2     C Y N 21  
A   N3     N Y N 22  
A   C4     C Y N 23  
A   HOP3   H N N 24  
A   HOP2   H N N 25  
A   "H5'"  H N N 26  
A   "H5''" H N N 27  
A   "H4'"  H N N 28  
A   "H3'"  H N N 29  
A   "HO3'" H N N 30  
A   "H2'"  H N N 31  
A   "HO2'" H N N 32  
A   "H1'"  H N N 33  
A   H8     H N N 34  
A   H61    H N N 35  
A   H62    H N N 36  
A   H2     H N N 37  
C   OP3    O N N 38  
C   P      P N N 39  
C   OP1    O N N 40  
C   OP2    O N N 41  
C   "O5'"  O N N 42  
C   "C5'"  C N N 43  
C   "C4'"  C N R 44  
C   "O4'"  O N N 45  
C   "C3'"  C N S 46  
C   "O3'"  O N N 47  
C   "C2'"  C N R 48  
C   "O2'"  O N N 49  
C   "C1'"  C N R 50  
C   N1     N N N 51  
C   C2     C N N 52  
C   O2     O N N 53  
C   N3     N N N 54  
C   C4     C N N 55  
C   N4     N N N 56  
C   C5     C N N 57  
C   C6     C N N 58  
C   HOP3   H N N 59  
C   HOP2   H N N 60  
C   "H5'"  H N N 61  
C   "H5''" H N N 62  
C   "H4'"  H N N 63  
C   "H3'"  H N N 64  
C   "HO3'" H N N 65  
C   "H2'"  H N N 66  
C   "HO2'" H N N 67  
C   "H1'"  H N N 68  
C   H41    H N N 69  
C   H42    H N N 70  
C   H5     H N N 71  
C   H6     H N N 72  
G   OP3    O N N 73  
G   P      P N N 74  
G   OP1    O N N 75  
G   OP2    O N N 76  
G   "O5'"  O N N 77  
G   "C5'"  C N N 78  
G   "C4'"  C N R 79  
G   "O4'"  O N N 80  
G   "C3'"  C N S 81  
G   "O3'"  O N N 82  
G   "C2'"  C N R 83  
G   "O2'"  O N N 84  
G   "C1'"  C N R 85  
G   N9     N Y N 86  
G   C8     C Y N 87  
G   N7     N Y N 88  
G   C5     C Y N 89  
G   C6     C N N 90  
G   O6     O N N 91  
G   N1     N N N 92  
G   C2     C N N 93  
G   N2     N N N 94  
G   N3     N N N 95  
G   C4     C Y N 96  
G   HOP3   H N N 97  
G   HOP2   H N N 98  
G   "H5'"  H N N 99  
G   "H5''" H N N 100 
G   "H4'"  H N N 101 
G   "H3'"  H N N 102 
G   "HO3'" H N N 103 
G   "H2'"  H N N 104 
G   "HO2'" H N N 105 
G   "H1'"  H N N 106 
G   H8     H N N 107 
G   H1     H N N 108 
G   H21    H N N 109 
G   H22    H N N 110 
TEP C1     C N N 111 
TEP N1     N Y N 112 
TEP C2     C Y N 113 
TEP O2     O N N 114 
TEP N3     N Y N 115 
TEP C3     C N N 116 
TEP C4     C Y N 117 
TEP C5     C Y N 118 
TEP C6     C Y N 119 
TEP O6     O N N 120 
TEP N7     N Y N 121 
TEP C8     C Y N 122 
TEP N9     N Y N 123 
TEP H11    H N N 124 
TEP H12    H N N 125 
TEP H13    H N N 126 
TEP H31    H N N 127 
TEP H32    H N N 128 
TEP H33    H N N 129 
TEP HN7    H N N 130 
TEP H8     H N N 131 
U   OP3    O N N 132 
U   P      P N N 133 
U   OP1    O N N 134 
U   OP2    O N N 135 
U   "O5'"  O N N 136 
U   "C5'"  C N N 137 
U   "C4'"  C N R 138 
U   "O4'"  O N N 139 
U   "C3'"  C N S 140 
U   "O3'"  O N N 141 
U   "C2'"  C N R 142 
U   "O2'"  O N N 143 
U   "C1'"  C N R 144 
U   N1     N N N 145 
U   C2     C N N 146 
U   O2     O N N 147 
U   N3     N N N 148 
U   C4     C N N 149 
U   O4     O N N 150 
U   C5     C N N 151 
U   C6     C N N 152 
U   HOP3   H N N 153 
U   HOP2   H N N 154 
U   "H5'"  H N N 155 
U   "H5''" H N N 156 
U   "H4'"  H N N 157 
U   "H3'"  H N N 158 
U   "HO3'" H N N 159 
U   "H2'"  H N N 160 
U   "HO2'" H N N 161 
U   "H1'"  H N N 162 
U   H3     H N N 163 
U   H5     H N N 164 
U   H6     H N N 165 
# 
loop_
_chem_comp_bond.comp_id 
_chem_comp_bond.atom_id_1 
_chem_comp_bond.atom_id_2 
_chem_comp_bond.value_order 
_chem_comp_bond.pdbx_aromatic_flag 
_chem_comp_bond.pdbx_stereo_config 
_chem_comp_bond.pdbx_ordinal 
A   OP3   P      sing N N 1   
A   OP3   HOP3   sing N N 2   
A   P     OP1    doub N N 3   
A   P     OP2    sing N N 4   
A   P     "O5'"  sing N N 5   
A   OP2   HOP2   sing N N 6   
A   "O5'" "C5'"  sing N N 7   
A   "C5'" "C4'"  sing N N 8   
A   "C5'" "H5'"  sing N N 9   
A   "C5'" "H5''" sing N N 10  
A   "C4'" "O4'"  sing N N 11  
A   "C4'" "C3'"  sing N N 12  
A   "C4'" "H4'"  sing N N 13  
A   "O4'" "C1'"  sing N N 14  
A   "C3'" "O3'"  sing N N 15  
A   "C3'" "C2'"  sing N N 16  
A   "C3'" "H3'"  sing N N 17  
A   "O3'" "HO3'" sing N N 18  
A   "C2'" "O2'"  sing N N 19  
A   "C2'" "C1'"  sing N N 20  
A   "C2'" "H2'"  sing N N 21  
A   "O2'" "HO2'" sing N N 22  
A   "C1'" N9     sing N N 23  
A   "C1'" "H1'"  sing N N 24  
A   N9    C8     sing Y N 25  
A   N9    C4     sing Y N 26  
A   C8    N7     doub Y N 27  
A   C8    H8     sing N N 28  
A   N7    C5     sing Y N 29  
A   C5    C6     sing Y N 30  
A   C5    C4     doub Y N 31  
A   C6    N6     sing N N 32  
A   C6    N1     doub Y N 33  
A   N6    H61    sing N N 34  
A   N6    H62    sing N N 35  
A   N1    C2     sing Y N 36  
A   C2    N3     doub Y N 37  
A   C2    H2     sing N N 38  
A   N3    C4     sing Y N 39  
C   OP3   P      sing N N 40  
C   OP3   HOP3   sing N N 41  
C   P     OP1    doub N N 42  
C   P     OP2    sing N N 43  
C   P     "O5'"  sing N N 44  
C   OP2   HOP2   sing N N 45  
C   "O5'" "C5'"  sing N N 46  
C   "C5'" "C4'"  sing N N 47  
C   "C5'" "H5'"  sing N N 48  
C   "C5'" "H5''" sing N N 49  
C   "C4'" "O4'"  sing N N 50  
C   "C4'" "C3'"  sing N N 51  
C   "C4'" "H4'"  sing N N 52  
C   "O4'" "C1'"  sing N N 53  
C   "C3'" "O3'"  sing N N 54  
C   "C3'" "C2'"  sing N N 55  
C   "C3'" "H3'"  sing N N 56  
C   "O3'" "HO3'" sing N N 57  
C   "C2'" "O2'"  sing N N 58  
C   "C2'" "C1'"  sing N N 59  
C   "C2'" "H2'"  sing N N 60  
C   "O2'" "HO2'" sing N N 61  
C   "C1'" N1     sing N N 62  
C   "C1'" "H1'"  sing N N 63  
C   N1    C2     sing N N 64  
C   N1    C6     sing N N 65  
C   C2    O2     doub N N 66  
C   C2    N3     sing N N 67  
C   N3    C4     doub N N 68  
C   C4    N4     sing N N 69  
C   C4    C5     sing N N 70  
C   N4    H41    sing N N 71  
C   N4    H42    sing N N 72  
C   C5    C6     doub N N 73  
C   C5    H5     sing N N 74  
C   C6    H6     sing N N 75  
G   OP3   P      sing N N 76  
G   OP3   HOP3   sing N N 77  
G   P     OP1    doub N N 78  
G   P     OP2    sing N N 79  
G   P     "O5'"  sing N N 80  
G   OP2   HOP2   sing N N 81  
G   "O5'" "C5'"  sing N N 82  
G   "C5'" "C4'"  sing N N 83  
G   "C5'" "H5'"  sing N N 84  
G   "C5'" "H5''" sing N N 85  
G   "C4'" "O4'"  sing N N 86  
G   "C4'" "C3'"  sing N N 87  
G   "C4'" "H4'"  sing N N 88  
G   "O4'" "C1'"  sing N N 89  
G   "C3'" "O3'"  sing N N 90  
G   "C3'" "C2'"  sing N N 91  
G   "C3'" "H3'"  sing N N 92  
G   "O3'" "HO3'" sing N N 93  
G   "C2'" "O2'"  sing N N 94  
G   "C2'" "C1'"  sing N N 95  
G   "C2'" "H2'"  sing N N 96  
G   "O2'" "HO2'" sing N N 97  
G   "C1'" N9     sing N N 98  
G   "C1'" "H1'"  sing N N 99  
G   N9    C8     sing Y N 100 
G   N9    C4     sing Y N 101 
G   C8    N7     doub Y N 102 
G   C8    H8     sing N N 103 
G   N7    C5     sing Y N 104 
G   C5    C6     sing N N 105 
G   C5    C4     doub Y N 106 
G   C6    O6     doub N N 107 
G   C6    N1     sing N N 108 
G   N1    C2     sing N N 109 
G   N1    H1     sing N N 110 
G   C2    N2     sing N N 111 
G   C2    N3     doub N N 112 
G   N2    H21    sing N N 113 
G   N2    H22    sing N N 114 
G   N3    C4     sing N N 115 
TEP C1    N1     sing N N 116 
TEP C1    H11    sing N N 117 
TEP C1    H12    sing N N 118 
TEP C1    H13    sing N N 119 
TEP N1    C2     sing Y N 120 
TEP N1    C6     sing Y N 121 
TEP C2    O2     doub N N 122 
TEP C2    N3     sing Y N 123 
TEP N3    C3     sing N N 124 
TEP N3    C4     sing Y N 125 
TEP C3    H31    sing N N 126 
TEP C3    H32    sing N N 127 
TEP C3    H33    sing N N 128 
TEP C4    C5     doub Y N 129 
TEP C4    N9     sing Y N 130 
TEP C5    C6     sing Y N 131 
TEP C5    N7     sing Y N 132 
TEP C6    O6     doub N N 133 
TEP N7    C8     sing Y N 134 
TEP N7    HN7    sing N N 135 
TEP C8    N9     doub Y N 136 
TEP C8    H8     sing N N 137 
U   OP3   P      sing N N 138 
U   OP3   HOP3   sing N N 139 
U   P     OP1    doub N N 140 
U   P     OP2    sing N N 141 
U   P     "O5'"  sing N N 142 
U   OP2   HOP2   sing N N 143 
U   "O5'" "C5'"  sing N N 144 
U   "C5'" "C4'"  sing N N 145 
U   "C5'" "H5'"  sing N N 146 
U   "C5'" "H5''" sing N N 147 
U   "C4'" "O4'"  sing N N 148 
U   "C4'" "C3'"  sing N N 149 
U   "C4'" "H4'"  sing N N 150 
U   "O4'" "C1'"  sing N N 151 
U   "C3'" "O3'"  sing N N 152 
U   "C3'" "C2'"  sing N N 153 
U   "C3'" "H3'"  sing N N 154 
U   "O3'" "HO3'" sing N N 155 
U   "C2'" "O2'"  sing N N 156 
U   "C2'" "C1'"  sing N N 157 
U   "C2'" "H2'"  sing N N 158 
U   "O2'" "HO2'" sing N N 159 
U   "C1'" N1     sing N N 160 
U   "C1'" "H1'"  sing N N 161 
U   N1    C2     sing N N 162 
U   N1    C6     sing N N 163 
U   C2    O2     doub N N 164 
U   C2    N3     sing N N 165 
U   N3    C4     sing N N 166 
U   N3    H3     sing N N 167 
U   C4    O4     doub N N 168 
U   C4    C5     sing N N 169 
U   C5    C6     doub N N 170 
U   C5    H5     sing N N 171 
U   C6    H6     sing N N 172 
# 
loop_
_ndb_struct_conf_na.entry_id 
_ndb_struct_conf_na.feature 
1O15 'double helix'         
1O15 'a-form double helix'  
1O15 tetraloop              
1O15 'bulge loop'           
1O15 'mismatched base pair' 
1O15 'triple helix'         
# 
loop_
_ndb_struct_na_base_pair.model_number 
_ndb_struct_na_base_pair.i_label_asym_id 
_ndb_struct_na_base_pair.i_label_comp_id 
_ndb_struct_na_base_pair.i_label_seq_id 
_ndb_struct_na_base_pair.i_symmetry 
_ndb_struct_na_base_pair.j_label_asym_id 
_ndb_struct_na_base_pair.j_label_comp_id 
_ndb_struct_na_base_pair.j_label_seq_id 
_ndb_struct_na_base_pair.j_symmetry 
_ndb_struct_na_base_pair.shear 
_ndb_struct_na_base_pair.stretch 
_ndb_struct_na_base_pair.stagger 
_ndb_struct_na_base_pair.buckle 
_ndb_struct_na_base_pair.propeller 
_ndb_struct_na_base_pair.opening 
_ndb_struct_na_base_pair.pair_number 
_ndb_struct_na_base_pair.pair_name 
_ndb_struct_na_base_pair.i_auth_asym_id 
_ndb_struct_na_base_pair.i_auth_seq_id 
_ndb_struct_na_base_pair.i_PDB_ins_code 
_ndb_struct_na_base_pair.j_auth_asym_id 
_ndb_struct_na_base_pair.j_auth_seq_id 
_ndb_struct_na_base_pair.j_PDB_ins_code 
_ndb_struct_na_base_pair.hbond_type_28 
_ndb_struct_na_base_pair.hbond_type_12 
1 A G 1  1_555 A C 33 1_555 -0.135 -0.195 -0.046 10.760  6.865   -2.593  1  A_G1:C33_A  A 1  ? A 33 ? 19 1 
1 A G 2  1_555 A U 32 1_555 -1.875 -0.375 0.006  7.514   -23.022 0.339   2  A_G2:U32_A  A 2  ? A 32 ? 28 1 
1 A C 3  1_555 A G 31 1_555 0.126  -0.162 -0.255 8.696   -14.125 0.300   3  A_C3:G31_A  A 3  ? A 31 ? 19 1 
1 A G 4  1_555 A C 30 1_555 -0.137 -0.182 -0.436 -5.936  -15.944 0.541   4  A_G4:C30_A  A 4  ? A 30 ? 19 1 
1 A A 5  1_555 A G 29 1_555 0.256  0.947  -1.092 -10.550 -17.722 4.429   5  A_A5:G29_A  A 5  ? A 29 ? 8  1 
1 A U 23 1_555 A A 28 1_555 -0.326 2.758  -0.553 0.949   -3.356  -74.340 6  A_U23:A28_A A 23 ? A 28 ? 23 3 
1 A C 8  1_555 A G 26 1_555 0.011  -0.181 0.014  -5.644  -1.843  -2.756  7  A_C8:G26_A  A 8  ? A 26 ? 19 1 
1 A C 9  1_555 A G 25 1_555 0.244  -0.219 -0.254 6.894   -21.686 2.299   8  A_C9:G25_A  A 9  ? A 25 ? 19 1 
1 A G 11 1_555 A C 20 1_555 -0.045 -0.238 0.608  9.162   -21.229 -3.925  9  A_G11:C20_A A 11 ? A 20 ? 19 1 
1 A C 12 1_555 A G 19 1_555 0.193  -0.223 -0.088 2.951   -23.476 1.049   10 A_C12:G19_A A 12 ? A 19 ? 19 1 
1 A C 13 1_555 A G 18 1_555 0.172  -0.196 -0.098 -1.623  -4.383  -0.937  11 A_C13:G18_A A 13 ? A 18 ? 19 1 
1 A G 14 1_555 A A 17 1_555 7.004  -5.448 0.678  18.272  22.677  -42.508 12 A_G14:A17_A A 14 ? A 17 ? ?  ? 
# 
loop_
_ndb_struct_na_base_pair_step.model_number 
_ndb_struct_na_base_pair_step.i_label_asym_id_1 
_ndb_struct_na_base_pair_step.i_label_comp_id_1 
_ndb_struct_na_base_pair_step.i_label_seq_id_1 
_ndb_struct_na_base_pair_step.i_symmetry_1 
_ndb_struct_na_base_pair_step.j_label_asym_id_1 
_ndb_struct_na_base_pair_step.j_label_comp_id_1 
_ndb_struct_na_base_pair_step.j_label_seq_id_1 
_ndb_struct_na_base_pair_step.j_symmetry_1 
_ndb_struct_na_base_pair_step.i_label_asym_id_2 
_ndb_struct_na_base_pair_step.i_label_comp_id_2 
_ndb_struct_na_base_pair_step.i_label_seq_id_2 
_ndb_struct_na_base_pair_step.i_symmetry_2 
_ndb_struct_na_base_pair_step.j_label_asym_id_2 
_ndb_struct_na_base_pair_step.j_label_comp_id_2 
_ndb_struct_na_base_pair_step.j_label_seq_id_2 
_ndb_struct_na_base_pair_step.j_symmetry_2 
_ndb_struct_na_base_pair_step.shift 
_ndb_struct_na_base_pair_step.slide 
_ndb_struct_na_base_pair_step.rise 
_ndb_struct_na_base_pair_step.tilt 
_ndb_struct_na_base_pair_step.roll 
_ndb_struct_na_base_pair_step.twist 
_ndb_struct_na_base_pair_step.x_displacement 
_ndb_struct_na_base_pair_step.y_displacement 
_ndb_struct_na_base_pair_step.helical_rise 
_ndb_struct_na_base_pair_step.inclination 
_ndb_struct_na_base_pair_step.tip 
_ndb_struct_na_base_pair_step.helical_twist 
_ndb_struct_na_base_pair_step.step_number 
_ndb_struct_na_base_pair_step.step_name 
_ndb_struct_na_base_pair_step.i_auth_asym_id_1 
_ndb_struct_na_base_pair_step.i_auth_seq_id_1 
_ndb_struct_na_base_pair_step.i_PDB_ins_code_1 
_ndb_struct_na_base_pair_step.j_auth_asym_id_1 
_ndb_struct_na_base_pair_step.j_auth_seq_id_1 
_ndb_struct_na_base_pair_step.j_PDB_ins_code_1 
_ndb_struct_na_base_pair_step.i_auth_asym_id_2 
_ndb_struct_na_base_pair_step.i_auth_seq_id_2 
_ndb_struct_na_base_pair_step.i_PDB_ins_code_2 
_ndb_struct_na_base_pair_step.j_auth_asym_id_2 
_ndb_struct_na_base_pair_step.j_auth_seq_id_2 
_ndb_struct_na_base_pair_step.j_PDB_ins_code_2 
1 A G 1  1_555 A C 33 1_555 A G 2  1_555 A U 32 1_555 0.132  -1.967 3.621 0.892   6.034   22.521   -6.993 -0.011 3.001 15.097  
-2.232 23.322   1 AA_G1G2:U32C33_AA   A 1  ? A 33 ? A 2  ? A 32 ? 
1 A G 2  1_555 A U 32 1_555 A C 3  1_555 A G 31 1_555 -0.012 -1.232 3.114 -1.971  7.328   39.798   -2.535 -0.185 2.850 10.647  
2.864  40.486   2 AA_G2C3:G31U32_AA   A 2  ? A 32 ? A 3  ? A 31 ? 
1 A C 3  1_555 A G 31 1_555 A G 4  1_555 A C 30 1_555 -0.118 -1.816 3.594 1.733   15.423  29.424   -5.689 0.489  2.364 28.042  
-3.152 33.186   3 AA_C3G4:C30G31_AA   A 3  ? A 31 ? A 4  ? A 30 ? 
1 A G 4  1_555 A C 30 1_555 A A 5  1_555 A G 29 1_555 0.288  -1.560 3.438 3.989   9.442   29.722   -4.632 0.206  2.836 17.755  
-7.501 31.402   4 AA_G4A5:G29C30_AA   A 4  ? A 30 ? A 5  ? A 29 ? 
1 A A 5  1_555 A G 29 1_555 A U 23 1_555 A A 28 1_555 -0.914 3.711  1.955 130.354 109.794 -167.971 -1.918 -0.383 1.767 -54.914 
65.197 -178.999 5 AA_A5U23:A28G29_AA  A 5  ? A 29 ? A 23 ? A 28 ? 
1 A C 8  1_555 A G 26 1_555 A C 9  1_555 A G 25 1_555 0.376  -1.612 2.674 -0.612  23.501  32.085   -4.221 -0.602 1.244 36.967  
0.962  39.592   6 AA_C8C9:G25G26_AA   A 8  ? A 26 ? A 9  ? A 25 ? 
1 A G 11 1_555 A C 20 1_555 A C 12 1_555 A G 19 1_555 0.173  -1.580 3.394 3.142   4.354   35.550   -3.189 0.174  3.188 7.080   
-5.110 35.941   7 AA_G11C12:G19C20_AA A 11 ? A 20 ? A 12 ? A 19 ? 
1 A C 12 1_555 A G 19 1_555 A C 13 1_555 A G 18 1_555 -0.178 -1.802 3.227 -0.936  13.598  29.420   -5.329 0.174  2.205 25.144  
1.730  32.360   8 AA_C12C13:G18G19_AA A 12 ? A 19 ? A 13 ? A 18 ? 
1 A C 13 1_555 A G 18 1_555 A G 14 1_555 A A 17 1_555 -2.867 -1.227 2.857 -0.194  8.500   59.019   -1.599 2.877  2.682 8.579   
0.195  59.574   9 AA_C13G14:A17G18_AA A 13 ? A 18 ? A 14 ? A 17 ? 
# 
_atom_sites.entry_id                    1O15 
_atom_sites.fract_transf_matrix[1][1]   1.000000 
_atom_sites.fract_transf_matrix[1][2]   0.000000 
_atom_sites.fract_transf_matrix[1][3]   0.000000 
_atom_sites.fract_transf_matrix[2][1]   0.000000 
_atom_sites.fract_transf_matrix[2][2]   1.000000 
_atom_sites.fract_transf_matrix[2][3]   0.000000 
_atom_sites.fract_transf_matrix[3][1]   0.000000 
_atom_sites.fract_transf_matrix[3][2]   0.000000 
_atom_sites.fract_transf_matrix[3][3]   1.000000 
_atom_sites.fract_transf_vector[1]      0.00000 
_atom_sites.fract_transf_vector[2]      0.00000 
_atom_sites.fract_transf_vector[3]      0.00000 
# 
loop_
_atom_type.symbol 
C 
H 
N 
O 
P 
# 
loop_
_atom_site.group_PDB 
_atom_site.id 
_atom_site.type_symbol 
_atom_site.label_atom_id 
_atom_site.label_alt_id 
_atom_site.label_comp_id 
_atom_site.label_asym_id 
_atom_site.label_entity_id 
_atom_site.label_seq_id 
_atom_site.pdbx_PDB_ins_code 
_atom_site.Cartn_x 
_atom_site.Cartn_y 
_atom_site.Cartn_z 
_atom_site.occupancy 
_atom_site.B_iso_or_equiv 
_atom_site.pdbx_formal_charge 
_atom_site.auth_seq_id 
_atom_site.auth_comp_id 
_atom_site.auth_asym_id 
_atom_site.auth_atom_id 
_atom_site.pdbx_PDB_model_num 
ATOM   1    O "O5'"  . G   A 1 1  ? -14.614 9.611   -5.160  1.00 1.09 ? 1  G   A "O5'"  1 
ATOM   2    C "C5'"  . G   A 1 1  ? -15.430 9.243   -6.282  1.00 1.06 ? 1  G   A "C5'"  1 
ATOM   3    C "C4'"  . G   A 1 1  ? -14.888 9.832   -7.587  1.00 0.96 ? 1  G   A "C4'"  1 
ATOM   4    O "O4'"  . G   A 1 1  ? -15.015 11.258  -7.621  1.00 0.95 ? 1  G   A "O4'"  1 
ATOM   5    C "C3'"  . G   A 1 1  ? -13.430 9.528   -7.871  1.00 0.90 ? 1  G   A "C3'"  1 
ATOM   6    O "O3'"  . G   A 1 1  ? -13.294 8.249   -8.497  1.00 0.91 ? 1  G   A "O3'"  1 
ATOM   7    C "C2'"  . G   A 1 1  ? -13.003 10.643  -8.788  1.00 0.83 ? 1  G   A "C2'"  1 
ATOM   8    O "O2'"  . G   A 1 1  ? -13.198 10.305  -10.164 1.00 0.84 ? 1  G   A "O2'"  1 
ATOM   9    C "C1'"  . G   A 1 1  ? -13.905 11.802  -8.364  1.00 0.86 ? 1  G   A "C1'"  1 
ATOM   10   N N9     . G   A 1 1  ? -13.238 12.779  -7.489  1.00 0.88 ? 1  G   A N9     1 
ATOM   11   C C8     . G   A 1 1  ? -13.302 12.867  -6.125  1.00 0.98 ? 1  G   A C8     1 
ATOM   12   N N7     . G   A 1 1  ? -12.562 13.796  -5.595  1.00 1.00 ? 1  G   A N7     1 
ATOM   13   C C5     . G   A 1 1  ? -11.952 14.385  -6.699  1.00 0.89 ? 1  G   A C5     1 
ATOM   14   C C6     . G   A 1 1  ? -11.028 15.465  -6.761  1.00 0.87 ? 1  G   A C6     1 
ATOM   15   O O6     . G   A 1 1  ? -10.561 16.115  -5.830  1.00 0.95 ? 1  G   A O6     1 
ATOM   16   N N1     . G   A 1 1  ? -10.662 15.741  -8.069  1.00 0.77 ? 1  G   A N1     1 
ATOM   17   C C2     . G   A 1 1  ? -11.121 15.068  -9.181  1.00 0.73 ? 1  G   A C2     1 
ATOM   18   N N2     . G   A 1 1  ? -10.649 15.486  -10.355 1.00 0.69 ? 1  G   A N2     1 
ATOM   19   N N3     . G   A 1 1  ? -11.987 14.054  -9.130  1.00 0.75 ? 1  G   A N3     1 
ATOM   20   C C4     . G   A 1 1  ? -12.360 13.768  -7.861  1.00 0.82 ? 1  G   A C4     1 
ATOM   21   H "H5'"  . G   A 1 1  ? -16.443 9.611   -6.121  1.00 1.11 ? 1  G   A "H5'"  1 
ATOM   22   H "H5''" . G   A 1 1  ? -15.454 8.156   -6.363  1.00 1.08 ? 1  G   A "H5''" 1 
ATOM   23   H "H4'"  . G   A 1 1  ? -15.477 9.426   -8.409  1.00 0.95 ? 1  G   A "H4'"  1 
ATOM   24   H "H3'"  . G   A 1 1  ? -12.860 9.560   -6.943  1.00 0.93 ? 1  G   A "H3'"  1 
ATOM   25   H "H2'"  . G   A 1 1  ? -11.964 10.898  -8.608  1.00 0.81 ? 1  G   A "H2'"  1 
ATOM   26   H "HO2'" . G   A 1 1  ? -13.875 10.890  -10.507 1.00 1.10 ? 1  G   A "HO2'" 1 
ATOM   27   H "H1'"  . G   A 1 1  ? -14.262 12.238  -9.296  1.00 0.86 ? 1  G   A "H1'"  1 
ATOM   28   H H8     . G   A 1 1  ? -13.926 12.204  -5.525  1.00 1.05 ? 1  G   A H8     1 
ATOM   29   H H1     . G   A 1 1  ? -10.004 16.499  -8.194  1.00 0.76 ? 1  G   A H1     1 
ATOM   30   H H21    . G   A 1 1  ? -9.994  16.255  -10.392 1.00 0.69 ? 1  G   A H21    1 
ATOM   31   H H22    . G   A 1 1  ? -10.946 15.035  -11.208 1.00 0.71 ? 1  G   A H22    1 
ATOM   32   H "HO5'" . G   A 1 1  ? -15.138 9.490   -4.359  1.00 1.49 ? 1  G   A "HO5'" 1 
ATOM   33   P P      . G   A 1 2  ? -11.910 7.428   -8.429  1.00 0.92 ? 2  G   A P      1 
ATOM   34   O OP1    . G   A 1 2  ? -12.123 6.094   -9.035  1.00 0.98 ? 2  G   A OP1    1 
ATOM   35   O OP2    . G   A 1 2  ? -11.376 7.539   -7.054  1.00 0.97 ? 2  G   A OP2    1 
ATOM   36   O "O5'"  . G   A 1 2  ? -10.958 8.292   -9.414  1.00 0.84 ? 2  G   A "O5'"  1 
ATOM   37   C "C5'"  . G   A 1 2  ? -11.269 8.398   -10.813 1.00 0.82 ? 2  G   A "C5'"  1 
ATOM   38   C "C4'"  . G   A 1 2  ? -10.339 9.372   -11.548 1.00 0.78 ? 2  G   A "C4'"  1 
ATOM   39   O "O4'"  . G   A 1 2  ? -10.514 10.698  -11.037 1.00 0.73 ? 2  G   A "O4'"  1 
ATOM   40   C "C3'"  . G   A 1 2  ? -8.854  9.100   -11.401 1.00 0.79 ? 2  G   A "C3'"  1 
ATOM   41   O "O3'"  . G   A 1 2  ? -8.428  8.083   -12.315 1.00 0.85 ? 2  G   A "O3'"  1 
ATOM   42   C "C2'"  . G   A 1 2  ? -8.265  10.451  -11.811 1.00 0.75 ? 2  G   A "C2'"  1 
ATOM   43   O "O2'"  . G   A 1 2  ? -8.147  10.588  -13.229 1.00 0.78 ? 2  G   A "O2'"  1 
ATOM   44   C "C1'"  . G   A 1 2  ? -9.280  11.413  -11.211 1.00 0.70 ? 2  G   A "C1'"  1 
ATOM   45   N N9     . G   A 1 2  ? -8.845  11.923  -9.898  1.00 0.67 ? 2  G   A N9     1 
ATOM   46   C C8     . G   A 1 2  ? -9.149  11.480  -8.637  1.00 0.69 ? 2  G   A C8     1 
ATOM   47   N N7     . G   A 1 2  ? -8.555  12.116  -7.672  1.00 0.69 ? 2  G   A N7     1 
ATOM   48   C C5     . G   A 1 2  ? -7.794  13.072  -8.341  1.00 0.63 ? 2  G   A C5     1 
ATOM   49   C C6     . G   A 1 2  ? -6.921  14.068  -7.820  1.00 0.61 ? 2  G   A C6     1 
ATOM   50   O O6     . G   A 1 2  ? -6.652  14.313  -6.646  1.00 0.64 ? 2  G   A O6     1 
ATOM   51   N N1     . G   A 1 2  ? -6.351  14.821  -8.836  1.00 0.58 ? 2  G   A N1     1 
ATOM   52   C C2     . G   A 1 2  ? -6.579  14.638  -10.184 1.00 0.59 ? 2  G   A C2     1 
ATOM   53   N N2     . G   A 1 2  ? -5.932  15.461  -11.009 1.00 0.60 ? 2  G   A N2     1 
ATOM   54   N N3     . G   A 1 2  ? -7.396  13.702  -10.678 1.00 0.62 ? 2  G   A N3     1 
ATOM   55   C C4     . G   A 1 2  ? -7.965  12.957  -9.703  1.00 0.63 ? 2  G   A C4     1 
ATOM   56   H "H5'"  . G   A 1 2  ? -12.297 8.745   -10.920 1.00 0.82 ? 2  G   A "H5'"  1 
ATOM   57   H "H5''" . G   A 1 2  ? -11.179 7.412   -11.270 1.00 0.87 ? 2  G   A "H5''" 1 
ATOM   58   H "H4'"  . G   A 1 2  ? -10.594 9.370   -12.608 1.00 0.79 ? 2  G   A "H4'"  1 
ATOM   59   H "H3'"  . G   A 1 2  ? -8.601  8.844   -10.371 1.00 0.80 ? 2  G   A "H3'"  1 
ATOM   60   H "H2'"  . G   A 1 2  ? -7.314  10.648  -11.335 1.00 0.76 ? 2  G   A "H2'"  1 
ATOM   61   H "HO2'" . G   A 1 2  ? -8.771  11.262  -13.506 1.00 1.17 ? 2  G   A "HO2'" 1 
ATOM   62   H "H1'"  . G   A 1 2  ? -9.475  12.291  -11.822 1.00 0.69 ? 2  G   A "H1'"  1 
ATOM   63   H H8     . G   A 1 2  ? -9.823  10.646  -8.458  1.00 0.74 ? 2  G   A H8     1 
ATOM   64   H H1     . G   A 1 2  ? -5.709  15.551  -8.553  1.00 0.57 ? 2  G   A H1     1 
ATOM   65   H H21    . G   A 1 2  ? -5.316  16.168  -10.634 1.00 0.59 ? 2  G   A H21    1 
ATOM   66   H H22    . G   A 1 2  ? -6.060  15.379  -12.008 1.00 0.63 ? 2  G   A H22    1 
ATOM   67   P P      . C   A 1 3  ? -7.181  7.121   -11.953 1.00 0.88 ? 3  C   A P      1 
ATOM   68   O OP1    . C   A 1 3  ? -7.023  6.148   -13.058 1.00 0.97 ? 3  C   A OP1    1 
ATOM   69   O OP2    . C   A 1 3  ? -7.353  6.638   -10.565 1.00 0.88 ? 3  C   A OP2    1 
ATOM   70   O "O5'"  . C   A 1 3  ? -5.921  8.125   -11.995 1.00 0.82 ? 3  C   A "O5'"  1 
ATOM   71   C "C5'"  . C   A 1 3  ? -5.495  8.742   -13.210 1.00 0.83 ? 3  C   A "C5'"  1 
ATOM   72   C "C4'"  . C   A 1 3  ? -4.430  9.802   -12.942 1.00 0.78 ? 3  C   A "C4'"  1 
ATOM   73   O "O4'"  . C   A 1 3  ? -4.987  10.877  -12.193 1.00 0.73 ? 3  C   A "O4'"  1 
ATOM   74   C "C3'"  . C   A 1 3  ? -3.236  9.338   -12.132 1.00 0.75 ? 3  C   A "C3'"  1 
ATOM   75   O "O3'"  . C   A 1 3  ? -2.286  8.673   -12.964 1.00 0.79 ? 3  C   A "O3'"  1 
ATOM   76   C "C2'"  . C   A 1 3  ? -2.676  10.652  -11.609 1.00 0.70 ? 3  C   A "C2'"  1 
ATOM   77   O "O2'"  . C   A 1 3  ? -1.763  11.250  -12.533 1.00 0.72 ? 3  C   A "O2'"  1 
ATOM   78   C "C1'"  . C   A 1 3  ? -3.943  11.488  -11.416 1.00 0.69 ? 3  C   A "C1'"  1 
ATOM   79   N N1     . C   A 1 3  ? -4.396  11.534  -10.011 1.00 0.65 ? 3  C   A N1     1 
ATOM   80   C C2     . C   A 1 3  ? -3.802  12.470  -9.183  1.00 0.60 ? 3  C   A C2     1 
ATOM   81   O O2     . C   A 1 3  ? -2.966  13.245  -9.640  1.00 0.60 ? 3  C   A O2     1 
ATOM   82   N N3     . C   A 1 3  ? -4.162  12.502  -7.871  1.00 0.58 ? 3  C   A N3     1 
ATOM   83   C C4     . C   A 1 3  ? -5.072  11.647  -7.386  1.00 0.60 ? 3  C   A C4     1 
ATOM   84   N N4     . C   A 1 3  ? -5.389  11.705  -6.089  1.00 0.59 ? 3  C   A N4     1 
ATOM   85   C C5     . C   A 1 3  ? -5.697  10.679  -8.234  1.00 0.64 ? 3  C   A C5     1 
ATOM   86   C C6     . C   A 1 3  ? -5.332  10.655  -9.533  1.00 0.67 ? 3  C   A C6     1 
ATOM   87   H "H5'"  . C   A 1 3  ? -6.354  9.208   -13.693 1.00 0.84 ? 3  C   A "H5'"  1 
ATOM   88   H "H5''" . C   A 1 3  ? -5.081  7.981   -13.873 1.00 0.88 ? 3  C   A "H5''" 1 
ATOM   89   H "H4'"  . C   A 1 3  ? -4.074  10.186  -13.898 1.00 0.80 ? 3  C   A "H4'"  1 
ATOM   90   H "H3'"  . C   A 1 3  ? -3.553  8.695   -11.312 1.00 0.74 ? 3  C   A "H3'"  1 
ATOM   91   H "H2'"  . C   A 1 3  ? -2.192  10.494  -10.655 1.00 0.67 ? 3  C   A "H2'"  1 
ATOM   92   H "HO2'" . C   A 1 3  ? -2.168  12.059  -12.855 1.00 1.10 ? 3  C   A "HO2'" 1 
ATOM   93   H "H1'"  . C   A 1 3  ? -3.789  12.502  -11.776 1.00 0.68 ? 3  C   A "H1'"  1 
ATOM   94   H H41    . C   A 1 3  ? -4.948  12.388  -5.490  1.00 0.56 ? 3  C   A H41    1 
ATOM   95   H H42    . C   A 1 3  ? -6.072  11.067  -5.707  1.00 0.61 ? 3  C   A H42    1 
ATOM   96   H H5     . C   A 1 3  ? -6.432  9.976   -7.841  1.00 0.67 ? 3  C   A H5     1 
ATOM   97   H H6     . C   A 1 3  ? -5.790  9.938   -10.208 1.00 0.71 ? 3  C   A H6     1 
ATOM   98   P P      . G   A 1 4  ? -1.310  7.546   -12.345 1.00 0.79 ? 4  G   A P      1 
ATOM   99   O OP1    . G   A 1 4  ? -0.523  6.963   -13.454 1.00 0.84 ? 4  G   A OP1    1 
ATOM   100  O OP2    . G   A 1 4  ? -2.121  6.666   -11.474 1.00 0.79 ? 4  G   A OP2    1 
ATOM   101  O "O5'"  . G   A 1 4  ? -0.304  8.398   -11.412 1.00 0.73 ? 4  G   A "O5'"  1 
ATOM   102  C "C5'"  . G   A 1 4  ? 0.616   9.332   -11.988 1.00 0.74 ? 4  G   A "C5'"  1 
ATOM   103  C "C4'"  . G   A 1 4  ? 1.368   10.130  -10.919 1.00 0.69 ? 4  G   A "C4'"  1 
ATOM   104  O "O4'"  . G   A 1 4  ? 0.481   10.986  -10.198 1.00 0.64 ? 4  G   A "O4'"  1 
ATOM   105  C "C3'"  . G   A 1 4  ? 2.054   9.298   -9.859  1.00 0.67 ? 4  G   A "C3'"  1 
ATOM   106  O "O3'"  . G   A 1 4  ? 3.321   8.813   -10.326 1.00 0.70 ? 4  G   A "O3'"  1 
ATOM   107  C "C2'"  . G   A 1 4  ? 2.248   10.301  -8.731  1.00 0.62 ? 4  G   A "C2'"  1 
ATOM   108  O "O2'"  . G   A 1 4  ? 3.485   11.009  -8.851  1.00 0.63 ? 4  G   A "O2'"  1 
ATOM   109  C "C1'"  . G   A 1 4  ? 1.036   11.220  -8.887  1.00 0.61 ? 4  G   A "C1'"  1 
ATOM   110  N N9     . G   A 1 4  ? -0.024  10.960  -7.891  1.00 0.58 ? 4  G   A N9     1 
ATOM   111  C C8     . G   A 1 4  ? -1.143  10.175  -8.012  1.00 0.59 ? 4  G   A C8     1 
ATOM   112  N N7     . G   A 1 4  ? -1.880  10.099  -6.944  1.00 0.57 ? 4  G   A N7     1 
ATOM   113  C C5     . G   A 1 4  ? -1.204  10.906  -6.032  1.00 0.54 ? 4  G   A C5     1 
ATOM   114  C C6     . G   A 1 4  ? -1.524  11.220  -4.681  1.00 0.53 ? 4  G   A C6     1 
ATOM   115  O O6     . G   A 1 4  ? -2.490  10.843  -4.011  1.00 0.53 ? 4  G   A O6     1 
ATOM   116  N N1     . G   A 1 4  ? -0.579  12.069  -4.120  1.00 0.51 ? 4  G   A N1     1 
ATOM   117  C C2     . G   A 1 4  ? 0.536   12.555  -4.773  1.00 0.52 ? 4  G   A C2     1 
ATOM   118  N N2     . G   A 1 4  ? 1.330   13.358  -4.060  1.00 0.53 ? 4  G   A N2     1 
ATOM   119  N N3     . G   A 1 4  ? 0.840   12.261  -6.039  1.00 0.54 ? 4  G   A N3     1 
ATOM   120  C C4     . G   A 1 4  ? -0.071  11.436  -6.606  1.00 0.55 ? 4  G   A C4     1 
ATOM   121  H "H5'"  . G   A 1 4  ? 0.063   10.025  -12.623 1.00 0.75 ? 4  G   A "H5'"  1 
ATOM   122  H "H5''" . G   A 1 4  ? 1.337   8.789   -12.600 1.00 0.78 ? 4  G   A "H5''" 1 
ATOM   123  H "H4'"  . G   A 1 4  ? 2.118   10.745  -11.414 1.00 0.70 ? 4  G   A "H4'"  1 
ATOM   124  H "H3'"  . G   A 1 4  ? 1.408   8.476   -9.542  1.00 0.67 ? 4  G   A "H3'"  1 
ATOM   125  H "H2'"  . G   A 1 4  ? 2.202   9.797   -7.781  1.00 0.60 ? 4  G   A "H2'"  1 
ATOM   126  H "HO2'" . G   A 1 4  ? 3.278   11.945  -8.887  1.00 1.07 ? 4  G   A "HO2'" 1 
ATOM   127  H "H1'"  . G   A 1 4  ? 1.350   12.261  -8.815  1.00 0.60 ? 4  G   A "H1'"  1 
ATOM   128  H H8     . G   A 1 4  ? -1.379  9.638   -8.927  1.00 0.62 ? 4  G   A H8     1 
ATOM   129  H H1     . G   A 1 4  ? -0.737  12.338  -3.161  1.00 0.51 ? 4  G   A H1     1 
ATOM   130  H H21    . G   A 1 4  ? 1.099   13.579  -3.102  1.00 0.52 ? 4  G   A H21    1 
ATOM   131  H H22    . G   A 1 4  ? 2.162   13.747  -4.481  1.00 0.54 ? 4  G   A H22    1 
ATOM   132  P P      . A   A 1 5  ? 3.958   7.454   -9.719  1.00 0.71 ? 5  A   A P      1 
ATOM   133  O OP1    . A   A 1 5  ? 5.207   7.155   -10.455 1.00 0.75 ? 5  A   A OP1    1 
ATOM   134  O OP2    . A   A 1 5  ? 2.888   6.436   -9.626  1.00 0.71 ? 5  A   A OP2    1 
ATOM   135  O "O5'"  . A   A 1 5  ? 4.350   7.918   -8.225  1.00 0.66 ? 5  A   A "O5'"  1 
ATOM   136  C "C5'"  . A   A 1 5  ? 5.361   8.905   -8.011  1.00 0.66 ? 5  A   A "C5'"  1 
ATOM   137  C "C4'"  . A   A 1 5  ? 5.375   9.374   -6.558  1.00 0.62 ? 5  A   A "C4'"  1 
ATOM   138  O "O4'"  . A   A 1 5  ? 4.149   10.021  -6.256  1.00 0.59 ? 5  A   A "O4'"  1 
ATOM   139  C "C3'"  . A   A 1 5  ? 5.498   8.292   -5.509  1.00 0.61 ? 5  A   A "C3'"  1 
ATOM   140  O "O3'"  . A   A 1 5  ? 6.861   7.901   -5.320  1.00 0.64 ? 5  A   A "O3'"  1 
ATOM   141  C "C2'"  . A   A 1 5  ? 4.991   9.015   -4.260  1.00 0.59 ? 5  A   A "C2'"  1 
ATOM   142  O "O2'"  . A   A 1 5  ? 6.035   9.730   -3.594  1.00 0.61 ? 5  A   A "O2'"  1 
ATOM   143  C "C1'"  . A   A 1 5  ? 3.928   9.946   -4.840  1.00 0.57 ? 5  A   A "C1'"  1 
ATOM   144  N N9     . A   A 1 5  ? 2.561   9.458   -4.620  1.00 0.56 ? 5  A   A N9     1 
ATOM   145  C C8     . A   A 1 5  ? 1.769   8.679   -5.424  1.00 0.57 ? 5  A   A C8     1 
ATOM   146  N N7     . A   A 1 5  ? 0.616   8.358   -4.914  1.00 0.58 ? 5  A   A N7     1 
ATOM   147  C C5     . A   A 1 5  ? 0.642   8.979   -3.667  1.00 0.57 ? 5  A   A C5     1 
ATOM   148  C C6     . A   A 1 5  ? -0.283  9.033   -2.616  1.00 0.60 ? 5  A   A C6     1 
ATOM   149  N N6     . A   A 1 5  ? -1.467  8.424   -2.651  1.00 0.64 ? 5  A   A N6     1 
ATOM   150  N N1     . A   A 1 5  ? 0.065   9.735   -1.523  1.00 0.62 ? 5  A   A N1     1 
ATOM   151  C C2     . A   A 1 5  ? 1.249   10.343  -1.465  1.00 0.61 ? 5  A   A C2     1 
ATOM   152  N N3     . A   A 1 5  ? 2.193   10.355  -2.399  1.00 0.58 ? 5  A   A N3     1 
ATOM   153  C C4     . A   A 1 5  ? 1.817   9.646   -3.482  1.00 0.56 ? 5  A   A C4     1 
ATOM   154  H "H5'"  . A   A 1 5  ? 5.164   9.757   -8.663  1.00 0.66 ? 5  A   A "H5'"  1 
ATOM   155  H "H5''" . A   A 1 5  ? 6.334   8.483   -8.258  1.00 0.69 ? 5  A   A "H5''" 1 
ATOM   156  H "H4'"  . A   A 1 5  ? 6.192   10.082  -6.428  1.00 0.63 ? 5  A   A "H4'"  1 
ATOM   157  H "H3'"  . A   A 1 5  ? 4.867   7.437   -5.753  1.00 0.62 ? 5  A   A "H3'"  1 
ATOM   158  H "H2'"  . A   A 1 5  ? 4.529   8.308   -3.582  1.00 0.60 ? 5  A   A "H2'"  1 
ATOM   159  H "HO2'" . A   A 1 5  ? 5.873   10.667  -3.729  1.00 1.05 ? 5  A   A "HO2'" 1 
ATOM   160  H "H1'"  . A   A 1 5  ? 4.002   10.950  -4.436  1.00 0.57 ? 5  A   A "H1'"  1 
ATOM   161  H H8     . A   A 1 5  ? 2.069   8.371   -6.421  1.00 0.59 ? 5  A   A H8     1 
ATOM   162  H H61    . A   A 1 5  ? -2.096  8.495   -1.864  1.00 0.67 ? 5  A   A H61    1 
ATOM   163  H H62    . A   A 1 5  ? -1.736  7.892   -3.467  1.00 0.64 ? 5  A   A H62    1 
ATOM   164  H H2     . A   A 1 5  ? 1.466   10.900  -0.554  1.00 0.65 ? 5  A   A H2     1 
ATOM   165  P P      . U   A 1 6  ? 7.237   6.410   -4.834  1.00 0.65 ? 6  U   A P      1 
ATOM   166  O OP1    . U   A 1 6  ? 8.710   6.313   -4.745  1.00 0.69 ? 6  U   A OP1    1 
ATOM   167  O OP2    . U   A 1 6  ? 6.481   5.443   -5.663  1.00 0.67 ? 6  U   A OP2    1 
ATOM   168  O "O5'"  . U   A 1 6  ? 6.635   6.377   -3.340  1.00 0.59 ? 6  U   A "O5'"  1 
ATOM   169  C "C5'"  . U   A 1 6  ? 7.136   7.211   -2.296  1.00 0.58 ? 6  U   A "C5'"  1 
ATOM   170  C "C4'"  . U   A 1 6  ? 6.222   7.114   -1.077  1.00 0.54 ? 6  U   A "C4'"  1 
ATOM   171  O "O4'"  . U   A 1 6  ? 4.938   7.623   -1.388  1.00 0.52 ? 6  U   A "O4'"  1 
ATOM   172  C "C3'"  . U   A 1 6  ? 5.977   5.708   -0.572  1.00 0.55 ? 6  U   A "C3'"  1 
ATOM   173  O "O3'"  . U   A 1 6  ? 7.053   5.305   0.276   1.00 0.58 ? 6  U   A "O3'"  1 
ATOM   174  C "C2'"  . U   A 1 6  ? 4.680   5.877   0.233   1.00 0.54 ? 6  U   A "C2'"  1 
ATOM   175  O "O2'"  . U   A 1 6  ? 4.930   6.135   1.617   1.00 0.58 ? 6  U   A "O2'"  1 
ATOM   176  C "C1'"  . U   A 1 6  ? 3.996   7.059   -0.470  1.00 0.51 ? 6  U   A "C1'"  1 
ATOM   177  N N1     . U   A 1 6  ? 2.810   6.630   -1.245  1.00 0.52 ? 6  U   A N1     1 
ATOM   178  C C2     . U   A 1 6  ? 1.612   6.505   -0.560  1.00 0.52 ? 6  U   A C2     1 
ATOM   179  O O2     . U   A 1 6  ? 1.509   6.793   0.631   1.00 0.52 ? 6  U   A O2     1 
ATOM   180  N N3     . U   A 1 6  ? 0.530   6.047   -1.297  1.00 0.53 ? 6  U   A N3     1 
ATOM   181  C C4     . U   A 1 6  ? 0.542   5.713   -2.637  1.00 0.57 ? 6  U   A C4     1 
ATOM   182  O O4     . U   A 1 6  ? -0.478  5.313   -3.190  1.00 0.61 ? 6  U   A O4     1 
ATOM   183  C C5     . U   A 1 6  ? 1.832   5.873   -3.272  1.00 0.57 ? 6  U   A C5     1 
ATOM   184  C C6     . U   A 1 6  ? 2.908   6.313   -2.574  1.00 0.54 ? 6  U   A C6     1 
ATOM   185  H "H5'"  . U   A 1 6  ? 7.167   8.243   -2.645  1.00 0.59 ? 6  U   A "H5'"  1 
ATOM   186  H "H5''" . U   A 1 6  ? 8.141   6.891   -2.025  1.00 0.60 ? 6  U   A "H5''" 1 
ATOM   187  H "H4'"  . U   A 1 6  ? 6.654   7.705   -0.271  1.00 0.55 ? 6  U   A "H4'"  1 
ATOM   188  H "H3'"  . U   A 1 6  ? 5.840   5.014   -1.402  1.00 0.58 ? 6  U   A "H3'"  1 
ATOM   189  H "H2'"  . U   A 1 6  ? 4.021   5.017   0.112   1.00 0.59 ? 6  U   A "H2'"  1 
ATOM   190  H "HO2'" . U   A 1 6  ? 4.875   7.085   1.744   1.00 1.01 ? 6  U   A "HO2'" 1 
ATOM   191  H "H1'"  . U   A 1 6  ? 3.687   7.840   0.225   1.00 0.50 ? 6  U   A "H1'"  1 
ATOM   192  H H3     . U   A 1 6  ? -0.355  5.952   -0.812  1.00 0.55 ? 6  U   A H3     1 
ATOM   193  H H5     . U   A 1 6  ? 1.951   5.620   -4.326  1.00 0.62 ? 6  U   A H5     1 
ATOM   194  H H6     . U   A 1 6  ? 3.883   6.308   -3.058  1.00 0.57 ? 6  U   A H6     1 
ATOM   195  P P      . A   A 1 7  ? 7.539   3.774   0.372   1.00 0.63 ? 7  A   A P      1 
ATOM   196  O OP1    . A   A 1 7  ? 8.669   3.708   1.329   1.00 0.69 ? 7  A   A OP1    1 
ATOM   197  O OP2    . A   A 1 7  ? 7.715   3.261   -1.005  1.00 0.67 ? 7  A   A OP2    1 
ATOM   198  O "O5'"  . A   A 1 7  ? 6.290   3.021   1.040   1.00 0.61 ? 7  A   A "O5'"  1 
ATOM   199  C "C5'"  . A   A 1 7  ? 5.809   3.344   2.343   1.00 0.57 ? 7  A   A "C5'"  1 
ATOM   200  C "C4'"  . A   A 1 7  ? 5.224   2.115   3.027   1.00 0.50 ? 7  A   A "C4'"  1 
ATOM   201  O "O4'"  . A   A 1 7  ? 4.072   1.671   2.286   1.00 0.50 ? 7  A   A "O4'"  1 
ATOM   202  C "C3'"  . A   A 1 7  ? 6.185   0.931   3.092   1.00 0.57 ? 7  A   A "C3'"  1 
ATOM   203  O "O3'"  . A   A 1 7  ? 6.020   0.297   4.370   1.00 0.59 ? 7  A   A "O3'"  1 
ATOM   204  C "C2'"  . A   A 1 7  ? 5.726   0.019   1.962   1.00 0.63 ? 7  A   A "C2'"  1 
ATOM   205  O "O2'"  . A   A 1 7  ? 6.022   -1.351  2.217   1.00 0.78 ? 7  A   A "O2'"  1 
ATOM   206  C "C1'"  . A   A 1 7  ? 4.236   0.286   1.943   1.00 0.53 ? 7  A   A "C1'"  1 
ATOM   207  N N9     . A   A 1 7  ? 3.592   0.041   0.634   1.00 0.54 ? 7  A   A N9     1 
ATOM   208  C C8     . A   A 1 7  ? 4.112   0.180   -0.626  1.00 0.59 ? 7  A   A C8     1 
ATOM   209  N N7     . A   A 1 7  ? 3.292   -0.108  -1.592  1.00 0.62 ? 7  A   A N7     1 
ATOM   210  C C5     . A   A 1 7  ? 2.124   -0.470  -0.918  1.00 0.58 ? 7  A   A C5     1 
ATOM   211  C C6     . A   A 1 7  ? 0.865   -0.892  -1.360  1.00 0.60 ? 7  A   A C6     1 
ATOM   212  N N6     . A   A 1 7  ? 0.554   -1.039  -2.648  1.00 0.67 ? 7  A   A N6     1 
ATOM   213  N N1     . A   A 1 7  ? -0.059  -1.169  -0.422  1.00 0.57 ? 7  A   A N1     1 
ATOM   214  C C2     . A   A 1 7  ? 0.238   -1.045  0.870   1.00 0.53 ? 7  A   A C2     1 
ATOM   215  N N3     . A   A 1 7  ? 1.396   -0.655  1.394   1.00 0.51 ? 7  A   A N3     1 
ATOM   216  C C4     . A   A 1 7  ? 2.304   -0.385  0.430   1.00 0.53 ? 7  A   A C4     1 
ATOM   217  H "H5'"  . A   A 1 7  ? 5.037   4.109   2.261   1.00 0.59 ? 7  A   A "H5'"  1 
ATOM   218  H "H5''" . A   A 1 7  ? 6.632   3.728   2.944   1.00 0.62 ? 7  A   A "H5''" 1 
ATOM   219  H "H4'"  . A   A 1 7  ? 4.915   2.379   4.041   1.00 0.48 ? 7  A   A "H4'"  1 
ATOM   220  H "H3'"  . A   A 1 7  ? 7.218   1.248   2.941   1.00 0.63 ? 7  A   A "H3'"  1 
ATOM   221  H "H2'"  . A   A 1 7  ? 6.144   0.402   1.035   1.00 0.70 ? 7  A   A "H2'"  1 
ATOM   222  H "HO2'" . A   A 1 7  ? 5.921   -1.837  1.395   1.00 1.17 ? 7  A   A "HO2'" 1 
ATOM   223  H "H1'"  . A   A 1 7  ? 3.766   -0.333  2.690   1.00 0.55 ? 7  A   A "H1'"  1 
ATOM   224  H H8     . A   A 1 7  ? 5.130   0.511   -0.812  1.00 0.62 ? 7  A   A H8     1 
ATOM   225  H H61    . A   A 1 7  ? -0.371  -1.346  -2.912  1.00 0.69 ? 7  A   A H61    1 
ATOM   226  H H62    . A   A 1 7  ? 1.242   -0.836  -3.358  1.00 0.71 ? 7  A   A H62    1 
ATOM   227  H H2     . A   A 1 7  ? -0.566  -1.273  1.571   1.00 0.52 ? 7  A   A H2     1 
ATOM   228  P P      . C   A 1 8  ? 6.947   -0.934  4.830   1.00 0.74 ? 8  C   A P      1 
ATOM   229  O OP1    . C   A 1 8  ? 8.346   -0.455  4.891   1.00 0.82 ? 8  C   A OP1    1 
ATOM   230  O OP2    . C   A 1 8  ? 6.607   -2.120  4.017   1.00 0.79 ? 8  C   A OP2    1 
ATOM   231  O "O5'"  . C   A 1 8  ? 6.430   -1.192  6.332   1.00 0.77 ? 8  C   A "O5'"  1 
ATOM   232  C "C5'"  . C   A 1 8  ? 6.704   -0.280  7.404   1.00 0.78 ? 8  C   A "C5'"  1 
ATOM   233  C "C4'"  . C   A 1 8  ? 5.474   -0.067  8.287   1.00 0.76 ? 8  C   A "C4'"  1 
ATOM   234  O "O4'"  . C   A 1 8  ? 4.476   0.694   7.606   1.00 0.76 ? 8  C   A "O4'"  1 
ATOM   235  C "C3'"  . C   A 1 8  ? 4.802   -1.353  8.717   1.00 0.72 ? 8  C   A "C3'"  1 
ATOM   236  O "O3'"  . C   A 1 8  ? 5.443   -1.976  9.835   1.00 0.74 ? 8  C   A "O3'"  1 
ATOM   237  C "C2'"  . C   A 1 8  ? 3.421   -0.837  9.118   1.00 0.69 ? 8  C   A "C2'"  1 
ATOM   238  O "O2'"  . C   A 1 8  ? 3.378   -0.395  10.477  1.00 0.72 ? 8  C   A "O2'"  1 
ATOM   239  C "C1'"  . C   A 1 8  ? 3.194   0.308   8.121   1.00 0.71 ? 8  C   A "C1'"  1 
ATOM   240  N N1     . C   A 1 8  ? 2.342   -0.071  6.973   1.00 0.67 ? 8  C   A N1     1 
ATOM   241  C C2     . C   A 1 8  ? 0.977   -0.112  7.186   1.00 0.63 ? 8  C   A C2     1 
ATOM   242  O O2     . C   A 1 8  ? 0.511   0.226   8.272   1.00 0.63 ? 8  C   A O2     1 
ATOM   243  N N3     . C   A 1 8  ? 0.172   -0.524  6.172   1.00 0.61 ? 8  C   A N3     1 
ATOM   244  C C4     . C   A 1 8  ? 0.684   -0.878  4.987   1.00 0.64 ? 8  C   A C4     1 
ATOM   245  N N4     . C   A 1 8  ? -0.126  -1.253  4.006   1.00 0.63 ? 8  C   A N4     1 
ATOM   246  C C5     . C   A 1 8  ? 2.093   -0.827  4.750   1.00 0.68 ? 8  C   A C5     1 
ATOM   247  C C6     . C   A 1 8  ? 2.886   -0.418  5.763   1.00 0.70 ? 8  C   A C6     1 
ATOM   248  H "H5'"  . C   A 1 8  ? 7.006   0.678   6.985   1.00 0.77 ? 8  C   A "H5'"  1 
ATOM   249  H "H5''" . C   A 1 8  ? 7.518   -0.677  8.010   1.00 0.85 ? 8  C   A "H5''" 1 
ATOM   250  H "H4'"  . C   A 1 8  ? 5.781   0.479   9.179   1.00 0.77 ? 8  C   A "H4'"  1 
ATOM   251  H "H3'"  . C   A 1 8  ? 4.708   -2.024  7.861   1.00 0.70 ? 8  C   A "H3'"  1 
ATOM   252  H "H2'"  . C   A 1 8  ? 2.684   -1.608  8.959   1.00 0.66 ? 8  C   A "H2'"  1 
ATOM   253  H "HO2'" . C   A 1 8  ? 3.785   0.474   10.511  1.00 1.17 ? 8  C   A "HO2'" 1 
ATOM   254  H "H1'"  . C   A 1 8  ? 2.737   1.177   8.593   1.00 0.72 ? 8  C   A "H1'"  1 
ATOM   255  H H41    . C   A 1 8  ? -1.123  -1.291  4.163   1.00 0.61 ? 8  C   A H41    1 
ATOM   256  H H42    . C   A 1 8  ? 0.254   -1.512  3.109   1.00 0.66 ? 8  C   A H42    1 
ATOM   257  H H5     . C   A 1 8  ? 2.483   -1.060  3.768   1.00 0.71 ? 8  C   A H5     1 
ATOM   258  H H6     . C   A 1 8  ? 3.966   -0.351  5.614   1.00 0.73 ? 8  C   A H6     1 
ATOM   259  P P      . C   A 1 9  ? 5.379   -3.589  9.994   1.00 0.71 ? 9  C   A P      1 
ATOM   260  O OP1    . C   A 1 9  ? 6.189   -3.953  11.179  1.00 0.75 ? 9  C   A OP1    1 
ATOM   261  O OP2    . C   A 1 9  ? 5.683   -4.200  8.681   1.00 0.71 ? 9  C   A OP2    1 
ATOM   262  O "O5'"  . C   A 1 9  ? 3.829   -3.891  10.341  1.00 0.64 ? 9  C   A "O5'"  1 
ATOM   263  C "C5'"  . C   A 1 9  ? 3.239   -3.495  11.579  1.00 0.65 ? 9  C   A "C5'"  1 
ATOM   264  C "C4'"  . C   A 1 9  ? 1.720   -3.702  11.560  1.00 0.60 ? 9  C   A "C4'"  1 
ATOM   265  O "O4'"  . C   A 1 9  ? 1.119   -2.825  10.620  1.00 0.59 ? 9  C   A "O4'"  1 
ATOM   266  C "C3'"  . C   A 1 9  ? 1.255   -5.086  11.139  1.00 0.56 ? 9  C   A "C3'"  1 
ATOM   267  O "O3'"  . C   A 1 9  ? 1.304   -6.034  12.199  1.00 0.58 ? 9  C   A "O3'"  1 
ATOM   268  C "C2'"  . C   A 1 9  ? -0.203  -4.807  10.787  1.00 0.53 ? 9  C   A "C2'"  1 
ATOM   269  O "O2'"  . C   A 1 9  ? -1.063  -4.890  11.926  1.00 0.56 ? 9  C   A "O2'"  1 
ATOM   270  C "C1'"  . C   A 1 9  ? -0.138  -3.391  10.218  1.00 0.55 ? 9  C   A "C1'"  1 
ATOM   271  N N1     . C   A 1 9  ? -0.196  -3.386  8.745   1.00 0.54 ? 9  C   A N1     1 
ATOM   272  C C2     . C   A 1 9  ? -1.451  -3.420  8.161   1.00 0.52 ? 9  C   A C2     1 
ATOM   273  O O2     . C   A 1 9  ? -2.457  -3.399  8.867   1.00 0.51 ? 9  C   A O2     1 
ATOM   274  N N3     . C   A 1 9  ? -1.534  -3.482  6.806   1.00 0.53 ? 9  C   A N3     1 
ATOM   275  C C4     . C   A 1 9  ? -0.430  -3.500  6.048   1.00 0.56 ? 9  C   A C4     1 
ATOM   276  N N4     . C   A 1 9  ? -0.571  -3.584  4.719   1.00 0.59 ? 9  C   A N4     1 
ATOM   277  C C5     . C   A 1 9  ? 0.870   -3.458  6.642   1.00 0.58 ? 9  C   A C5     1 
ATOM   278  C C6     . C   A 1 9  ? 0.943   -3.399  7.988   1.00 0.57 ? 9  C   A C6     1 
ATOM   279  H "H5'"  . C   A 1 9  ? 3.459   -2.442  11.750  1.00 0.69 ? 9  C   A "H5'"  1 
ATOM   280  H "H5''" . C   A 1 9  ? 3.667   -4.087  12.387  1.00 0.67 ? 9  C   A "H5''" 1 
ATOM   281  H "H4'"  . C   A 1 9  ? 1.329   -3.482  12.552  1.00 0.63 ? 9  C   A "H4'"  1 
ATOM   282  H "H3'"  . C   A 1 9  ? 1.791   -5.399  10.241  1.00 0.55 ? 9  C   A "H3'"  1 
ATOM   283  H "H2'"  . C   A 1 9  ? -0.546  -5.485  10.012  1.00 0.51 ? 9  C   A "H2'"  1 
ATOM   284  H "HO2'" . C   A 1 9  ? -1.056  -4.033  12.356  1.00 1.03 ? 9  C   A "HO2'" 1 
ATOM   285  H "H1'"  . C   A 1 9  ? -0.949  -2.776  10.611  1.00 0.55 ? 9  C   A "H1'"  1 
ATOM   286  H H41    . C   A 1 9  ? -1.491  -3.615  4.307   1.00 0.58 ? 9  C   A H41    1 
ATOM   287  H H42    . C   A 1 9  ? 0.248   -3.614  4.129   1.00 0.61 ? 9  C   A H42    1 
ATOM   288  H H5     . C   A 1 9  ? 1.773   -3.503  6.032   1.00 0.61 ? 9  C   A H5     1 
ATOM   289  H H6     . C   A 1 9  ? 1.911   -3.351  8.474   1.00 0.59 ? 9  C   A H6     1 
ATOM   290  P P      . A   A 1 10 ? 1.526   -7.598  11.879  1.00 0.56 ? 10 A   A P      1 
ATOM   291  O OP1    . A   A 1 10 ? 1.537   -8.327  13.167  1.00 0.61 ? 10 A   A OP1    1 
ATOM   292  O OP2    . A   A 1 10 ? 2.669   -7.727  10.946  1.00 0.56 ? 10 A   A OP2    1 
ATOM   293  O "O5'"  . A   A 1 10 ? 0.173   -7.990  11.085  1.00 0.53 ? 10 A   A "O5'"  1 
ATOM   294  C "C5'"  . A   A 1 10 ? -1.110  -7.979  11.714  1.00 0.57 ? 10 A   A "C5'"  1 
ATOM   295  C "C4'"  . A   A 1 10 ? -2.229  -8.167  10.682  1.00 0.55 ? 10 A   A "C4'"  1 
ATOM   296  O "O4'"  . A   A 1 10 ? -2.235  -7.063  9.770   1.00 0.55 ? 10 A   A "O4'"  1 
ATOM   297  C "C3'"  . A   A 1 10 ? -2.075  -9.365  9.787   1.00 0.50 ? 10 A   A "C3'"  1 
ATOM   298  O "O3'"  . A   A 1 10 ? -2.509  -10.580 10.384  1.00 0.52 ? 10 A   A "O3'"  1 
ATOM   299  C "C2'"  . A   A 1 10 ? -3.009  -9.017  8.630   1.00 0.52 ? 10 A   A "C2'"  1 
ATOM   300  O "O2'"  . A   A 1 10 ? -4.374  -9.338  8.912   1.00 0.62 ? 10 A   A "O2'"  1 
ATOM   301  C "C1'"  . A   A 1 10 ? -2.751  -7.515  8.497   1.00 0.54 ? 10 A   A "C1'"  1 
ATOM   302  N N9     . A   A 1 10 ? -1.778  -7.200  7.438   1.00 0.54 ? 10 A   A N9     1 
ATOM   303  C C8     . A   A 1 10 ? -0.427  -6.993  7.512   1.00 0.56 ? 10 A   A C8     1 
ATOM   304  N N7     . A   A 1 10 ? 0.163   -6.816  6.368   1.00 0.59 ? 10 A   A N7     1 
ATOM   305  C C5     . A   A 1 10 ? -0.887  -6.912  5.456   1.00 0.59 ? 10 A   A C5     1 
ATOM   306  C C6     . A   A 1 10 ? -0.941  -6.818  4.062   1.00 0.65 ? 10 A   A C6     1 
ATOM   307  N N6     . A   A 1 10 ? 0.132   -6.598  3.304   1.00 0.71 ? 10 A   A N6     1 
ATOM   308  N N1     . A   A 1 10 ? -2.143  -6.961  3.479   1.00 0.65 ? 10 A   A N1     1 
ATOM   309  C C2     . A   A 1 10 ? -3.228  -7.186  4.220   1.00 0.61 ? 10 A   A C2     1 
ATOM   310  N N3     . A   A 1 10 ? -3.287  -7.294  5.542   1.00 0.56 ? 10 A   A N3     1 
ATOM   311  C C4     . A   A 1 10 ? -2.067  -7.143  6.100   1.00 0.56 ? 10 A   A C4     1 
ATOM   312  H "H5'"  . A   A 1 10 ? -1.246  -7.023  12.220  1.00 0.62 ? 10 A   A "H5'"  1 
ATOM   313  H "H5''" . A   A 1 10 ? -1.159  -8.783  12.448  1.00 0.60 ? 10 A   A "H5''" 1 
ATOM   314  H "H4'"  . A   A 1 10 ? -3.186  -8.225  11.200  1.00 0.62 ? 10 A   A "H4'"  1 
ATOM   315  H "H3'"  . A   A 1 10 ? -1.043  -9.386  9.431   1.00 0.48 ? 10 A   A "H3'"  1 
ATOM   316  H "H2'"  . A   A 1 10 ? -2.637  -9.612  7.808   1.00 0.52 ? 10 A   A "H2'"  1 
ATOM   317  H "HO2'" . A   A 1 10 ? -4.740  -8.615  9.427   1.00 1.06 ? 10 A   A "HO2'" 1 
ATOM   318  H "H1'"  . A   A 1 10 ? -3.636  -6.915  8.304   1.00 0.58 ? 10 A   A "H1'"  1 
ATOM   319  H H8     . A   A 1 10 ? 0.114   -6.968  8.455   1.00 0.56 ? 10 A   A H8     1 
ATOM   320  H H61    . A   A 1 10 ? 0.038   -6.538  2.301   1.00 0.77 ? 10 A   A H61    1 
ATOM   321  H H62    . A   A 1 10 ? 1.041   -6.492  3.734   1.00 0.72 ? 10 A   A H62    1 
ATOM   322  H H2     . A   A 1 10 ? -4.177  -7.273  3.685   1.00 0.63 ? 10 A   A H2     1 
ATOM   323  P P      . G   A 1 11 ? -1.861  -11.991 9.931   1.00 0.53 ? 11 G   A P      1 
ATOM   324  O OP1    . G   A 1 11 ? -2.493  -13.058 10.738  1.00 0.58 ? 11 G   A OP1    1 
ATOM   325  O OP2    . G   A 1 11 ? -0.388  -11.847 9.920   1.00 0.53 ? 11 G   A OP2    1 
ATOM   326  O "O5'"  . G   A 1 11 ? -2.368  -12.137 8.400   1.00 0.50 ? 11 G   A "O5'"  1 
ATOM   327  C "C5'"  . G   A 1 11 ? -3.751  -12.278 8.081   1.00 0.50 ? 11 G   A "C5'"  1 
ATOM   328  C "C4'"  . G   A 1 11 ? -4.003  -12.182 6.568   1.00 0.48 ? 11 G   A "C4'"  1 
ATOM   329  O "O4'"  . G   A 1 11 ? -3.663  -10.872 6.087   1.00 0.46 ? 11 G   A "O4'"  1 
ATOM   330  C "C3'"  . G   A 1 11 ? -3.191  -13.133 5.683   1.00 0.50 ? 11 G   A "C3'"  1 
ATOM   331  O "O3'"  . G   A 1 11 ? -3.807  -14.426 5.650   1.00 0.53 ? 11 G   A "O3'"  1 
ATOM   332  C "C2'"  . G   A 1 11 ? -3.314  -12.451 4.323   1.00 0.49 ? 11 G   A "C2'"  1 
ATOM   333  O "O2'"  . G   A 1 11 ? -4.545  -12.764 3.666   1.00 0.51 ? 11 G   A "O2'"  1 
ATOM   334  C "C1'"  . G   A 1 11 ? -3.221  -10.992 4.723   1.00 0.46 ? 11 G   A "C1'"  1 
ATOM   335  N N9     . G   A 1 11 ? -1.831  -10.481 4.623   1.00 0.43 ? 11 G   A N9     1 
ATOM   336  C C8     . G   A 1 11 ? -0.906  -10.273 5.615   1.00 0.43 ? 11 G   A C8     1 
ATOM   337  N N7     . G   A 1 11 ? 0.248   -9.835  5.207   1.00 0.41 ? 11 G   A N7     1 
ATOM   338  C C5     . G   A 1 11 ? 0.083   -9.736  3.826   1.00 0.41 ? 11 G   A C5     1 
ATOM   339  C C6     . G   A 1 11 ? 1.003   -9.315  2.828   1.00 0.41 ? 11 G   A C6     1 
ATOM   340  O O6     . G   A 1 11 ? 2.164   -8.912  2.964   1.00 0.40 ? 11 G   A O6     1 
ATOM   341  N N1     . G   A 1 11 ? 0.435   -9.367  1.562   1.00 0.43 ? 11 G   A N1     1 
ATOM   342  C C2     . G   A 1 11 ? -0.853  -9.776  1.287   1.00 0.45 ? 11 G   A C2     1 
ATOM   343  N N2     . G   A 1 11 ? -1.205  -9.763  -0.004  1.00 0.48 ? 11 G   A N2     1 
ATOM   344  N N3     . G   A 1 11 ? -1.719  -10.174 2.222   1.00 0.44 ? 11 G   A N3     1 
ATOM   345  C C4     . G   A 1 11 ? -1.186  -10.131 3.464   1.00 0.42 ? 11 G   A C4     1 
ATOM   346  H "H5'"  . G   A 1 11 ? -4.310  -11.490 8.588   1.00 0.50 ? 11 G   A "H5'"  1 
ATOM   347  H "H5''" . G   A 1 11 ? -4.100  -13.247 8.439   1.00 0.53 ? 11 G   A "H5''" 1 
ATOM   348  H "H4'"  . G   A 1 11 ? -5.063  -12.357 6.387   1.00 0.50 ? 11 G   A "H4'"  1 
ATOM   349  H "H3'"  . G   A 1 11 ? -2.152  -13.188 6.013   1.00 0.52 ? 11 G   A "H3'"  1 
ATOM   350  H "H2'"  . G   A 1 11 ? -2.478  -12.616 3.653   1.00 0.50 ? 11 G   A "H2'"  1 
ATOM   351  H "HO2'" . G   A 1 11 ? -5.113  -11.994 3.737   1.00 0.97 ? 11 G   A "HO2'" 1 
ATOM   352  H "H1'"  . G   A 1 11 ? -3.855  -10.353 4.115   1.00 0.47 ? 11 G   A "H1'"  1 
ATOM   353  H H8     . G   A 1 11 ? -1.116  -10.465 6.662   1.00 0.44 ? 11 G   A H8     1 
ATOM   354  H H1     . G   A 1 11 ? 1.026   -9.079  0.800   1.00 0.43 ? 11 G   A H1     1 
ATOM   355  H H21    . G   A 1 11 ? -0.545  -9.461  -0.706  1.00 0.49 ? 11 G   A H21    1 
ATOM   356  H H22    . G   A 1 11 ? -2.134  -10.052 -0.275  1.00 0.50 ? 11 G   A H22    1 
ATOM   357  P P      . C   A 1 12 ? -2.932  -15.752 5.381   1.00 0.56 ? 12 C   A P      1 
ATOM   358  O OP1    . C   A 1 12 ? -3.822  -16.928 5.501   1.00 0.59 ? 12 C   A OP1    1 
ATOM   359  O OP2    . C   A 1 12 ? -1.703  -15.670 6.203   1.00 0.56 ? 12 C   A OP2    1 
ATOM   360  O "O5'"  . C   A 1 12 ? -2.515  -15.598 3.831   1.00 0.55 ? 12 C   A "O5'"  1 
ATOM   361  C "C5'"  . C   A 1 12 ? -3.493  -15.637 2.783   1.00 0.56 ? 12 C   A "C5'"  1 
ATOM   362  C "C4'"  . C   A 1 12 ? -2.852  -15.308 1.436   1.00 0.56 ? 12 C   A "C4'"  1 
ATOM   363  O "O4'"  . C   A 1 12 ? -2.379  -13.967 1.434   1.00 0.55 ? 12 C   A "O4'"  1 
ATOM   364  C "C3'"  . C   A 1 12 ? -1.645  -16.152 1.101   1.00 0.56 ? 12 C   A "C3'"  1 
ATOM   365  O "O3'"  . C   A 1 12 ? -2.027  -17.415 0.553   1.00 0.59 ? 12 C   A "O3'"  1 
ATOM   366  C "C2'"  . C   A 1 12 ? -0.947  -15.293 0.055   1.00 0.55 ? 12 C   A "C2'"  1 
ATOM   367  O "O2'"  . C   A 1 12 ? -1.469  -15.511 -1.257  1.00 0.59 ? 12 C   A "O2'"  1 
ATOM   368  C "C1'"  . C   A 1 12 ? -1.230  -13.876 0.571   1.00 0.53 ? 12 C   A "C1'"  1 
ATOM   369  N N1     . C   A 1 12 ? -0.124  -13.315 1.364   1.00 0.49 ? 12 C   A N1     1 
ATOM   370  C C2     . C   A 1 12 ? 0.902   -12.692 0.675   1.00 0.49 ? 12 C   A C2     1 
ATOM   371  O O2     . C   A 1 12 ? 0.850   -12.580 -0.550  1.00 0.53 ? 12 C   A O2     1 
ATOM   372  N N3     . C   A 1 12 ? 1.968   -12.227 1.380   1.00 0.47 ? 12 C   A N3     1 
ATOM   373  C C4     . C   A 1 12 ? 2.031   -12.372 2.711   1.00 0.44 ? 12 C   A C4     1 
ATOM   374  N N4     . C   A 1 12 ? 3.104   -11.897 3.357   1.00 0.43 ? 12 C   A N4     1 
ATOM   375  C C5     . C   A 1 12 ? 0.973   -13.008 3.431   1.00 0.44 ? 12 C   A C5     1 
ATOM   376  C C6     . C   A 1 12 ? -0.080  -13.467 2.724   1.00 0.47 ? 12 C   A C6     1 
ATOM   377  H "H5'"  . C   A 1 12 ? -4.276  -14.909 2.994   1.00 0.55 ? 12 C   A "H5'"  1 
ATOM   378  H "H5''" . C   A 1 12 ? -3.932  -16.633 2.736   1.00 0.57 ? 12 C   A "H5''" 1 
ATOM   379  H "H4'"  . C   A 1 12 ? -3.597  -15.427 0.649   1.00 0.56 ? 12 C   A "H4'"  1 
ATOM   380  H "H3'"  . C   A 1 12 ? -1.012  -16.290 1.979   1.00 0.54 ? 12 C   A "H3'"  1 
ATOM   381  H "H2'"  . C   A 1 12 ? 0.110   -15.521 0.074   1.00 0.55 ? 12 C   A "H2'"  1 
ATOM   382  H "HO2'" . C   A 1 12 ? -2.255  -14.969 -1.350  1.00 1.06 ? 12 C   A "HO2'" 1 
ATOM   383  H "H1'"  . C   A 1 12 ? -1.466  -13.195 -0.246  1.00 0.55 ? 12 C   A "H1'"  1 
ATOM   384  H H41    . C   A 1 12 ? 3.850   -11.446 2.845   1.00 0.44 ? 12 C   A H41    1 
ATOM   385  H H42    . C   A 1 12 ? 3.168   -11.995 4.361   1.00 0.43 ? 12 C   A H42    1 
ATOM   386  H H5     . C   A 1 12 ? 1.045   -13.194 4.503   1.00 0.44 ? 12 C   A H5     1 
ATOM   387  H H6     . C   A 1 12 ? -0.900  -13.963 3.238   1.00 0.48 ? 12 C   A H6     1 
ATOM   388  P P      . C   A 1 13 ? -1.083  -18.705 0.784   1.00 0.60 ? 13 C   A P      1 
ATOM   389  O OP1    . C   A 1 13 ? -1.767  -19.870 0.181   1.00 0.64 ? 13 C   A OP1    1 
ATOM   390  O OP2    . C   A 1 13 ? -0.694  -18.743 2.212   1.00 0.58 ? 13 C   A OP2    1 
ATOM   391  O "O5'"  . C   A 1 13 ? 0.240   -18.403 -0.093  1.00 0.58 ? 13 C   A "O5'"  1 
ATOM   392  C "C5'"  . C   A 1 13 ? 0.213   -18.375 -1.523  1.00 0.61 ? 13 C   A "C5'"  1 
ATOM   393  C "C4'"  . C   A 1 13 ? 1.564   -17.926 -2.088  1.00 0.61 ? 13 C   A "C4'"  1 
ATOM   394  O "O4'"  . C   A 1 13 ? 1.825   -16.573 -1.751  1.00 0.58 ? 13 C   A "O4'"  1 
ATOM   395  C "C3'"  . C   A 1 13 ? 2.750   -18.694 -1.544  1.00 0.60 ? 13 C   A "C3'"  1 
ATOM   396  O "O3'"  . C   A 1 13 ? 2.946   -19.942 -2.200  1.00 0.65 ? 13 C   A "O3'"  1 
ATOM   397  C "C2'"  . C   A 1 13 ? 3.904   -17.752 -1.897  1.00 0.60 ? 13 C   A "C2'"  1 
ATOM   398  O "O2'"  . C   A 1 13 ? 4.430   -18.008 -3.202  1.00 0.66 ? 13 C   A "O2'"  1 
ATOM   399  C "C1'"  . C   A 1 13 ? 3.249   -16.370 -1.795  1.00 0.56 ? 13 C   A "C1'"  1 
ATOM   400  N N1     . C   A 1 13 ? 3.648   -15.647 -0.576  1.00 0.50 ? 13 C   A N1     1 
ATOM   401  C C2     . C   A 1 13 ? 4.838   -14.945 -0.614  1.00 0.49 ? 13 C   A C2     1 
ATOM   402  O O2     . C   A 1 13 ? 5.490   -14.904 -1.653  1.00 0.53 ? 13 C   A O2     1 
ATOM   403  N N3     . C   A 1 13 ? 5.255   -14.312 0.515   1.00 0.44 ? 13 C   A N3     1 
ATOM   404  C C4     . C   A 1 13 ? 4.533   -14.367 1.643   1.00 0.41 ? 13 C   A C4     1 
ATOM   405  N N4     . C   A 1 13 ? 4.983   -13.743 2.733   1.00 0.39 ? 13 C   A N4     1 
ATOM   406  C C5     . C   A 1 13 ? 3.297   -15.085 1.689   1.00 0.44 ? 13 C   A C5     1 
ATOM   407  C C6     . C   A 1 13 ? 2.893   -15.711 0.566   1.00 0.48 ? 13 C   A C6     1 
ATOM   408  H "H5'"  . C   A 1 13 ? -0.560  -17.680 -1.848  1.00 0.62 ? 13 C   A "H5'"  1 
ATOM   409  H "H5''" . C   A 1 13 ? -0.019  -19.370 -1.899  1.00 0.64 ? 13 C   A "H5''" 1 
ATOM   410  H "H4'"  . C   A 1 13 ? 1.543   -18.031 -3.173  1.00 0.65 ? 13 C   A "H4'"  1 
ATOM   411  H "H3'"  . C   A 1 13 ? 2.664   -18.828 -0.465  1.00 0.58 ? 13 C   A "H3'"  1 
ATOM   412  H "H2'"  . C   A 1 13 ? 4.689   -17.847 -1.158  1.00 0.59 ? 13 C   A "H2'"  1 
ATOM   413  H "HO2'" . C   A 1 13 ? 3.984   -17.418 -3.814  1.00 1.07 ? 13 C   A "HO2'" 1 
ATOM   414  H "H1'"  . C   A 1 13 ? 3.466   -15.734 -2.651  1.00 0.59 ? 13 C   A "H1'"  1 
ATOM   415  H H41    . C   A 1 13 ? 5.856   -13.236 2.703   1.00 0.38 ? 13 C   A H41    1 
ATOM   416  H H42    . C   A 1 13 ? 4.449   -13.779 3.589   1.00 0.40 ? 13 C   A H42    1 
ATOM   417  H H5     . C   A 1 13 ? 2.695   -15.113 2.598   1.00 0.44 ? 13 C   A H5     1 
ATOM   418  H H6     . C   A 1 13 ? 1.969   -16.282 0.568   1.00 0.50 ? 13 C   A H6     1 
ATOM   419  P P      . G   A 1 14 ? 3.557   -21.171 -1.352  1.00 0.65 ? 14 G   A P      1 
ATOM   420  O OP1    . G   A 1 14 ? 3.617   -22.346 -2.248  1.00 0.71 ? 14 G   A OP1    1 
ATOM   421  O OP2    . G   A 1 14 ? 2.831   -21.263 -0.065  1.00 0.64 ? 14 G   A OP2    1 
ATOM   422  O "O5'"  . G   A 1 14 ? 5.072   -20.699 -1.045  1.00 0.62 ? 14 G   A "O5'"  1 
ATOM   423  C "C5'"  . G   A 1 14 ? 6.038   -20.568 -2.080  1.00 0.64 ? 14 G   A "C5'"  1 
ATOM   424  C "C4'"  . G   A 1 14 ? 7.323   -19.911 -1.568  1.00 0.62 ? 14 G   A "C4'"  1 
ATOM   425  O "O4'"  . G   A 1 14 ? 7.089   -18.557 -1.202  1.00 0.58 ? 14 G   A "O4'"  1 
ATOM   426  C "C3'"  . G   A 1 14 ? 7.920   -20.549 -0.325  1.00 0.61 ? 14 G   A "C3'"  1 
ATOM   427  O "O3'"  . G   A 1 14 ? 8.674   -21.715 -0.649  1.00 0.66 ? 14 G   A "O3'"  1 
ATOM   428  C "C2'"  . G   A 1 14 ? 8.853   -19.442 0.157   1.00 0.58 ? 14 G   A "C2'"  1 
ATOM   429  O "O2'"  . G   A 1 14 ? 10.133  -19.522 -0.474  1.00 0.62 ? 14 G   A "O2'"  1 
ATOM   430  C "C1'"  . G   A 1 14 ? 8.106   -18.168 -0.260  1.00 0.56 ? 14 G   A "C1'"  1 
ATOM   431  N N9     . G   A 1 14 ? 7.452   -17.474 0.863   1.00 0.51 ? 14 G   A N9     1 
ATOM   432  C C8     . G   A 1 14 ? 6.164   -17.539 1.273   1.00 0.51 ? 14 G   A C8     1 
ATOM   433  N N7     . G   A 1 14 ? 5.870   -16.799 2.295   1.00 0.48 ? 14 G   A N7     1 
ATOM   434  C C5     . G   A 1 14 ? 7.087   -16.189 2.603   1.00 0.47 ? 14 G   A C5     1 
ATOM   435  C C6     . G   A 1 14 ? 7.406   -15.263 3.630   1.00 0.45 ? 14 G   A C6     1 
ATOM   436  O O6     . G   A 1 14 ? 6.665   -14.795 4.492   1.00 0.45 ? 14 G   A O6     1 
ATOM   437  N N1     . G   A 1 14 ? 8.743   -14.893 3.588   1.00 0.46 ? 14 G   A N1     1 
ATOM   438  C C2     . G   A 1 14 ? 9.664   -15.353 2.668   1.00 0.48 ? 14 G   A C2     1 
ATOM   439  N N2     . G   A 1 14 ? 10.900  -14.883 2.787   1.00 0.51 ? 14 G   A N2     1 
ATOM   440  N N3     . G   A 1 14 ? 9.366   -16.222 1.697   1.00 0.50 ? 14 G   A N3     1 
ATOM   441  C C4     . G   A 1 14 ? 8.063   -16.596 1.729   1.00 0.49 ? 14 G   A C4     1 
ATOM   442  H "H5'"  . G   A 1 14 ? 5.617   -19.954 -2.877  1.00 0.66 ? 14 G   A "H5'"  1 
ATOM   443  H "H5''" . G   A 1 14 ? 6.274   -21.556 -2.477  1.00 0.68 ? 14 G   A "H5''" 1 
ATOM   444  H "H4'"  . G   A 1 14 ? 8.066   -19.937 -2.367  1.00 0.66 ? 14 G   A "H4'"  1 
ATOM   445  H "H3'"  . G   A 1 14 ? 7.146   -20.760 0.418   1.00 0.61 ? 14 G   A "H3'"  1 
ATOM   446  H "H2'"  . G   A 1 14 ? 8.961   -19.481 1.241   1.00 0.57 ? 14 G   A "H2'"  1 
ATOM   447  H "HO2'" . G   A 1 14 ? 10.689  -20.082 0.071   1.00 1.12 ? 14 G   A "HO2'" 1 
ATOM   448  H "H1'"  . G   A 1 14 ? 8.805   -17.484 -0.746  1.00 0.56 ? 14 G   A "H1'"  1 
ATOM   449  H H8     . G   A 1 14 ? 5.435   -18.187 0.791   1.00 0.53 ? 14 G   A H8     1 
ATOM   450  H H1     . G   A 1 14 ? 9.047   -14.238 4.294   1.00 0.46 ? 14 G   A H1     1 
ATOM   451  H H21    . G   A 1 14 ? 11.123  -14.227 3.520   1.00 0.51 ? 14 G   A H21    1 
ATOM   452  H H22    . G   A 1 14 ? 11.616  -15.184 2.141   1.00 0.54 ? 14 G   A H22    1 
ATOM   453  P P      . A   A 1 15 ? 8.831   -22.905 0.433   1.00 0.69 ? 15 A   A P      1 
ATOM   454  O OP1    . A   A 1 15 ? 9.543   -24.025 -0.223  1.00 0.73 ? 15 A   A OP1    1 
ATOM   455  O OP2    . A   A 1 15 ? 7.511   -23.140 1.057   1.00 0.71 ? 15 A   A OP2    1 
ATOM   456  O "O5'"  . A   A 1 15 ? 9.817   -22.284 1.552   1.00 0.66 ? 15 A   A "O5'"  1 
ATOM   457  C "C5'"  . A   A 1 15 ? 9.829   -22.820 2.887   1.00 0.71 ? 15 A   A "C5'"  1 
ATOM   458  C "C4'"  . A   A 1 15 ? 11.033  -22.320 3.683   1.00 0.73 ? 15 A   A "C4'"  1 
ATOM   459  O "O4'"  . A   A 1 15 ? 12.232  -22.814 3.098   1.00 0.74 ? 15 A   A "O4'"  1 
ATOM   460  C "C3'"  . A   A 1 15 ? 11.207  -20.820 3.755   1.00 0.68 ? 15 A   A "C3'"  1 
ATOM   461  O "O3'"  . A   A 1 15 ? 10.388  -20.266 4.800   1.00 0.72 ? 15 A   A "O3'"  1 
ATOM   462  C "C2'"  . A   A 1 15 ? 12.690  -20.688 4.087   1.00 0.72 ? 15 A   A "C2'"  1 
ATOM   463  O "O2'"  . A   A 1 15 ? 12.928  -20.741 5.496   1.00 0.81 ? 15 A   A "O2'"  1 
ATOM   464  C "C1'"  . A   A 1 15 ? 13.300  -21.891 3.355   1.00 0.75 ? 15 A   A "C1'"  1 
ATOM   465  N N9     . A   A 1 15 ? 13.896  -21.546 2.051   1.00 0.73 ? 15 A   A N9     1 
ATOM   466  C C8     . A   A 1 15 ? 13.295  -21.494 0.820   1.00 0.69 ? 15 A   A C8     1 
ATOM   467  N N7     . A   A 1 15 ? 14.052  -21.052 -0.138  1.00 0.74 ? 15 A   A N7     1 
ATOM   468  C C5     . A   A 1 15 ? 15.257  -20.793 0.512   1.00 0.83 ? 15 A   A C5     1 
ATOM   469  C C6     . A   A 1 15 ? 16.484  -20.306 0.065   1.00 0.96 ? 15 A   A C6     1 
ATOM   470  N N6     . A   A 1 15 ? 16.718  -19.972 -1.205  1.00 1.01 ? 15 A   A N6     1 
ATOM   471  N N1     . A   A 1 15 ? 17.464  -20.172 0.974   1.00 1.06 ? 15 A   A N1     1 
ATOM   472  C C2     . A   A 1 15 ? 17.249  -20.496 2.248   1.00 1.06 ? 15 A   A C2     1 
ATOM   473  N N3     . A   A 1 15 ? 16.127  -20.967 2.775   1.00 0.95 ? 15 A   A N3     1 
ATOM   474  C C4     . A   A 1 15 ? 15.166  -21.092 1.839   1.00 0.82 ? 15 A   A C4     1 
ATOM   475  H "H5'"  . A   A 1 15 ? 9.865   -23.908 2.832   1.00 0.75 ? 15 A   A "H5'"  1 
ATOM   476  H "H5''" . A   A 1 15 ? 8.915   -22.521 3.399   1.00 0.74 ? 15 A   A "H5''" 1 
ATOM   477  H "H4'"  . A   A 1 15 ? 10.958  -22.707 4.700   1.00 0.80 ? 15 A   A "H4'"  1 
ATOM   478  H "H3'"  . A   A 1 15 ? 10.979  -20.360 2.794   1.00 0.63 ? 15 A   A "H3'"  1 
ATOM   479  H "H2'"  . A   A 1 15 ? 13.085  -19.768 3.676   1.00 0.69 ? 15 A   A "H2'"  1 
ATOM   480  H "HO2'" . A   A 1 15 ? 13.123  -21.654 5.719   1.00 1.18 ? 15 A   A "HO2'" 1 
ATOM   481  H "H1'"  . A   A 1 15 ? 14.052  -22.360 3.990   1.00 0.83 ? 15 A   A "H1'"  1 
ATOM   482  H H8     . A   A 1 15 ? 12.242  -21.735 0.672   1.00 0.66 ? 15 A   A H8     1 
ATOM   483  H H61    . A   A 1 15 ? 17.625  -19.623 -1.476  1.00 1.12 ? 15 A   A H61    1 
ATOM   484  H H62    . A   A 1 15 ? 15.986  -20.068 -1.895  1.00 0.97 ? 15 A   A H62    1 
ATOM   485  H H2     . A   A 1 15 ? 18.108  -20.451 2.918   1.00 1.18 ? 15 A   A H2     1 
ATOM   486  P P      . A   A 1 16 ? 9.834   -18.748 4.718   1.00 0.68 ? 16 A   A P      1 
ATOM   487  O OP1    . A   A 1 16 ? 8.965   -18.510 5.893   1.00 0.78 ? 16 A   A OP1    1 
ATOM   488  O OP2    . A   A 1 16 ? 9.306   -18.525 3.355   1.00 0.64 ? 16 A   A OP2    1 
ATOM   489  O "O5'"  . A   A 1 16 ? 11.166  -17.857 4.903   1.00 0.63 ? 16 A   A "O5'"  1 
ATOM   490  C "C5'"  . A   A 1 16 ? 11.910  -17.842 6.128   1.00 0.71 ? 16 A   A "C5'"  1 
ATOM   491  C "C4'"  . A   A 1 16 ? 13.221  -17.085 5.938   1.00 0.70 ? 16 A   A "C4'"  1 
ATOM   492  O "O4'"  . A   A 1 16 ? 14.063  -17.784 5.029   1.00 0.70 ? 16 A   A "O4'"  1 
ATOM   493  C "C3'"  . A   A 1 16 ? 13.075  -15.690 5.370   1.00 0.64 ? 16 A   A "C3'"  1 
ATOM   494  O "O3'"  . A   A 1 16 ? 12.772  -14.737 6.400   1.00 0.67 ? 16 A   A "O3'"  1 
ATOM   495  C "C2'"  . A   A 1 16 ? 14.460  -15.442 4.782   1.00 0.67 ? 16 A   A "C2'"  1 
ATOM   496  O "O2'"  . A   A 1 16 ? 15.376  -14.930 5.754   1.00 0.76 ? 16 A   A "O2'"  1 
ATOM   497  C "C1'"  . A   A 1 16 ? 14.859  -16.837 4.298   1.00 0.69 ? 16 A   A "C1'"  1 
ATOM   498  N N9     . A   A 1 16 ? 14.591  -17.060 2.864   1.00 0.65 ? 16 A   A N9     1 
ATOM   499  C C8     . A   A 1 16 ? 13.462  -17.565 2.270   1.00 0.61 ? 16 A   A C8     1 
ATOM   500  N N7     . A   A 1 16 ? 13.487  -17.579 0.972   1.00 0.65 ? 16 A   A N7     1 
ATOM   501  C C5     . A   A 1 16 ? 14.740  -17.044 0.680   1.00 0.71 ? 16 A   A C5     1 
ATOM   502  C C6     . A   A 1 16 ? 15.394  -16.776 -0.524  1.00 0.82 ? 16 A   A C6     1 
ATOM   503  N N6     . A   A 1 16 ? 14.855  -17.027 -1.716  1.00 0.87 ? 16 A   A N6     1 
ATOM   504  N N1     . A   A 1 16 ? 16.625  -16.243 -0.453  1.00 0.92 ? 16 A   A N1     1 
ATOM   505  C C2     . A   A 1 16 ? 17.173  -15.972 0.731   1.00 0.91 ? 16 A   A C2     1 
ATOM   506  N N3     . A   A 1 16 ? 16.640  -16.185 1.927   1.00 0.82 ? 16 A   A N3     1 
ATOM   507  C C4     . A   A 1 16 ? 15.409  -16.720 1.823   1.00 0.72 ? 16 A   A C4     1 
ATOM   508  H "H5'"  . A   A 1 16 ? 12.124  -18.866 6.433   1.00 0.76 ? 16 A   A "H5'"  1 
ATOM   509  H "H5''" . A   A 1 16 ? 11.322  -17.350 6.903   1.00 0.75 ? 16 A   A "H5''" 1 
ATOM   510  H "H4'"  . A   A 1 16 ? 13.726  -17.018 6.901   1.00 0.79 ? 16 A   A "H4'"  1 
ATOM   511  H "H3'"  . A   A 1 16 ? 12.313  -15.670 4.591   1.00 0.58 ? 16 A   A "H3'"  1 
ATOM   512  H "H2'"  . A   A 1 16 ? 14.400  -14.768 3.943   1.00 0.63 ? 16 A   A "H2'"  1 
ATOM   513  H "HO2'" . A   A 1 16 ? 15.889  -15.671 6.084   1.00 1.09 ? 16 A   A "HO2'" 1 
ATOM   514  H "H1'"  . A   A 1 16 ? 15.914  -17.003 4.503   1.00 0.78 ? 16 A   A "H1'"  1 
ATOM   515  H H8     . A   A 1 16 ? 12.600  -17.902 2.842   1.00 0.61 ? 16 A   A H8     1 
ATOM   516  H H61    . A   A 1 16 ? 15.372  -16.815 -2.559  1.00 0.97 ? 16 A   A H61    1 
ATOM   517  H H62    . A   A 1 16 ? 13.931  -17.431 -1.779  1.00 0.84 ? 16 A   A H62    1 
ATOM   518  H H2     . A   A 1 16 ? 18.166  -15.524 0.701   1.00 1.02 ? 16 A   A H2     1 
ATOM   519  P P      . A   A 1 17 ? 11.906  -13.405 6.080   1.00 0.63 ? 17 A   A P      1 
ATOM   520  O OP1    . A   A 1 17 ? 11.763  -12.640 7.339   1.00 0.70 ? 17 A   A OP1    1 
ATOM   521  O OP2    . A   A 1 17 ? 10.701  -13.798 5.315   1.00 0.59 ? 17 A   A OP2    1 
ATOM   522  O "O5'"  . A   A 1 17 ? 12.881  -12.576 5.105   1.00 0.59 ? 17 A   A "O5'"  1 
ATOM   523  C "C5'"  . A   A 1 17 ? 14.127  -12.036 5.539   1.00 0.65 ? 17 A   A "C5'"  1 
ATOM   524  C "C4'"  . A   A 1 17 ? 14.923  -11.594 4.317   1.00 0.65 ? 17 A   A "C4'"  1 
ATOM   525  O "O4'"  . A   A 1 17 ? 15.255  -12.728 3.524   1.00 0.67 ? 17 A   A "O4'"  1 
ATOM   526  C "C3'"  . A   A 1 17 ? 14.195  -10.645 3.387   1.00 0.59 ? 17 A   A "C3'"  1 
ATOM   527  O "O3'"  . A   A 1 17 ? 14.322  -9.272  3.812   1.00 0.61 ? 17 A   A "O3'"  1 
ATOM   528  C "C2'"  . A   A 1 17 ? 14.924  -10.872 2.067   1.00 0.63 ? 17 A   A "C2'"  1 
ATOM   529  O "O2'"  . A   A 1 17 ? 16.074  -10.030 1.946   1.00 0.71 ? 17 A   A "O2'"  1 
ATOM   530  C "C1'"  . A   A 1 17 ? 15.309  -12.345 2.139   1.00 0.66 ? 17 A   A "C1'"  1 
ATOM   531  N N9     . A   A 1 17 ? 14.378  -13.218 1.401   1.00 0.62 ? 17 A   A N9     1 
ATOM   532  C C8     . A   A 1 17 ? 13.244  -13.838 1.853   1.00 0.56 ? 17 A   A C8     1 
ATOM   533  N N7     . A   A 1 17 ? 12.584  -14.498 0.950   1.00 0.55 ? 17 A   A N7     1 
ATOM   534  C C5     . A   A 1 17 ? 13.344  -14.302 -0.201  1.00 0.62 ? 17 A   A C5     1 
ATOM   535  C C6     . A   A 1 17 ? 13.196  -14.741 -1.520  1.00 0.68 ? 17 A   A C6     1 
ATOM   536  N N6     . A   A 1 17 ? 12.176  -15.503 -1.924  1.00 0.67 ? 17 A   A N6     1 
ATOM   537  N N1     . A   A 1 17 ? 14.133  -14.363 -2.406  1.00 0.78 ? 17 A   A N1     1 
ATOM   538  C C2     . A   A 1 17 ? 15.155  -13.601 -2.019  1.00 0.81 ? 17 A   A C2     1 
ATOM   539  N N3     . A   A 1 17 ? 15.388  -13.131 -0.799  1.00 0.76 ? 17 A   A N3     1 
ATOM   540  C C4     . A   A 1 17 ? 14.436  -13.528 0.068   1.00 0.67 ? 17 A   A C4     1 
ATOM   541  H "H5'"  . A   A 1 17 ? 14.681  -12.801 6.084   1.00 0.72 ? 17 A   A "H5'"  1 
ATOM   542  H "H5''" . A   A 1 17 ? 13.950  -11.180 6.189   1.00 0.68 ? 17 A   A "H5''" 1 
ATOM   543  H "H4'"  . A   A 1 17 ? 15.843  -11.119 4.660   1.00 0.73 ? 17 A   A "H4'"  1 
ATOM   544  H "H3'"  . A   A 1 17 ? 13.149  -10.931 3.300   1.00 0.54 ? 17 A   A "H3'"  1 
ATOM   545  H "H2'"  . A   A 1 17 ? 14.247  -10.713 1.232   1.00 0.61 ? 17 A   A "H2'"  1 
ATOM   546  H "HO2'" . A   A 1 17 ? 16.836  -10.548 2.211   1.00 1.05 ? 17 A   A "HO2'" 1 
ATOM   547  H "H1'"  . A   A 1 17 ? 16.323  -12.479 1.760   1.00 0.73 ? 17 A   A "H1'"  1 
ATOM   548  H H8     . A   A 1 17 ? 12.902  -13.765 2.884   1.00 0.55 ? 17 A   A H8     1 
ATOM   549  H H61    . A   A 1 17 ? 12.115  -15.792 -2.889  1.00 0.73 ? 17 A   A H61    1 
ATOM   550  H H62    . A   A 1 17 ? 11.465  -15.790 -1.264  1.00 0.61 ? 17 A   A H62    1 
ATOM   551  H H2     . A   A 1 17 ? 15.901  -13.361 -2.778  1.00 0.91 ? 17 A   A H2     1 
ATOM   552  P P      . G   A 1 18 ? 13.170  -8.170  3.502   1.00 0.57 ? 18 G   A P      1 
ATOM   553  O OP1    . G   A 1 18 ? 13.753  -6.822  3.688   1.00 0.60 ? 18 G   A OP1    1 
ATOM   554  O OP2    . G   A 1 18 ? 11.947  -8.556  4.240   1.00 0.54 ? 18 G   A OP2    1 
ATOM   555  O "O5'"  . G   A 1 18 ? 12.918  -8.382  1.921   1.00 0.55 ? 18 G   A "O5'"  1 
ATOM   556  C "C5'"  . G   A 1 18 ? 13.927  -8.130  0.941   1.00 0.59 ? 18 G   A "C5'"  1 
ATOM   557  C "C4'"  . G   A 1 18 ? 13.532  -8.805  -0.372  1.00 0.59 ? 18 G   A "C4'"  1 
ATOM   558  O "O4'"  . G   A 1 18 ? 13.383  -10.214 -0.121  1.00 0.59 ? 18 G   A "O4'"  1 
ATOM   559  C "C3'"  . G   A 1 18 ? 12.209  -8.375  -0.994  1.00 0.55 ? 18 G   A "C3'"  1 
ATOM   560  O "O3'"  . G   A 1 18 ? 12.426  -7.320  -1.928  1.00 0.59 ? 18 G   A "O3'"  1 
ATOM   561  C "C2'"  . G   A 1 18 ? 11.741  -9.628  -1.723  1.00 0.56 ? 18 G   A "C2'"  1 
ATOM   562  O "O2'"  . G   A 1 18 ? 12.358  -9.773  -3.005  1.00 0.63 ? 18 G   A "O2'"  1 
ATOM   563  C "C1'"  . G   A 1 18 ? 12.174  -10.690 -0.739  1.00 0.55 ? 18 G   A "C1'"  1 
ATOM   564  N N9     . G   A 1 18 ? 11.168  -10.927 0.319   1.00 0.49 ? 18 G   A N9     1 
ATOM   565  C C8     . G   A 1 18 ? 11.096  -10.410 1.584   1.00 0.48 ? 18 G   A C8     1 
ATOM   566  N N7     . G   A 1 18 ? 10.046  -10.761 2.266   1.00 0.45 ? 18 G   A N7     1 
ATOM   567  C C5     . G   A 1 18 ? 9.355   -11.588 1.384   1.00 0.44 ? 18 G   A C5     1 
ATOM   568  C C6     . G   A 1 18 ? 8.125   -12.279 1.560   1.00 0.41 ? 18 G   A C6     1 
ATOM   569  O O6     . G   A 1 18 ? 7.393   -12.293 2.550   1.00 0.41 ? 18 G   A O6     1 
ATOM   570  N N1     . G   A 1 18 ? 7.783   -13.002 0.426   1.00 0.41 ? 18 G   A N1     1 
ATOM   571  C C2     . G   A 1 18 ? 8.527   -13.056 -0.734  1.00 0.45 ? 18 G   A C2     1 
ATOM   572  N N2     . G   A 1 18 ? 8.030   -13.809 -1.712  1.00 0.47 ? 18 G   A N2     1 
ATOM   573  N N3     . G   A 1 18 ? 9.683   -12.406 -0.906  1.00 0.48 ? 18 G   A N3     1 
ATOM   574  C C4     . G   A 1 18 ? 10.036  -11.696 0.190   1.00 0.46 ? 18 G   A C4     1 
ATOM   575  H "H5'"  . G   A 1 18 ? 14.883  -8.514  1.286   1.00 0.64 ? 18 G   A "H5'"  1 
ATOM   576  H "H5''" . G   A 1 18 ? 14.013  -7.055  0.782   1.00 0.60 ? 18 G   A "H5''" 1 
ATOM   577  H "H4'"  . G   A 1 18 ? 14.331  -8.653  -1.097  1.00 0.63 ? 18 G   A "H4'"  1 
ATOM   578  H "H3'"  . G   A 1 18 ? 11.496  -8.074  -0.225  1.00 0.52 ? 18 G   A "H3'"  1 
ATOM   579  H "H2'"  . G   A 1 18 ? 10.661  -9.624  -1.821  1.00 0.53 ? 18 G   A "H2'"  1 
ATOM   580  H "HO2'" . G   A 1 18 ? 13.058  -10.424 -2.917  1.00 1.05 ? 18 G   A "HO2'" 1 
ATOM   581  H "H1'"  . G   A 1 18 ? 12.407  -11.640 -1.213  1.00 0.58 ? 18 G   A "H1'"  1 
ATOM   582  H H8     . G   A 1 18 ? 11.855  -9.748  1.984   1.00 0.51 ? 18 G   A H8     1 
ATOM   583  H H1     . G   A 1 18 ? 6.918   -13.520 0.474   1.00 0.40 ? 18 G   A H1     1 
ATOM   584  H H21    . G   A 1 18 ? 7.156   -14.298 -1.579  1.00 0.46 ? 18 G   A H21    1 
ATOM   585  H H22    . G   A 1 18 ? 8.528   -13.892 -2.588  1.00 0.52 ? 18 G   A H22    1 
ATOM   586  P P      . G   A 1 19 ? 11.291  -6.230  -2.266  1.00 0.59 ? 19 G   A P      1 
ATOM   587  O OP1    . G   A 1 19 ? 11.845  -5.283  -3.259  1.00 0.65 ? 19 G   A OP1    1 
ATOM   588  O OP2    . G   A 1 19 ? 10.727  -5.725  -0.994  1.00 0.57 ? 19 G   A OP2    1 
ATOM   589  O "O5'"  . G   A 1 19 ? 10.179  -7.138  -3.000  1.00 0.56 ? 19 G   A "O5'"  1 
ATOM   590  C "C5'"  . G   A 1 19 ? 10.449  -7.818  -4.227  1.00 0.57 ? 19 G   A "C5'"  1 
ATOM   591  C "C4'"  . G   A 1 19 ? 9.300   -8.762  -4.578  1.00 0.53 ? 19 G   A "C4'"  1 
ATOM   592  O "O4'"  . G   A 1 19 ? 9.167   -9.788  -3.585  1.00 0.49 ? 19 G   A "O4'"  1 
ATOM   593  C "C3'"  . G   A 1 19 ? 7.932   -8.122  -4.652  1.00 0.53 ? 19 G   A "C3'"  1 
ATOM   594  O "O3'"  . G   A 1 19 ? 7.733   -7.524  -5.932  1.00 0.57 ? 19 G   A "O3'"  1 
ATOM   595  C "C2'"  . G   A 1 19 ? 6.998   -9.298  -4.474  1.00 0.49 ? 19 G   A "C2'"  1 
ATOM   596  O "O2'"  . G   A 1 19 ? 6.731   -9.969  -5.707  1.00 0.51 ? 19 G   A "O2'"  1 
ATOM   597  C "C1'"  . G   A 1 19 ? 7.775   -10.162 -3.499  1.00 0.47 ? 19 G   A "C1'"  1 
ATOM   598  N N9     . G   A 1 19 ? 7.332   -9.991  -2.105  1.00 0.44 ? 19 G   A N9     1 
ATOM   599  C C8     . G   A 1 19 ? 7.894   -9.260  -1.093  1.00 0.45 ? 19 G   A C8     1 
ATOM   600  N N7     . G   A 1 19 ? 7.251   -9.295  0.037   1.00 0.44 ? 19 G   A N7     1 
ATOM   601  C C5     . G   A 1 19 ? 6.162   -10.117 -0.241  1.00 0.42 ? 19 G   A C5     1 
ATOM   602  C C6     . G   A 1 19 ? 5.098   -10.536 0.603   1.00 0.41 ? 19 G   A C6     1 
ATOM   603  O O6     . G   A 1 19 ? 4.905   -10.266 1.796   1.00 0.41 ? 19 G   A O6     1 
ATOM   604  N N1     . G   A 1 19 ? 4.210   -11.363 -0.071  1.00 0.41 ? 19 G   A N1     1 
ATOM   605  C C2     . G   A 1 19 ? 4.331   -11.749 -1.389  1.00 0.42 ? 19 G   A C2     1 
ATOM   606  N N2     . G   A 1 19 ? 3.373   -12.555 -1.858  1.00 0.43 ? 19 G   A N2     1 
ATOM   607  N N3     . G   A 1 19 ? 5.329   -11.358 -2.186  1.00 0.42 ? 19 G   A N3     1 
ATOM   608  C C4     . G   A 1 19 ? 6.207   -10.551 -1.548  1.00 0.42 ? 19 G   A C4     1 
ATOM   609  H "H5'"  . G   A 1 19 ? 11.367  -8.396  -4.122  1.00 0.57 ? 19 G   A "H5'"  1 
ATOM   610  H "H5''" . G   A 1 19 ? 10.574  -7.085  -5.025  1.00 0.61 ? 19 G   A "H5''" 1 
ATOM   611  H "H4'"  . G   A 1 19 ? 9.518   -9.230  -5.537  1.00 0.55 ? 19 G   A "H4'"  1 
ATOM   612  H "H3'"  . G   A 1 19 ? 7.804   -7.394  -3.849  1.00 0.54 ? 19 G   A "H3'"  1 
ATOM   613  H "H2'"  . G   A 1 19 ? 6.072   -8.971  -4.016  1.00 0.48 ? 19 G   A "H2'"  1 
ATOM   614  H "HO2'" . G   A 1 19 ? 7.220   -10.795 -5.697  1.00 0.92 ? 19 G   A "HO2'" 1 
ATOM   615  H "H1'"  . G   A 1 19 ? 7.684   -11.211 -3.770  1.00 0.45 ? 19 G   A "H1'"  1 
ATOM   616  H H8     . G   A 1 19 ? 8.812   -8.693  -1.224  1.00 0.48 ? 19 G   A H8     1 
ATOM   617  H H1     . G   A 1 19 ? 3.427   -11.695 0.460   1.00 0.41 ? 19 G   A H1     1 
ATOM   618  H H21    . G   A 1 19 ? 2.620   -12.848 -1.252  1.00 0.43 ? 19 G   A H21    1 
ATOM   619  H H22    . G   A 1 19 ? 3.402   -12.871 -2.816  1.00 0.44 ? 19 G   A H22    1 
ATOM   620  P P      . C   A 1 20 ? 6.719   -6.295  -6.135  1.00 0.60 ? 20 C   A P      1 
ATOM   621  O OP1    . C   A 1 20 ? 6.774   -5.877  -7.553  1.00 0.65 ? 20 C   A OP1    1 
ATOM   622  O OP2    . C   A 1 20 ? 6.961   -5.305  -5.061  1.00 0.62 ? 20 C   A OP2    1 
ATOM   623  O "O5'"  . C   A 1 20 ? 5.289   -6.997  -5.872  1.00 0.57 ? 20 C   A "O5'"  1 
ATOM   624  C "C5'"  . C   A 1 20 ? 4.782   -8.035  -6.721  1.00 0.56 ? 20 C   A "C5'"  1 
ATOM   625  C "C4'"  . C   A 1 20 ? 3.452   -8.567  -6.183  1.00 0.55 ? 20 C   A "C4'"  1 
ATOM   626  O "O4'"  . C   A 1 20 ? 3.638   -9.188  -4.915  1.00 0.50 ? 20 C   A "O4'"  1 
ATOM   627  C "C3'"  . C   A 1 20 ? 2.422   -7.494  -5.945  1.00 0.58 ? 20 C   A "C3'"  1 
ATOM   628  O "O3'"  . C   A 1 20 ? 1.746   -7.172  -7.162  1.00 0.64 ? 20 C   A "O3'"  1 
ATOM   629  C "C2'"  . C   A 1 20 ? 1.462   -8.199  -4.977  1.00 0.55 ? 20 C   A "C2'"  1 
ATOM   630  O "O2'"  . C   A 1 20 ? 0.450   -8.935  -5.669  1.00 0.59 ? 20 C   A "O2'"  1 
ATOM   631  C "C1'"  . C   A 1 20 ? 2.399   -9.124  -4.187  1.00 0.50 ? 20 C   A "C1'"  1 
ATOM   632  N N1     . C   A 1 20 ? 2.700   -8.636  -2.827  1.00 0.47 ? 20 C   A N1     1 
ATOM   633  C C2     . C   A 1 20 ? 1.797   -8.922  -1.818  1.00 0.45 ? 20 C   A C2     1 
ATOM   634  O O2     . C   A 1 20 ? 0.796   -9.604  -2.049  1.00 0.48 ? 20 C   A O2     1 
ATOM   635  N N3     . C   A 1 20 ? 2.038   -8.433  -0.571  1.00 0.43 ? 20 C   A N3     1 
ATOM   636  C C4     . C   A 1 20 ? 3.118   -7.684  -0.320  1.00 0.44 ? 20 C   A C4     1 
ATOM   637  N N4     . C   A 1 20 ? 3.317   -7.239  0.927   1.00 0.44 ? 20 C   A N4     1 
ATOM   638  C C5     . C   A 1 20 ? 4.062   -7.385  -1.354  1.00 0.47 ? 20 C   A C5     1 
ATOM   639  C C6     . C   A 1 20 ? 3.815   -7.873  -2.588  1.00 0.47 ? 20 C   A C6     1 
ATOM   640  H "H5'"  . C   A 1 20 ? 5.506   -8.850  -6.759  1.00 0.54 ? 20 C   A "H5'"  1 
ATOM   641  H "H5''" . C   A 1 20 ? 4.634   -7.638  -7.725  1.00 0.60 ? 20 C   A "H5''" 1 
ATOM   642  H "H4'"  . C   A 1 20 ? 3.053   -9.298  -6.887  1.00 0.56 ? 20 C   A "H4'"  1 
ATOM   643  H "H3'"  . C   A 1 20 ? 2.866   -6.608  -5.490  1.00 0.59 ? 20 C   A "H3'"  1 
ATOM   644  H "H2'"  . C   A 1 20 ? 1.007   -7.477  -4.310  1.00 0.56 ? 20 C   A "H2'"  1 
ATOM   645  H "HO2'" . C   A 1 20 ? 0.398   -9.802  -5.261  1.00 1.02 ? 20 C   A "HO2'" 1 
ATOM   646  H "H1'"  . C   A 1 20 ? 1.991   -10.128 -4.120  1.00 0.49 ? 20 C   A "H1'"  1 
ATOM   647  H H41    . C   A 1 20 ? 2.650   -7.453  1.654   1.00 0.43 ? 20 C   A H41    1 
ATOM   648  H H42    . C   A 1 20 ? 4.132   -6.680  1.136   1.00 0.47 ? 20 C   A H42    1 
ATOM   649  H H5     . C   A 1 20 ? 4.886   -6.688  -1.193  1.00 0.50 ? 20 C   A H5     1 
ATOM   650  H H6     . C   A 1 20 ? 4.523   -7.686  -3.392  1.00 0.50 ? 20 C   A H6     1 
ATOM   651  P P      . C   A 1 21 ? 1.234   -5.673  -7.452  1.00 0.67 ? 21 C   A P      1 
ATOM   652  O OP1    . C   A 1 21 ? 0.543   -5.679  -8.760  1.00 0.75 ? 21 C   A OP1    1 
ATOM   653  O OP2    . C   A 1 21 ? 2.361   -4.741  -7.221  1.00 0.70 ? 21 C   A OP2    1 
ATOM   654  O "O5'"  . C   A 1 21 ? 0.126   -5.426  -6.315  1.00 0.59 ? 21 C   A "O5'"  1 
ATOM   655  C "C5'"  . C   A 1 21 ? -1.105  -6.139  -6.254  1.00 0.59 ? 21 C   A "C5'"  1 
ATOM   656  C "C4'"  . C   A 1 21 ? -1.815  -5.790  -4.951  1.00 0.55 ? 21 C   A "C4'"  1 
ATOM   657  O "O4'"  . C   A 1 21 ? -1.076  -6.267  -3.836  1.00 0.50 ? 21 C   A "O4'"  1 
ATOM   658  C "C3'"  . C   A 1 21 ? -1.979  -4.304  -4.721  1.00 0.55 ? 21 C   A "C3'"  1 
ATOM   659  O "O3'"  . C   A 1 21 ? -3.129  -3.813  -5.413  1.00 0.60 ? 21 C   A "O3'"  1 
ATOM   660  C "C2'"  . C   A 1 21 ? -2.186  -4.231  -3.208  1.00 0.55 ? 21 C   A "C2'"  1 
ATOM   661  O "O2'"  . C   A 1 21 ? -3.569  -4.309  -2.854  1.00 0.61 ? 21 C   A "O2'"  1 
ATOM   662  C "C1'"  . C   A 1 21 ? -1.388  -5.446  -2.701  1.00 0.51 ? 21 C   A "C1'"  1 
ATOM   663  N N1     . C   A 1 21 ? -0.114  -5.081  -2.052  1.00 0.50 ? 21 C   A N1     1 
ATOM   664  C C2     . C   A 1 21 ? -0.168  -4.695  -0.727  1.00 0.56 ? 21 C   A C2     1 
ATOM   665  O O2     . C   A 1 21 ? -1.243  -4.692  -0.131  1.00 0.62 ? 21 C   A O2     1 
ATOM   666  N N3     . C   A 1 21 ? 0.986   -4.325  -0.115  1.00 0.61 ? 21 C   A N3     1 
ATOM   667  C C4     . C   A 1 21 ? 2.151   -4.337  -0.777  1.00 0.60 ? 21 C   A C4     1 
ATOM   668  N N4     . C   A 1 21 ? 3.262   -3.967  -0.146  1.00 0.69 ? 21 C   A N4     1 
ATOM   669  C C5     . C   A 1 21 ? 2.216   -4.740  -2.146  1.00 0.55 ? 21 C   A C5     1 
ATOM   670  C C6     . C   A 1 21 ? 1.066   -5.103  -2.747  1.00 0.49 ? 21 C   A C6     1 
ATOM   671  H "H5'"  . C   A 1 21 ? -0.907  -7.210  -6.286  1.00 0.59 ? 21 C   A "H5'"  1 
ATOM   672  H "H5''" . C   A 1 21 ? -1.733  -5.857  -7.098  1.00 0.64 ? 21 C   A "H5''" 1 
ATOM   673  H "H4'"  . C   A 1 21 ? -2.800  -6.256  -4.952  1.00 0.59 ? 21 C   A "H4'"  1 
ATOM   674  H "H3'"  . C   A 1 21 ? -1.085  -3.758  -5.025  1.00 0.56 ? 21 C   A "H3'"  1 
ATOM   675  H "H2'"  . C   A 1 21 ? -1.751  -3.312  -2.819  1.00 0.55 ? 21 C   A "H2'"  1 
ATOM   676  H "HO2'" . C   A 1 21 ? -3.777  -5.232  -2.701  1.00 1.01 ? 21 C   A "HO2'" 1 
ATOM   677  H "H1'"  . C   A 1 21 ? -1.958  -6.066  -2.007  1.00 0.55 ? 21 C   A "H1'"  1 
ATOM   678  H H41    . C   A 1 21 ? 3.223   -3.681  0.821   1.00 0.76 ? 21 C   A H41    1 
ATOM   679  H H42    . C   A 1 21 ? 4.147   -3.974  -0.635  1.00 0.72 ? 21 C   A H42    1 
ATOM   680  H H5     . C   A 1 21 ? 3.166   -4.771  -2.682  1.00 0.59 ? 21 C   A H5     1 
ATOM   681  H H6     . C   A 1 21 ? 1.077   -5.418  -3.789  1.00 0.50 ? 21 C   A H6     1 
ATOM   682  P P      . C   A 1 22 ? -3.180  -2.315  -6.016  1.00 0.62 ? 22 C   A P      1 
ATOM   683  O OP1    . C   A 1 22 ? -4.494  -2.131  -6.670  1.00 0.70 ? 22 C   A OP1    1 
ATOM   684  O OP2    . C   A 1 22 ? -1.939  -2.091  -6.791  1.00 0.68 ? 22 C   A OP2    1 
ATOM   685  O "O5'"  . C   A 1 22 ? -3.146  -1.364  -4.716  1.00 0.58 ? 22 C   A "O5'"  1 
ATOM   686  C "C5'"  . C   A 1 22 ? -4.192  -1.392  -3.749  1.00 0.56 ? 22 C   A "C5'"  1 
ATOM   687  C "C4'"  . C   A 1 22 ? -4.367  -0.047  -3.044  1.00 0.46 ? 22 C   A "C4'"  1 
ATOM   688  O "O4'"  . C   A 1 22 ? -3.199  0.212   -2.246  1.00 0.49 ? 22 C   A "O4'"  1 
ATOM   689  C "C3'"  . C   A 1 22 ? -4.522  1.149   -4.001  1.00 0.42 ? 22 C   A "C3'"  1 
ATOM   690  O "O3'"  . C   A 1 22 ? -5.591  1.962   -3.534  1.00 0.44 ? 22 C   A "O3'"  1 
ATOM   691  C "C2'"  . C   A 1 22 ? -3.242  1.949   -3.838  1.00 0.47 ? 22 C   A "C2'"  1 
ATOM   692  O "O2'"  . C   A 1 22 ? -3.477  3.354   -3.956  1.00 0.55 ? 22 C   A "O2'"  1 
ATOM   693  C "C1'"  . C   A 1 22 ? -2.825  1.578   -2.425  1.00 0.50 ? 22 C   A "C1'"  1 
ATOM   694  N N1     . C   A 1 22 ? -1.374  1.732   -2.135  1.00 0.60 ? 22 C   A N1     1 
ATOM   695  C C2     . C   A 1 22 ? -1.031  2.207   -0.884  1.00 0.71 ? 22 C   A C2     1 
ATOM   696  O O2     . C   A 1 22 ? -1.909  2.464   -0.061  1.00 0.74 ? 22 C   A O2     1 
ATOM   697  N N3     . C   A 1 22 ? 0.283   2.369   -0.595  1.00 0.83 ? 22 C   A N3     1 
ATOM   698  C C4     . C   A 1 22 ? 1.224   2.063   -1.498  1.00 0.84 ? 22 C   A C4     1 
ATOM   699  N N4     . C   A 1 22 ? 2.505   2.220   -1.179  1.00 0.98 ? 22 C   A N4     1 
ATOM   700  C C5     . C   A 1 22 ? 0.874   1.578   -2.796  1.00 0.75 ? 22 C   A C5     1 
ATOM   701  C C6     . C   A 1 22 ? -0.432  1.419   -3.072  1.00 0.63 ? 22 C   A C6     1 
ATOM   702  H "H5'"  . C   A 1 22 ? -3.963  -2.155  -3.005  1.00 0.62 ? 22 C   A "H5'"  1 
ATOM   703  H "H5''" . C   A 1 22 ? -5.127  -1.653  -4.246  1.00 0.62 ? 22 C   A "H5''" 1 
ATOM   704  H "H4'"  . C   A 1 22 ? -5.237  -0.096  -2.390  1.00 0.49 ? 22 C   A "H4'"  1 
ATOM   705  H "H3'"  . C   A 1 22 ? -4.659  0.829   -5.034  1.00 0.47 ? 22 C   A "H3'"  1 
ATOM   706  H "H2'"  . C   A 1 22 ? -2.509  1.627   -4.568  1.00 0.51 ? 22 C   A "H2'"  1 
ATOM   707  H "HO2'" . C   A 1 22 ? -3.198  3.620   -4.834  1.00 0.99 ? 22 C   A "HO2'" 1 
ATOM   708  H "H1'"  . C   A 1 22 ? -3.397  2.196   -1.736  1.00 0.55 ? 22 C   A "H1'"  1 
ATOM   709  H H41    . C   A 1 22 ? 2.760   2.563   -0.263  1.00 1.07 ? 22 C   A H41    1 
ATOM   710  H H42    . C   A 1 22 ? 3.225   1.994   -1.851  1.00 1.00 ? 22 C   A H42    1 
ATOM   711  H H5     . C   A 1 22 ? 1.636   1.381   -3.551  1.00 0.79 ? 22 C   A H5     1 
ATOM   712  H H6     . C   A 1 22 ? -0.719  1.019   -4.041  1.00 0.59 ? 22 C   A H6     1 
ATOM   713  P P      . U   A 1 23 ? -6.480  2.822   -4.551  1.00 0.48 ? 23 U   A P      1 
ATOM   714  O OP1    . U   A 1 23 ? -7.094  1.902   -5.535  1.00 0.63 ? 23 U   A OP1    1 
ATOM   715  O OP2    . U   A 1 23 ? -5.676  3.977   -5.008  1.00 0.48 ? 23 U   A OP2    1 
ATOM   716  O "O5'"  . U   A 1 23 ? -7.619  3.355   -3.555  1.00 0.51 ? 23 U   A "O5'"  1 
ATOM   717  C "C5'"  . U   A 1 23 ? -8.425  2.412   -2.850  1.00 0.52 ? 23 U   A "C5'"  1 
ATOM   718  C "C4'"  . U   A 1 23 ? -8.757  2.906   -1.449  1.00 0.50 ? 23 U   A "C4'"  1 
ATOM   719  O "O4'"  . U   A 1 23 ? -7.564  2.929   -0.643  1.00 0.39 ? 23 U   A "O4'"  1 
ATOM   720  C "C3'"  . U   A 1 23 ? -9.379  4.288   -1.371  1.00 0.60 ? 23 U   A "C3'"  1 
ATOM   721  O "O3'"  . U   A 1 23 ? -10.360 4.287   -0.316  1.00 0.67 ? 23 U   A "O3'"  1 
ATOM   722  C "C2'"  . U   A 1 23 ? -8.206  5.175   -1.000  1.00 0.55 ? 23 U   A "C2'"  1 
ATOM   723  O "O2'"  . U   A 1 23 ? -8.627  6.348   -0.299  1.00 0.64 ? 23 U   A "O2'"  1 
ATOM   724  C "C1'"  . U   A 1 23 ? -7.366  4.248   -0.140  1.00 0.42 ? 23 U   A "C1'"  1 
ATOM   725  N N1     . U   A 1 23 ? -5.916  4.538   -0.180  1.00 0.38 ? 23 U   A N1     1 
ATOM   726  C C2     . U   A 1 23 ? -5.319  4.963   0.993   1.00 0.48 ? 23 U   A C2     1 
ATOM   727  O O2     . U   A 1 23 ? -5.955  5.098   2.035   1.00 0.60 ? 23 U   A O2     1 
ATOM   728  N N3     . U   A 1 23 ? -3.966  5.230   0.928   1.00 0.54 ? 23 U   A N3     1 
ATOM   729  C C4     . U   A 1 23 ? -3.164  5.114   -0.194  1.00 0.46 ? 23 U   A C4     1 
ATOM   730  O O4     . U   A 1 23 ? -1.970  5.389   -0.148  1.00 0.56 ? 23 U   A O4     1 
ATOM   731  C C5     . U   A 1 23 ? -3.863  4.664   -1.368  1.00 0.37 ? 23 U   A C5     1 
ATOM   732  C C6     . U   A 1 23 ? -5.192  4.397   -1.331  1.00 0.36 ? 23 U   A C6     1 
ATOM   733  H "H5'"  . U   A 1 23 ? -7.894  1.462   -2.772  1.00 0.49 ? 23 U   A "H5'"  1 
ATOM   734  H "H5''" . U   A 1 23 ? -9.350  2.257   -3.407  1.00 0.61 ? 23 U   A "H5''" 1 
ATOM   735  H "H4'"  . U   A 1 23 ? -9.448  2.225   -1.007  1.00 0.56 ? 23 U   A "H4'"  1 
ATOM   736  H "H3'"  . U   A 1 23 ? -9.813  4.611   -2.316  1.00 0.68 ? 23 U   A "H3'"  1 
ATOM   737  H "H2'"  . U   A 1 23 ? -7.635  5.426   -1.894  1.00 0.57 ? 23 U   A "H2'"  1 
ATOM   738  H "HO2'" . U   A 1 23 ? -8.197  6.337   0.561   1.00 1.09 ? 23 U   A "HO2'" 1 
ATOM   739  H "H1'"  . U   A 1 23 ? -7.720  4.287   0.890   1.00 0.45 ? 23 U   A "H1'"  1 
ATOM   740  H H3     . U   A 1 23 ? -3.524  5.540   1.779   1.00 0.68 ? 23 U   A H3     1 
ATOM   741  H H5     . U   A 1 23 ? -3.303  4.523   -2.294  1.00 0.42 ? 23 U   A H5     1 
ATOM   742  H H6     . U   A 1 23 ? -5.694  4.062   -2.240  1.00 0.45 ? 23 U   A H6     1 
ATOM   743  P P      . U   A 1 24 ? -11.895 3.920   -0.634  1.00 0.76 ? 24 U   A P      1 
ATOM   744  O OP1    . U   A 1 24 ? -12.245 4.494   -1.953  1.00 0.86 ? 24 U   A OP1    1 
ATOM   745  O OP2    . U   A 1 24 ? -12.716 4.239   0.557   1.00 0.84 ? 24 U   A OP2    1 
ATOM   746  O "O5'"  . U   A 1 24 ? -11.814 2.308   -0.772  1.00 0.70 ? 24 U   A "O5'"  1 
ATOM   747  C "C5'"  . U   A 1 24 ? -11.700 1.445   0.388   1.00 0.66 ? 24 U   A "C5'"  1 
ATOM   748  C "C4'"  . U   A 1 24 ? -10.365 0.699   0.417   1.00 0.55 ? 24 U   A "C4'"  1 
ATOM   749  O "O4'"  . U   A 1 24 ? -9.357  1.576   0.916   1.00 0.46 ? 24 U   A "O4'"  1 
ATOM   750  C "C3'"  . U   A 1 24 ? -10.313 -0.524  1.313   1.00 0.55 ? 24 U   A "C3'"  1 
ATOM   751  O "O3'"  . U   A 1 24 ? -10.567 -1.683  0.510   1.00 0.60 ? 24 U   A "O3'"  1 
ATOM   752  C "C2'"  . U   A 1 24 ? -8.859  -0.562  1.825   1.00 0.51 ? 24 U   A "C2'"  1 
ATOM   753  O "O2'"  . U   A 1 24 ? -8.139  -1.673  1.282   1.00 0.57 ? 24 U   A "O2'"  1 
ATOM   754  C "C1'"  . U   A 1 24 ? -8.268  0.783   1.377   1.00 0.41 ? 24 U   A "C1'"  1 
ATOM   755  N N1     . U   A 1 24 ? -7.585  1.519   2.475   1.00 0.38 ? 24 U   A N1     1 
ATOM   756  C C2     . U   A 1 24 ? -6.204  1.681   2.383   1.00 0.42 ? 24 U   A C2     1 
ATOM   757  O O2     . U   A 1 24 ? -5.564  1.270   1.418   1.00 0.47 ? 24 U   A O2     1 
ATOM   758  N N3     . U   A 1 24 ? -5.588  2.344   3.437   1.00 0.51 ? 24 U   A N3     1 
ATOM   759  C C4     . U   A 1 24 ? -6.212  2.842   4.559   1.00 0.54 ? 24 U   A C4     1 
ATOM   760  O O4     . U   A 1 24 ? -5.565  3.414   5.433   1.00 0.66 ? 24 U   A O4     1 
ATOM   761  C C5     . U   A 1 24 ? -7.637  2.627   4.582   1.00 0.49 ? 24 U   A C5     1 
ATOM   762  C C6     . U   A 1 24 ? -8.276  2.001   3.564   1.00 0.43 ? 24 U   A C6     1 
ATOM   763  H "H5'"  . U   A 1 24 ? -12.510 0.715   0.376   1.00 0.71 ? 24 U   A "H5'"  1 
ATOM   764  H "H5''" . U   A 1 24 ? -11.783 2.052   1.290   1.00 0.68 ? 24 U   A "H5''" 1 
ATOM   765  H "H4'"  . U   A 1 24 ? -10.112 0.392   -0.598  1.00 0.57 ? 24 U   A "H4'"  1 
ATOM   766  H "H3'"  . U   A 1 24 ? -11.024 -0.445  2.136   1.00 0.60 ? 24 U   A "H3'"  1 
ATOM   767  H "H2'"  . U   A 1 24 ? -8.848  -0.541  2.916   1.00 0.60 ? 24 U   A "H2'"  1 
ATOM   768  H "HO2'" . U   A 1 24 ? -7.297  -1.730  1.741   1.00 1.06 ? 24 U   A "HO2'" 1 
ATOM   769  H "H1'"  . U   A 1 24 ? -7.582  0.668   0.537   1.00 0.40 ? 24 U   A "H1'"  1 
ATOM   770  H H3     . U   A 1 24 ? -4.588  2.488   3.377   1.00 0.60 ? 24 U   A H3     1 
ATOM   771  H H5     . U   A 1 24 ? -8.203  2.927   5.464   1.00 0.56 ? 24 U   A H5     1 
ATOM   772  H H6     . U   A 1 24 ? -9.366  2.036   3.571   1.00 0.51 ? 24 U   A H6     1 
ATOM   773  P P      . G   A 1 25 ? -11.671 -2.770  0.934   1.00 0.60 ? 25 G   A P      1 
ATOM   774  O OP1    . G   A 1 25 ? -11.740 -3.792  -0.135  1.00 0.68 ? 25 G   A OP1    1 
ATOM   775  O OP2    . G   A 1 25 ? -12.896 -2.045  1.338   1.00 0.59 ? 25 G   A OP2    1 
ATOM   776  O "O5'"  . G   A 1 25 ? -11.038 -3.455  2.242   1.00 0.57 ? 25 G   A "O5'"  1 
ATOM   777  C "C5'"  . G   A 1 25 ? -11.742 -4.511  2.895   1.00 0.59 ? 25 G   A "C5'"  1 
ATOM   778  C "C4'"  . G   A 1 25 ? -10.974 -5.052  4.092   1.00 0.57 ? 25 G   A "C4'"  1 
ATOM   779  O "O4'"  . G   A 1 25 ? -9.773  -5.715  3.680   1.00 0.57 ? 25 G   A "O4'"  1 
ATOM   780  C "C3'"  . G   A 1 25 ? -10.540 -3.971  5.061   1.00 0.56 ? 25 G   A "C3'"  1 
ATOM   781  O "O3'"  . G   A 1 25 ? -11.616 -3.621  5.936   1.00 0.59 ? 25 G   A "O3'"  1 
ATOM   782  C "C2'"  . G   A 1 25 ? -9.460  -4.713  5.834   1.00 0.54 ? 25 G   A "C2'"  1 
ATOM   783  O "O2'"  . G   A 1 25 ? -10.021 -5.521  6.871   1.00 0.57 ? 25 G   A "O2'"  1 
ATOM   784  C "C1'"  . G   A 1 25 ? -8.817  -5.570  4.736   1.00 0.53 ? 25 G   A "C1'"  1 
ATOM   785  N N9     . G   A 1 25 ? -7.592  -4.987  4.167   1.00 0.51 ? 25 G   A N9     1 
ATOM   786  C C8     . G   A 1 25 ? -7.317  -4.605  2.899   1.00 0.55 ? 25 G   A C8     1 
ATOM   787  N N7     . G   A 1 25 ? -6.116  -4.171  2.696   1.00 0.54 ? 25 G   A N7     1 
ATOM   788  C C5     . G   A 1 25 ? -5.533  -4.261  3.959   1.00 0.50 ? 25 G   A C5     1 
ATOM   789  C C6     . G   A 1 25 ? -4.220  -3.923  4.378   1.00 0.50 ? 25 G   A C6     1 
ATOM   790  O O6     . G   A 1 25 ? -3.279  -3.487  3.702   1.00 0.54 ? 25 G   A O6     1 
ATOM   791  N N1     . G   A 1 25 ? -4.036  -4.171  5.730   1.00 0.47 ? 25 G   A N1     1 
ATOM   792  C C2     . G   A 1 25 ? -4.994  -4.681  6.582   1.00 0.46 ? 25 G   A C2     1 
ATOM   793  N N2     . G   A 1 25 ? -4.636  -4.846  7.854   1.00 0.48 ? 25 G   A N2     1 
ATOM   794  N N3     . G   A 1 25 ? -6.234  -5.005  6.189   1.00 0.46 ? 25 G   A N3     1 
ATOM   795  C C4     . G   A 1 25 ? -6.428  -4.762  4.871   1.00 0.48 ? 25 G   A C4     1 
ATOM   796  H "H5'"  . G   A 1 25 ? -11.909 -5.319  2.185   1.00 0.65 ? 25 G   A "H5'"  1 
ATOM   797  H "H5''" . G   A 1 25 ? -12.706 -4.132  3.233   1.00 0.64 ? 25 G   A "H5''" 1 
ATOM   798  H "H4'"  . G   A 1 25 ? -11.609 -5.767  4.617   1.00 0.60 ? 25 G   A "H4'"  1 
ATOM   799  H "H3'"  . G   A 1 25 ? -10.128 -3.104  4.544   1.00 0.55 ? 25 G   A "H3'"  1 
ATOM   800  H "H2'"  . G   A 1 25 ? -8.725  -4.023  6.251   1.00 0.54 ? 25 G   A "H2'"  1 
ATOM   801  H "HO2'" . G   A 1 25 ? -9.895  -5.053  7.699   1.00 1.06 ? 25 G   A "HO2'" 1 
ATOM   802  H "H1'"  . G   A 1 25 ? -8.558  -6.559  5.114   1.00 0.54 ? 25 G   A "H1'"  1 
ATOM   803  H H8     . G   A 1 25 ? -8.050  -4.690  2.097   1.00 0.59 ? 25 G   A H8     1 
ATOM   804  H H1     . G   A 1 25 ? -3.127  -3.956  6.098   1.00 0.49 ? 25 G   A H1     1 
ATOM   805  H H21    . G   A 1 25 ? -3.703  -4.602  8.151   1.00 0.50 ? 25 G   A H21    1 
ATOM   806  H H22    . G   A 1 25 ? -5.298  -5.220  8.521   1.00 0.49 ? 25 G   A H22    1 
ATOM   807  P P      . G   A 1 26 ? -12.021 -2.074  6.151   1.00 0.58 ? 26 G   A P      1 
ATOM   808  O OP1    . G   A 1 26 ? -13.233 -2.035  6.999   1.00 0.65 ? 26 G   A OP1    1 
ATOM   809  O OP2    . G   A 1 26 ? -12.045 -1.430  4.819   1.00 0.59 ? 26 G   A OP2    1 
ATOM   810  O "O5'"  . G   A 1 26 ? -10.813 -1.419  7.003   1.00 0.53 ? 26 G   A "O5'"  1 
ATOM   811  C "C5'"  . G   A 1 26 ? -10.566 -1.801  8.360   1.00 0.55 ? 26 G   A "C5'"  1 
ATOM   812  C "C4'"  . G   A 1 26 ? -9.433  -0.978  8.983   1.00 0.54 ? 26 G   A "C4'"  1 
ATOM   813  O "O4'"  . G   A 1 26 ? -8.166  -1.344  8.404   1.00 0.49 ? 26 G   A "O4'"  1 
ATOM   814  C "C3'"  . G   A 1 26 ? -9.597  0.537   8.792   1.00 0.56 ? 26 G   A "C3'"  1 
ATOM   815  O "O3'"  . G   A 1 26 ? -9.199  1.243   9.977   1.00 0.63 ? 26 G   A "O3'"  1 
ATOM   816  C "C2'"  . G   A 1 26 ? -8.588  0.850   7.692   1.00 0.52 ? 26 G   A "C2'"  1 
ATOM   817  O "O2'"  . G   A 1 26 ? -8.112  2.196   7.778   1.00 0.57 ? 26 G   A "O2'"  1 
ATOM   818  C "C1'"  . G   A 1 26 ? -7.498  -0.147  7.996   1.00 0.48 ? 26 G   A "C1'"  1 
ATOM   819  N N9     . G   A 1 26 ? -6.606  -0.453  6.863   1.00 0.44 ? 26 G   A N9     1 
ATOM   820  C C8     . G   A 1 26 ? -6.925  -0.824  5.590   1.00 0.43 ? 26 G   A C8     1 
ATOM   821  N N7     . G   A 1 26 ? -5.908  -1.065  4.817   1.00 0.44 ? 26 G   A N7     1 
ATOM   822  C C5     . G   A 1 26 ? -4.815  -0.843  5.652   1.00 0.45 ? 26 G   A C5     1 
ATOM   823  C C6     . G   A 1 26 ? -3.425  -0.932  5.376   1.00 0.48 ? 26 G   A C6     1 
ATOM   824  O O6     . G   A 1 26 ? -2.875  -1.220  4.319   1.00 0.51 ? 26 G   A O6     1 
ATOM   825  N N1     . G   A 1 26 ? -2.663  -0.623  6.495   1.00 0.49 ? 26 G   A N1     1 
ATOM   826  C C2     . G   A 1 26 ? -3.172  -0.242  7.720   1.00 0.49 ? 26 G   A C2     1 
ATOM   827  N N2     . G   A 1 26 ? -2.277  0.047   8.667   1.00 0.53 ? 26 G   A N2     1 
ATOM   828  N N3     . G   A 1 26 ? -4.477  -0.159  7.985   1.00 0.48 ? 26 G   A N3     1 
ATOM   829  C C4     . G   A 1 26 ? -5.236  -0.452  6.904   1.00 0.45 ? 26 G   A C4     1 
ATOM   830  H "H5'"  . G   A 1 26 ? -10.291 -2.856  8.386   1.00 0.56 ? 26 G   A "H5'"  1 
ATOM   831  H "H5''" . G   A 1 26 ? -11.476 -1.656  8.941   1.00 0.60 ? 26 G   A "H5''" 1 
ATOM   832  H "H4'"  . G   A 1 26 ? -9.403  -1.189  10.051  1.00 0.59 ? 26 G   A "H4'"  1 
ATOM   833  H "H3'"  . G   A 1 26 ? -10.611 0.798   8.491   1.00 0.58 ? 26 G   A "H3'"  1 
ATOM   834  H "H2'"  . G   A 1 26 ? -9.020  0.672   6.708   1.00 0.51 ? 26 G   A "H2'"  1 
ATOM   835  H "HO2'" . G   A 1 26 ? -7.225  2.164   8.144   1.00 0.88 ? 26 G   A "HO2'" 1 
ATOM   836  H "H1'"  . G   A 1 26 ? -6.897  0.227   8.827   1.00 0.51 ? 26 G   A "H1'"  1 
ATOM   837  H H8     . G   A 1 26 ? -7.958  -0.910  5.242   1.00 0.44 ? 26 G   A H8     1 
ATOM   838  H H1     . G   A 1 26 ? -1.660  -0.691  6.383   1.00 0.52 ? 26 G   A H1     1 
ATOM   839  H H21    . G   A 1 26 ? -1.289  -0.015  8.465   1.00 0.56 ? 26 G   A H21    1 
ATOM   840  H H22    . G   A 1 26 ? -2.586  0.328   9.587   1.00 0.56 ? 26 G   A H22    1 
ATOM   841  P P      . C   A 1 27 ? -10.101 2.427   10.614  1.00 1.12 ? 27 C   A P      1 
ATOM   842  O OP1    . C   A 1 27 ? -9.182  3.456   11.146  1.00 1.79 ? 27 C   A OP1    1 
ATOM   843  O OP2    . C   A 1 27 ? -11.117 1.820   11.503  1.00 1.68 ? 27 C   A OP2    1 
ATOM   844  O "O5'"  . C   A 1 27 ? -10.851 3.078   9.340   1.00 0.87 ? 27 C   A "O5'"  1 
ATOM   845  C "C5'"  . C   A 1 27 ? -10.110 3.736   8.306   1.00 1.21 ? 27 C   A "C5'"  1 
ATOM   846  C "C4'"  . C   A 1 27 ? -11.032 4.456   7.313   1.00 1.13 ? 27 C   A "C4'"  1 
ATOM   847  O "O4'"  . C   A 1 27 ? -12.392 4.316   7.737   1.00 1.40 ? 27 C   A "O4'"  1 
ATOM   848  C "C3'"  . C   A 1 27 ? -10.757 5.950   7.165   1.00 0.86 ? 27 C   A "C3'"  1 
ATOM   849  O "O3'"  . C   A 1 27 ? -10.024 6.171   5.956   1.00 0.75 ? 27 C   A "O3'"  1 
ATOM   850  C "C2'"  . C   A 1 27 ? -12.124 6.613   7.067   1.00 1.17 ? 27 C   A "C2'"  1 
ATOM   851  O "O2'"  . C   A 1 27 ? -12.426 6.984   5.718   1.00 1.30 ? 27 C   A "O2'"  1 
ATOM   852  C "C1'"  . C   A 1 27 ? -13.094 5.556   7.579   1.00 1.43 ? 27 C   A "C1'"  1 
ATOM   853  N N1     . C   A 1 27 ? -13.725 5.872   8.884   1.00 1.71 ? 27 C   A N1     1 
ATOM   854  C C2     . C   A 1 27 ? -15.041 6.239   8.842   1.00 2.29 ? 27 C   A C2     1 
ATOM   855  O O2     . C   A 1 27 ? -15.623 6.341   7.764   1.00 2.54 ? 27 C   A O2     1 
ATOM   856  N N3     . C   A 1 27 ? -15.659 6.481   9.995   1.00 2.64 ? 27 C   A N3     1 
ATOM   857  C C4     . C   A 1 27 ? -14.979 6.310   11.133  1.00 2.45 ? 27 C   A C4     1 
ATOM   858  N N4     . C   A 1 27 ? -15.626 6.487   12.285  1.00 2.86 ? 27 C   A N4     1 
ATOM   859  C C5     . C   A 1 27 ? -13.585 5.953   11.178  1.00 1.91 ? 27 C   A C5     1 
ATOM   860  C C6     . C   A 1 27 ? -13.006 5.714   10.031  1.00 1.55 ? 27 C   A C6     1 
ATOM   861  H "H5'"  . C   A 1 27 ? -9.528  3.000   7.771   1.00 1.59 ? 27 C   A "H5'"  1 
ATOM   862  H "H5''" . C   A 1 27 ? -9.429  4.452   8.764   1.00 1.74 ? 27 C   A "H5''" 1 
ATOM   863  H "H4'"  . C   A 1 27 ? -10.926 3.988   6.333   1.00 1.37 ? 27 C   A "H4'"  1 
ATOM   864  H "H3'"  . C   A 1 27 ? -10.209 6.334   8.024   1.00 0.84 ? 27 C   A "H3'"  1 
ATOM   865  H "H2'"  . C   A 1 27 ? -12.158 7.494   7.710   1.00 1.35 ? 27 C   A "H2'"  1 
ATOM   866  H "HO2'" . C   A 1 27 ? -12.784 7.874   5.740   1.00 1.63 ? 27 C   A "HO2'" 1 
ATOM   867  H "H1'"  . C   A 1 27 ? -13.879 5.418   6.832   1.00 1.65 ? 27 C   A "H1'"  1 
ATOM   868  H H41    . C   A 1 27 ? -16.605 6.737   12.282  1.00 3.29 ? 27 C   A H41    1 
ATOM   869  H H42    . C   A 1 27 ? -15.138 6.373   13.162  1.00 2.78 ? 27 C   A H42    1 
ATOM   870  H H5     . C   A 1 27 ? -13.042 5.883   12.120  1.00 1.88 ? 27 C   A H5     1 
ATOM   871  H H6     . C   A 1 27 ? -11.965 5.396   9.991   1.00 1.29 ? 27 C   A H6     1 
ATOM   872  P P      . A   A 1 28 ? -9.574  7.655   5.533   1.00 0.77 ? 28 A   A P      1 
ATOM   873  O OP1    . A   A 1 28 ? -10.402 8.620   6.290   1.00 0.95 ? 28 A   A OP1    1 
ATOM   874  O OP2    . A   A 1 28 ? -9.554  7.713   4.055   1.00 1.07 ? 28 A   A OP2    1 
ATOM   875  O "O5'"  . A   A 1 28 ? -8.055  7.787   6.062   1.00 0.72 ? 28 A   A "O5'"  1 
ATOM   876  C "C5'"  . A   A 1 28 ? -7.764  7.770   7.464   1.00 0.66 ? 28 A   A "C5'"  1 
ATOM   877  C "C4'"  . A   A 1 28 ? -6.292  8.057   7.749   1.00 0.61 ? 28 A   A "C4'"  1 
ATOM   878  O "O4'"  . A   A 1 28 ? -5.450  7.018   7.230   1.00 0.59 ? 28 A   A "O4'"  1 
ATOM   879  C "C3'"  . A   A 1 28 ? -5.777  9.325   7.102   1.00 0.59 ? 28 A   A "C3'"  1 
ATOM   880  O "O3'"  . A   A 1 28 ? -6.125  10.482  7.869   1.00 0.63 ? 28 A   A "O3'"  1 
ATOM   881  C "C2'"  . A   A 1 28 ? -4.267  9.106   7.150   1.00 0.57 ? 28 A   A "C2'"  1 
ATOM   882  O "O2'"  . A   A 1 28 ? -3.686  9.568   8.372   1.00 0.62 ? 28 A   A "O2'"  1 
ATOM   883  C "C1'"  . A   A 1 28 ? -4.163  7.597   6.958   1.00 0.56 ? 28 A   A "C1'"  1 
ATOM   884  N N9     . A   A 1 28 ? -3.758  7.244   5.589   1.00 0.55 ? 28 A   A N9     1 
ATOM   885  C C8     . A   A 1 28 ? -4.496  6.751   4.547   1.00 0.57 ? 28 A   A C8     1 
ATOM   886  N N7     . A   A 1 28 ? -3.827  6.540   3.453   1.00 0.61 ? 28 A   A N7     1 
ATOM   887  C C5     . A   A 1 28 ? -2.533  6.924   3.798   1.00 0.62 ? 28 A   A C5     1 
ATOM   888  C C6     . A   A 1 28 ? -1.331  6.941   3.088   1.00 0.70 ? 28 A   A C6     1 
ATOM   889  N N6     . A   A 1 28 ? -1.220  6.558   1.819   1.00 0.78 ? 28 A   A N6     1 
ATOM   890  N N1     . A   A 1 28 ? -0.237  7.381   3.732   1.00 0.74 ? 28 A   A N1     1 
ATOM   891  C C2     . A   A 1 28 ? -0.318  7.770   5.004   1.00 0.70 ? 28 A   A C2     1 
ATOM   892  N N3     . A   A 1 28 ? -1.404  7.794   5.767   1.00 0.62 ? 28 A   A N3     1 
ATOM   893  C C4     . A   A 1 28 ? -2.484  7.345   5.094   1.00 0.58 ? 28 A   A C4     1 
ATOM   894  H "H5'"  . A   A 1 28 ? -8.004  6.788   7.867   1.00 0.70 ? 28 A   A "H5'"  1 
ATOM   895  H "H5''" . A   A 1 28 ? -8.379  8.519   7.961   1.00 0.74 ? 28 A   A "H5''" 1 
ATOM   896  H "H4'"  . A   A 1 28 ? -6.149  8.130   8.828   1.00 0.63 ? 28 A   A "H4'"  1 
ATOM   897  H "H3'"  . A   A 1 28 ? -6.134  9.407   6.075   1.00 0.60 ? 28 A   A "H3'"  1 
ATOM   898  H "H2'"  . A   A 1 28 ? -3.793  9.587   6.310   1.00 0.57 ? 28 A   A "H2'"  1 
ATOM   899  H "HO2'" . A   A 1 28 ? -3.484  8.797   8.908   1.00 0.98 ? 28 A   A "HO2'" 1 
ATOM   900  H "H1'"  . A   A 1 28 ? -3.454  7.103   7.618   1.00 0.60 ? 28 A   A "H1'"  1 
ATOM   901  H H8     . A   A 1 28 ? -5.543  6.459   4.635   1.00 0.59 ? 28 A   A H8     1 
ATOM   902  H H61    . A   A 1 28 ? -0.323  6.594   1.357   1.00 0.86 ? 28 A   A H61    1 
ATOM   903  H H62    . A   A 1 28 ? -2.031  6.236   1.317   1.00 0.78 ? 28 A   A H62    1 
ATOM   904  H H2     . A   A 1 28 ? 0.620   8.071   5.472   1.00 0.76 ? 28 A   A H2     1 
ATOM   905  P P      . G   A 1 29 ? -6.328  11.907  7.126   1.00 0.65 ? 29 G   A P      1 
ATOM   906  O OP1    . G   A 1 29 ? -6.755  12.894  8.142   1.00 0.71 ? 29 G   A OP1    1 
ATOM   907  O OP2    . G   A 1 29 ? -7.147  11.689  5.913   1.00 0.66 ? 29 G   A OP2    1 
ATOM   908  O "O5'"  . G   A 1 29 ? -4.828  12.275  6.666   1.00 0.60 ? 29 G   A "O5'"  1 
ATOM   909  C "C5'"  . G   A 1 29 ? -3.817  12.560  7.628   1.00 0.60 ? 29 G   A "C5'"  1 
ATOM   910  C "C4'"  . G   A 1 29 ? -2.432  12.599  6.985   1.00 0.57 ? 29 G   A "C4'"  1 
ATOM   911  O "O4'"  . G   A 1 29 ? -2.102  11.303  6.501   1.00 0.57 ? 29 G   A "O4'"  1 
ATOM   912  C "C3'"  . G   A 1 29 ? -2.273  13.513  5.783   1.00 0.56 ? 29 G   A "C3'"  1 
ATOM   913  O "O3'"  . G   A 1 29 ? -2.058  14.870  6.189   1.00 0.58 ? 29 G   A "O3'"  1 
ATOM   914  C "C2'"  . G   A 1 29 ? -1.021  12.933  5.133   1.00 0.55 ? 29 G   A "C2'"  1 
ATOM   915  O "O2'"  . G   A 1 29 ? 0.178   13.422  5.741   1.00 0.58 ? 29 G   A "O2'"  1 
ATOM   916  C "C1'"  . G   A 1 29 ? -1.231  11.435  5.365   1.00 0.55 ? 29 G   A "C1'"  1 
ATOM   917  N N9     . G   A 1 29 ? -1.879  10.762  4.220   1.00 0.53 ? 29 G   A N9     1 
ATOM   918  C C8     . G   A 1 29 ? -3.209  10.556  3.963   1.00 0.53 ? 29 G   A C8     1 
ATOM   919  N N7     . G   A 1 29 ? -3.470  9.996   2.819   1.00 0.53 ? 29 G   A N7     1 
ATOM   920  C C5     . G   A 1 29 ? -2.209  9.808   2.262   1.00 0.54 ? 29 G   A C5     1 
ATOM   921  C C6     . G   A 1 29 ? -1.843  9.239   1.012   1.00 0.58 ? 29 G   A C6     1 
ATOM   922  O O6     . G   A 1 29 ? -2.575  8.786   0.132   1.00 0.60 ? 29 G   A O6     1 
ATOM   923  N N1     . G   A 1 29 ? -0.466  9.241   0.839   1.00 0.62 ? 29 G   A N1     1 
ATOM   924  C C2     . G   A 1 29 ? 0.446   9.732   1.749   1.00 0.62 ? 29 G   A C2     1 
ATOM   925  N N2     . G   A 1 29 ? 1.731   9.641   1.406   1.00 0.69 ? 29 G   A N2     1 
ATOM   926  N N3     . G   A 1 29 ? 0.107   10.268  2.924   1.00 0.58 ? 29 G   A N3     1 
ATOM   927  C C4     . G   A 1 29 ? -1.230  10.276  3.111   1.00 0.54 ? 29 G   A C4     1 
ATOM   928  H "H5'"  . G   A 1 29 ? -3.835  11.787  8.396   1.00 0.61 ? 29 G   A "H5'"  1 
ATOM   929  H "H5''" . G   A 1 29 ? -4.021  13.527  8.090   1.00 0.63 ? 29 G   A "H5''" 1 
ATOM   930  H "H4'"  . G   A 1 29 ? -1.706  12.889  7.745   1.00 0.58 ? 29 G   A "H4'"  1 
ATOM   931  H "H3'"  . G   A 1 29 ? -3.127  13.401  5.115   1.00 0.56 ? 29 G   A "H3'"  1 
ATOM   932  H "H2'"  . G   A 1 29 ? -1.020  13.146  4.067   1.00 0.56 ? 29 G   A "H2'"  1 
ATOM   933  H "HO2'" . G   A 1 29 ? 0.552   12.704  6.256   1.00 0.96 ? 29 G   A "HO2'" 1 
ATOM   934  H "H1'"  . G   A 1 29 ? -0.295  10.919  5.580   1.00 0.57 ? 29 G   A "H1'"  1 
ATOM   935  H H8     . G   A 1 29 ? -3.993  10.856  4.654   1.00 0.55 ? 29 G   A H8     1 
ATOM   936  H H1     . G   A 1 29 ? -0.130  8.833   -0.017  1.00 0.67 ? 29 G   A H1     1 
ATOM   937  H H21    . G   A 1 29 ? 1.988   9.235   0.517   1.00 0.74 ? 29 G   A H21    1 
ATOM   938  H H22    . G   A 1 29 ? 2.446   9.980   2.032   1.00 0.71 ? 29 G   A H22    1 
ATOM   939  P P      . C   A 1 30 ? -2.470  16.105  5.233   1.00 0.59 ? 30 C   A P      1 
ATOM   940  O OP1    . C   A 1 30 ? -2.229  17.364  5.973   1.00 0.62 ? 30 C   A OP1    1 
ATOM   941  O OP2    . C   A 1 30 ? -3.808  15.825  4.667   1.00 0.59 ? 30 C   A OP2    1 
ATOM   942  O "O5'"  . C   A 1 30 ? -1.386  16.009  4.042   1.00 0.57 ? 30 C   A "O5'"  1 
ATOM   943  C "C5'"  . C   A 1 30 ? 0.006   16.213  4.300   1.00 0.57 ? 30 C   A "C5'"  1 
ATOM   944  C "C4'"  . C   A 1 30 ? 0.854   16.002  3.046   1.00 0.56 ? 30 C   A "C4'"  1 
ATOM   945  O "O4'"  . C   A 1 30 ? 0.774   14.643  2.615   1.00 0.54 ? 30 C   A "O4'"  1 
ATOM   946  C "C3'"  . C   A 1 30 ? 0.436   16.813  1.835   1.00 0.55 ? 30 C   A "C3'"  1 
ATOM   947  O "O3'"  . C   A 1 30 ? 0.954   18.142  1.910   1.00 0.59 ? 30 C   A "O3'"  1 
ATOM   948  C "C2'"  . C   A 1 30 ? 1.101   16.042  0.704   1.00 0.54 ? 30 C   A "C2'"  1 
ATOM   949  O "O2'"  . C   A 1 30 ? 2.452   16.460  0.493   1.00 0.57 ? 30 C   A "O2'"  1 
ATOM   950  C "C1'"  . C   A 1 30 ? 1.019   14.596  1.195   1.00 0.53 ? 30 C   A "C1'"  1 
ATOM   951  N N1     . C   A 1 30 ? -0.076  13.834  0.558   1.00 0.51 ? 30 C   A N1     1 
ATOM   952  C C2     . C   A 1 30 ? 0.174   13.265  -0.680  1.00 0.50 ? 30 C   A C2     1 
ATOM   953  O O2     . C   A 1 30 ? 1.288   13.360  -1.192  1.00 0.52 ? 30 C   A O2     1 
ATOM   954  N N3     . C   A 1 30 ? -0.843  12.621  -1.316  1.00 0.50 ? 30 C   A N3     1 
ATOM   955  C C4     . C   A 1 30 ? -2.056  12.527  -0.755  1.00 0.50 ? 30 C   A C4     1 
ATOM   956  N N4     . C   A 1 30 ? -3.025  11.879  -1.409  1.00 0.51 ? 30 C   A N4     1 
ATOM   957  C C5     . C   A 1 30 ? -2.321  13.107  0.525   1.00 0.52 ? 30 C   A C5     1 
ATOM   958  C C6     . C   A 1 30 ? -1.307  13.743  1.148   1.00 0.52 ? 30 C   A C6     1 
ATOM   959  H "H5'"  . C   A 1 30 ? 0.329   15.513  5.070   1.00 0.58 ? 30 C   A "H5'"  1 
ATOM   960  H "H5''" . C   A 1 30 ? 0.155   17.231  4.661   1.00 0.60 ? 30 C   A "H5''" 1 
ATOM   961  H "H4'"  . C   A 1 30 ? 1.892   16.236  3.283   1.00 0.58 ? 30 C   A "H4'"  1 
ATOM   962  H "H3'"  . C   A 1 30 ? -0.648  16.821  1.725   1.00 0.55 ? 30 C   A "H3'"  1 
ATOM   963  H "H2'"  . C   A 1 30 ? 0.532   16.157  -0.206  1.00 0.54 ? 30 C   A "H2'"  1 
ATOM   964  H "HO2'" . C   A 1 30 ? 3.020   15.815  0.921   1.00 0.97 ? 30 C   A "HO2'" 1 
ATOM   965  H "H1'"  . C   A 1 30 ? 1.971   14.097  1.007   1.00 0.54 ? 30 C   A "H1'"  1 
ATOM   966  H H41    . C   A 1 30 ? -2.839  11.469  -2.313  1.00 0.51 ? 30 C   A H41    1 
ATOM   967  H H42    . C   A 1 30 ? -3.945  11.802  -0.998  1.00 0.53 ? 30 C   A H42    1 
ATOM   968  H H5     . C   A 1 30 ? -3.320  13.099  0.962   1.00 0.54 ? 30 C   A H5     1 
ATOM   969  H H6     . C   A 1 30 ? -1.474  14.199  2.121   1.00 0.54 ? 30 C   A H6     1 
ATOM   970  P P      . G   A 1 31 ? 0.189   19.363  1.185   1.00 0.59 ? 31 G   A P      1 
ATOM   971  O OP1    . G   A 1 31 ? 0.900   20.617  1.522   1.00 0.63 ? 31 G   A OP1    1 
ATOM   972  O OP2    . G   A 1 31 ? -1.259  19.238  1.462   1.00 0.58 ? 31 G   A OP2    1 
ATOM   973  O "O5'"  . G   A 1 31 ? 0.431   19.053  -0.378  1.00 0.56 ? 31 G   A "O5'"  1 
ATOM   974  C "C5'"  . G   A 1 31 ? 1.743   19.104  -0.933  1.00 0.58 ? 31 G   A "C5'"  1 
ATOM   975  C "C4'"  . G   A 1 31 ? 1.762   18.599  -2.375  1.00 0.57 ? 31 G   A "C4'"  1 
ATOM   976  O "O4'"  . G   A 1 31 ? 1.433   17.208  -2.423  1.00 0.54 ? 31 G   A "O4'"  1 
ATOM   977  C "C3'"  . G   A 1 31 ? 0.771   19.264  -3.319  1.00 0.56 ? 31 G   A "C3'"  1 
ATOM   978  O "O3'"  . G   A 1 31 ? 1.263   20.513  -3.812  1.00 0.59 ? 31 G   A "O3'"  1 
ATOM   979  C "C2'"  . G   A 1 31 ? 0.699   18.252  -4.455  1.00 0.56 ? 31 G   A "C2'"  1 
ATOM   980  O "O2'"  . G   A 1 31 ? 1.705   18.476  -5.446  1.00 0.60 ? 31 G   A "O2'"  1 
ATOM   981  C "C1'"  . G   A 1 31 ? 0.885   16.929  -3.720  1.00 0.54 ? 31 G   A "C1'"  1 
ATOM   982  N N9     . G   A 1 31 ? -0.387  16.196  -3.553  1.00 0.51 ? 31 G   A N9     1 
ATOM   983  C C8     . G   A 1 31 ? -1.188  16.063  -2.450  1.00 0.51 ? 31 G   A C8     1 
ATOM   984  N N7     . G   A 1 31 ? -2.261  15.354  -2.632  1.00 0.50 ? 31 G   A N7     1 
ATOM   985  C C5     . G   A 1 31 ? -2.174  14.981  -3.971  1.00 0.50 ? 31 G   A C5     1 
ATOM   986  C C6     . G   A 1 31 ? -3.053  14.185  -4.756  1.00 0.51 ? 31 G   A C6     1 
ATOM   987  O O6     . G   A 1 31 ? -4.106  13.637  -4.416  1.00 0.52 ? 31 G   A O6     1 
ATOM   988  N N1     . G   A 1 31 ? -2.593  14.051  -6.057  1.00 0.54 ? 31 G   A N1     1 
ATOM   989  C C2     . G   A 1 31 ? -1.420  14.592  -6.541  1.00 0.56 ? 31 G   A C2     1 
ATOM   990  N N2     . G   A 1 31 ? -1.124  14.333  -7.813  1.00 0.62 ? 31 G   A N2     1 
ATOM   991  N N3     . G   A 1 31 ? -0.593  15.343  -5.812  1.00 0.54 ? 31 G   A N3     1 
ATOM   992  C C4     . G   A 1 31 ? -1.022  15.482  -4.536  1.00 0.51 ? 31 G   A C4     1 
ATOM   993  H "H5'"  . G   A 1 31 ? 2.406   18.482  -0.331  1.00 0.59 ? 31 G   A "H5'"  1 
ATOM   994  H "H5''" . G   A 1 31 ? 2.101   20.132  -0.911  1.00 0.61 ? 31 G   A "H5''" 1 
ATOM   995  H "H4'"  . G   A 1 31 ? 2.767   18.735  -2.774  1.00 0.60 ? 31 G   A "H4'"  1 
ATOM   996  H "H3'"  . G   A 1 31 ? -0.199  19.391  -2.840  1.00 0.55 ? 31 G   A "H3'"  1 
ATOM   997  H "H2'"  . G   A 1 31 ? -0.280  18.251  -4.911  1.00 0.56 ? 31 G   A "H2'"  1 
ATOM   998  H "HO2'" . G   A 1 31 ? 2.462   17.931  -5.218  1.00 0.95 ? 31 G   A "HO2'" 1 
ATOM   999  H "H1'"  . G   A 1 31 ? 1.583   16.262  -4.226  1.00 0.56 ? 31 G   A "H1'"  1 
ATOM   1000 H H8     . G   A 1 31 ? -0.890  16.451  -1.485  1.00 0.53 ? 31 G   A H8     1 
ATOM   1001 H H1     . G   A 1 31 ? -3.174  13.516  -6.680  1.00 0.57 ? 31 G   A H1     1 
ATOM   1002 H H21    . G   A 1 31 ? -1.748  13.765  -8.370  1.00 0.64 ? 31 G   A H21    1 
ATOM   1003 H H22    . G   A 1 31 ? -0.280  14.704  -8.223  1.00 0.65 ? 31 G   A H22    1 
ATOM   1004 P P      . U   A 1 32 ? 0.233   21.681  -4.261  1.00 0.60 ? 32 U   A P      1 
ATOM   1005 O OP1    . U   A 1 32 ? 1.029   22.864  -4.656  1.00 0.64 ? 32 U   A OP1    1 
ATOM   1006 O OP2    . U   A 1 32 ? -0.821  21.806  -3.230  1.00 0.60 ? 32 U   A OP2    1 
ATOM   1007 O "O5'"  . U   A 1 32 ? -0.434  21.056  -5.591  1.00 0.57 ? 32 U   A "O5'"  1 
ATOM   1008 C "C5'"  . U   A 1 32 ? 0.349   20.819  -6.758  1.00 0.58 ? 32 U   A "C5'"  1 
ATOM   1009 C "C4'"  . U   A 1 32 ? -0.420  20.014  -7.806  1.00 0.57 ? 32 U   A "C4'"  1 
ATOM   1010 O "O4'"  . U   A 1 32 ? -0.709  18.714  -7.290  1.00 0.57 ? 32 U   A "O4'"  1 
ATOM   1011 C "C3'"  . U   A 1 32 ? -1.776  20.565  -8.213  1.00 0.57 ? 32 U   A "C3'"  1 
ATOM   1012 O "O3'"  . U   A 1 32 ? -1.618  21.606  -9.187  1.00 0.60 ? 32 U   A "O3'"  1 
ATOM   1013 C "C2'"  . U   A 1 32 ? -2.437  19.328  -8.816  1.00 0.57 ? 32 U   A "C2'"  1 
ATOM   1014 O "O2'"  . U   A 1 32 ? -2.102  19.150  -10.195 1.00 0.58 ? 32 U   A "O2'"  1 
ATOM   1015 C "C1'"  . U   A 1 32 ? -1.890  18.204  -7.938  1.00 0.57 ? 32 U   A "C1'"  1 
ATOM   1016 N N1     . U   A 1 32 ? -2.858  17.783  -6.888  1.00 0.57 ? 32 U   A N1     1 
ATOM   1017 C C2     . U   A 1 32 ? -3.821  16.843  -7.229  1.00 0.57 ? 32 U   A C2     1 
ATOM   1018 O O2     . U   A 1 32 ? -3.866  16.318  -8.342  1.00 0.60 ? 32 U   A O2     1 
ATOM   1019 N N3     . U   A 1 32 ? -4.741  16.529  -6.241  1.00 0.58 ? 32 U   A N3     1 
ATOM   1020 C C4     . U   A 1 32 ? -4.790  17.063  -4.971  1.00 0.59 ? 32 U   A C4     1 
ATOM   1021 O O4     . U   A 1 32 ? -5.658  16.703  -4.178  1.00 0.62 ? 32 U   A O4     1 
ATOM   1022 C C5     . U   A 1 32 ? -3.764  18.045  -4.705  1.00 0.58 ? 32 U   A C5     1 
ATOM   1023 C C6     . U   A 1 32 ? -2.838  18.364  -5.646  1.00 0.56 ? 32 U   A C6     1 
ATOM   1024 H "H5'"  . U   A 1 32 ? 1.247   20.273  -6.469  1.00 0.58 ? 32 U   A "H5'"  1 
ATOM   1025 H "H5''" . U   A 1 32 ? 0.642   21.776  -7.192  1.00 0.60 ? 32 U   A "H5''" 1 
ATOM   1026 H "H4'"  . U   A 1 32 ? 0.206   19.913  -8.692  1.00 0.58 ? 32 U   A "H4'"  1 
ATOM   1027 H "H3'"  . U   A 1 32 ? -2.309  20.885  -7.318  1.00 0.58 ? 32 U   A "H3'"  1 
ATOM   1028 H "H2'"  . U   A 1 32 ? -3.509  19.359  -8.695  1.00 0.59 ? 32 U   A "H2'"  1 
ATOM   1029 H "HO2'" . U   A 1 32 ? -1.303  18.617  -10.229 1.00 0.99 ? 32 U   A "HO2'" 1 
ATOM   1030 H "H1'"  . U   A 1 32 ? -1.620  17.345  -8.553  1.00 0.57 ? 32 U   A "H1'"  1 
ATOM   1031 H H3     . U   A 1 32 ? -5.442  15.835  -6.469  1.00 0.59 ? 32 U   A H3     1 
ATOM   1032 H H5     . U   A 1 32 ? -3.827  18.646  -3.796  1.00 0.62 ? 32 U   A H5     1 
ATOM   1033 H H6     . U   A 1 32 ? -2.086  19.112  -5.414  1.00 0.56 ? 32 U   A H6     1 
ATOM   1034 P P      . C   A 1 33 ? -2.740  22.749  -9.402  1.00 0.63 ? 33 C   A P      1 
ATOM   1035 O OP1    . C   A 1 33 ? -2.220  23.744  -10.367 1.00 0.67 ? 33 C   A OP1    1 
ATOM   1036 O OP2    . C   A 1 33 ? -3.218  23.187  -8.072  1.00 0.64 ? 33 C   A OP2    1 
ATOM   1037 O "O5'"  . C   A 1 33 ? -3.924  21.927  -10.118 1.00 0.62 ? 33 C   A "O5'"  1 
ATOM   1038 C "C5'"  . C   A 1 33 ? -3.718  21.353  -11.414 1.00 0.64 ? 33 C   A "C5'"  1 
ATOM   1039 C "C4'"  . C   A 1 33 ? -4.934  20.556  -11.873 1.00 0.64 ? 33 C   A "C4'"  1 
ATOM   1040 O "O4'"  . C   A 1 33 ? -5.136  19.417  -11.049 1.00 0.62 ? 33 C   A "O4'"  1 
ATOM   1041 C "C3'"  . C   A 1 33 ? -6.248  21.325  -11.861 1.00 0.66 ? 33 C   A "C3'"  1 
ATOM   1042 O "O3'"  . C   A 1 33 ? -6.409  22.102  -13.050 1.00 0.74 ? 33 C   A "O3'"  1 
ATOM   1043 C "C2'"  . C   A 1 33 ? -7.289  20.226  -11.735 1.00 0.71 ? 33 C   A "C2'"  1 
ATOM   1044 O "O2'"  . C   A 1 33 ? -7.808  19.855  -13.014 1.00 0.87 ? 33 C   A "O2'"  1 
ATOM   1045 C "C1'"  . C   A 1 33 ? -6.527  19.053  -11.115 1.00 0.63 ? 33 C   A "C1'"  1 
ATOM   1046 N N1     . C   A 1 33 ? -6.976  18.712  -9.754  1.00 0.61 ? 33 C   A N1     1 
ATOM   1047 C C2     . C   A 1 33 ? -8.082  17.880  -9.620  1.00 0.63 ? 33 C   A C2     1 
ATOM   1048 O O2     . C   A 1 33 ? -8.646  17.436  -10.617 1.00 0.66 ? 33 C   A O2     1 
ATOM   1049 N N3     . C   A 1 33 ? -8.503  17.574  -8.368  1.00 0.66 ? 33 C   A N3     1 
ATOM   1050 C C4     . C   A 1 33 ? -7.874  18.063  -7.294  1.00 0.67 ? 33 C   A C4     1 
ATOM   1051 N N4     . C   A 1 33 ? -8.305  17.736  -6.077  1.00 0.74 ? 33 C   A N4     1 
ATOM   1052 C C5     . C   A 1 33 ? -6.741  18.935  -7.432  1.00 0.66 ? 33 C   A C5     1 
ATOM   1053 C C6     . C   A 1 33 ? -6.340  19.226  -8.672  1.00 0.63 ? 33 C   A C6     1 
ATOM   1054 H "H5'"  . C   A 1 33 ? -2.849  20.697  -11.376 1.00 0.63 ? 33 C   A "H5'"  1 
ATOM   1055 H "H5''" . C   A 1 33 ? -3.531  22.151  -12.132 1.00 0.67 ? 33 C   A "H5''" 1 
ATOM   1056 H "H4'"  . C   A 1 33 ? -4.751  20.208  -12.890 1.00 0.67 ? 33 C   A "H4'"  1 
ATOM   1057 H "H3'"  . C   A 1 33 ? -6.322  22.004  -11.013 1.00 0.63 ? 33 C   A "H3'"  1 
ATOM   1058 H "HO3'" . C   A 1 33 ? -5.681  22.728  -13.082 1.00 1.15 ? 33 C   A "HO3'" 1 
ATOM   1059 H "H2'"  . C   A 1 33 ? -8.103  20.539  -11.079 1.00 0.77 ? 33 C   A "H2'"  1 
ATOM   1060 H "HO2'" . C   A 1 33 ? -8.733  19.632  -12.896 1.00 1.30 ? 33 C   A "HO2'" 1 
ATOM   1061 H "H1'"  . C   A 1 33 ? -6.714  18.240  -11.816 1.00 0.65 ? 33 C   A "H1'"  1 
ATOM   1062 H H41    . C   A 1 33 ? -9.100  17.123  -5.972  1.00 0.77 ? 33 C   A H41    1 
ATOM   1063 H H42    . C   A 1 33 ? -7.837  18.101  -5.260  1.00 0.77 ? 33 C   A H42    1 
ATOM   1064 H H5     . C   A 1 33 ? -6.232  19.345  -6.559  1.00 0.71 ? 33 C   A H5     1 
ATOM   1065 H H6     . C   A 1 33 ? -5.444  19.822  -8.798  1.00 0.65 ? 33 C   A H6     1 
HETATM 1066 C C1     . TEP B 2 .  ? 2.459   4.146   6.446   1.00 0.58 ? 34 TEP A C1     1 
HETATM 1067 N N1     . TEP B 2 .  ? 1.268   3.726   5.896   1.00 0.51 ? 34 TEP A N1     1 
HETATM 1068 C C2     . TEP B 2 .  ? 0.148   3.830   6.659   1.00 0.50 ? 34 TEP A C2     1 
HETATM 1069 O O2     . TEP B 2 .  ? 0.306   4.291   7.786   1.00 0.56 ? 34 TEP A O2     1 
HETATM 1070 N N3     . TEP B 2 .  ? -1.105  3.456   6.258   1.00 0.47 ? 34 TEP A N3     1 
HETATM 1071 C C3     . TEP B 2 .  ? -2.224  3.570   7.055   1.00 0.50 ? 34 TEP A C3     1 
HETATM 1072 C C4     . TEP B 2 .  ? -1.132  2.962   4.991   1.00 0.43 ? 34 TEP A C4     1 
HETATM 1073 C C5     . TEP B 2 .  ? -0.001  2.866   4.234   1.00 0.43 ? 34 TEP A C5     1 
HETATM 1074 C C6     . TEP B 2 .  ? 1.293   3.246   4.637   1.00 0.47 ? 34 TEP A C6     1 
HETATM 1075 O O6     . TEP B 2 .  ? 2.347   3.186   4.008   1.00 0.51 ? 34 TEP A O6     1 
HETATM 1076 N N7     . TEP B 2 .  ? -0.403  2.326   3.020   1.00 0.41 ? 34 TEP A N7     1 
HETATM 1077 C C8     . TEP B 2 .  ? -1.741  2.135   3.125   1.00 0.41 ? 34 TEP A C8     1 
HETATM 1078 N N9     . TEP B 2 .  ? -2.233  2.496   4.280   1.00 0.42 ? 34 TEP A N9     1 
HETATM 1079 H H11    . TEP B 2 .  ? 2.518   3.839   7.495   1.00 0.62 ? 34 TEP A H11    1 
HETATM 1080 H H12    . TEP B 2 .  ? 2.521   5.232   6.387   1.00 0.60 ? 34 TEP A H12    1 
HETATM 1081 H H13    . TEP B 2 .  ? 3.302   3.710   5.908   1.00 0.60 ? 34 TEP A H13    1 
HETATM 1082 H H31    . TEP B 2 .  ? -2.197  2.805   7.829   1.00 0.54 ? 34 TEP A H31    1 
HETATM 1083 H H32    . TEP B 2 .  ? -3.124  3.440   6.450   1.00 0.49 ? 34 TEP A H32    1 
HETATM 1084 H H33    . TEP B 2 .  ? -2.240  4.556   7.518   1.00 0.53 ? 34 TEP A H33    1 
HETATM 1085 H HN7    . TEP B 2 .  ? 0.212   2.134   2.243   1.00 0.43 ? 34 TEP A HN7    1 
HETATM 1086 H H8     . TEP B 2 .  ? -2.349  1.712   2.320   1.00 0.43 ? 34 TEP A H8     1 
# 
